data_3RI9
# 
_entry.id   3RI9 
# 
_audit_conform.dict_name       mmcif_pdbx.dic 
_audit_conform.dict_version    5.397 
_audit_conform.dict_location   http://mmcif.pdb.org/dictionaries/ascii/mmcif_pdbx.dic 
# 
loop_
_database_2.database_id 
_database_2.database_code 
_database_2.pdbx_database_accession 
_database_2.pdbx_DOI 
PDB   3RI9         pdb_00003ri9 10.2210/pdb3ri9/pdb 
RCSB  RCSB064963   ?            ?                   
WWPDB D_1000064963 ?            ?                   
# 
loop_
_pdbx_audit_revision_history.ordinal 
_pdbx_audit_revision_history.data_content_type 
_pdbx_audit_revision_history.major_revision 
_pdbx_audit_revision_history.minor_revision 
_pdbx_audit_revision_history.revision_date 
1 'Structure model' 1 0 2011-09-21 
2 'Structure model' 1 1 2011-10-12 
3 'Structure model' 1 2 2023-11-01 
4 'Structure model' 1 3 2024-10-30 
# 
_pdbx_audit_revision_details.ordinal             1 
_pdbx_audit_revision_details.revision_ordinal    1 
_pdbx_audit_revision_details.data_content_type   'Structure model' 
_pdbx_audit_revision_details.provider            repository 
_pdbx_audit_revision_details.type                'Initial release' 
_pdbx_audit_revision_details.description         ? 
_pdbx_audit_revision_details.details             ? 
# 
loop_
_pdbx_audit_revision_group.ordinal 
_pdbx_audit_revision_group.revision_ordinal 
_pdbx_audit_revision_group.data_content_type 
_pdbx_audit_revision_group.group 
1 2 'Structure model' 'Structure summary'      
2 3 'Structure model' 'Data collection'        
3 3 'Structure model' 'Database references'    
4 3 'Structure model' 'Refinement description' 
5 4 'Structure model' 'Structure summary'      
# 
loop_
_pdbx_audit_revision_category.ordinal 
_pdbx_audit_revision_category.revision_ordinal 
_pdbx_audit_revision_category.data_content_type 
_pdbx_audit_revision_category.category 
1 3 'Structure model' chem_comp_atom                
2 3 'Structure model' chem_comp_bond                
3 3 'Structure model' database_2                    
4 3 'Structure model' pdbx_initial_refinement_model 
5 3 'Structure model' struct_ref_seq_dif            
6 4 'Structure model' pdbx_entry_details            
7 4 'Structure model' pdbx_modification_feature     
# 
loop_
_pdbx_audit_revision_item.ordinal 
_pdbx_audit_revision_item.revision_ordinal 
_pdbx_audit_revision_item.data_content_type 
_pdbx_audit_revision_item.item 
1 3 'Structure model' '_database_2.pdbx_DOI'                         
2 3 'Structure model' '_database_2.pdbx_database_accession'          
3 3 'Structure model' '_struct_ref_seq_dif.details'                  
4 4 'Structure model' '_pdbx_entry_details.has_protein_modification' 
# 
_pdbx_database_status.status_code                     REL 
_pdbx_database_status.entry_id                        3RI9 
_pdbx_database_status.recvd_initial_deposition_date   2011-04-13 
_pdbx_database_status.deposit_site                    RCSB 
_pdbx_database_status.process_site                    PDBJ 
_pdbx_database_status.status_code_sf                  REL 
_pdbx_database_status.status_code_mr                  ? 
_pdbx_database_status.SG_entry                        ? 
_pdbx_database_status.status_code_cs                  ? 
_pdbx_database_status.pdb_format_compatible           Y 
_pdbx_database_status.status_code_nmr_data            ? 
_pdbx_database_status.methods_development_category    ? 
# 
loop_
_pdbx_database_related.db_name 
_pdbx_database_related.db_id 
_pdbx_database_related.details 
_pdbx_database_related.content_type 
PDB 1BK1 'Wild type of the same protein.' unspecified 
PDB 3RI8 .                                unspecified 
# 
loop_
_audit_author.name 
_audit_author.pdbx_ordinal 
'Fushinobu, S.' 1 
'Uno, T.'       2 
'Kitaoka, M.'   3 
'Hayashi, K.'   4 
'Matsuzawa, H.' 5 
'Wakagi, T.'    6 
# 
_citation.id                        primary 
_citation.title                     'Mutational analysis of fungal family 11 xylanases on pH optimum determination' 
_citation.journal_abbrev            J.APPL.GLYOSCI. 
_citation.journal_volume            58 
_citation.page_first                107 
_citation.page_last                 114 
_citation.year                      2011 
_citation.journal_id_ASTM           ? 
_citation.country                   JA 
_citation.journal_id_ISSN           1344-7882 
_citation.journal_id_CSD            ? 
_citation.book_publisher            ? 
_citation.pdbx_database_id_PubMed   ? 
_citation.pdbx_database_id_DOI      10.5458/jag.jag.JAG-2011_001 
# 
loop_
_citation_author.citation_id 
_citation_author.name 
_citation_author.ordinal 
_citation_author.identifier_ORCID 
primary 'Fushinobu, S.' 1 ? 
primary 'Uno, T.'       2 ? 
primary 'Kitaoka, M.'   3 ? 
primary 'Hayashi, K.'   4 ? 
primary 'Matsuzawa, H.' 5 ? 
primary 'Wakagi, T.'    6 ? 
# 
loop_
_entity.id 
_entity.type 
_entity.src_method 
_entity.pdbx_description 
_entity.formula_weight 
_entity.pdbx_number_of_molecules 
_entity.pdbx_ec 
_entity.pdbx_mutation 
_entity.pdbx_fragment 
_entity.details 
1 polymer man 'Endo-1,4-beta-xylanase 3' 20064.219 1  3.2.1.8 F131W ? ? 
2 water   nat water                      18.015    69 ?       ?     ? ? 
# 
_entity_name_com.entity_id   1 
_entity_name_com.name        'Xylanase 3, 1,4-beta-D-xylan xylanohydrolase 3, Xylanase C' 
# 
_entity_poly.entity_id                      1 
_entity_poly.type                           'polypeptide(L)' 
_entity_poly.nstd_linkage                   no 
_entity_poly.nstd_monomer                   no 
_entity_poly.pdbx_seq_one_letter_code       
;MSAGINYVQNYNGNLGDFTYDESAGTFSMYWEDGVSSDFVVGLGWTTGSSNAITYSAEYSASGSSSYLAVYGWVNYPQAE
YYIVEDYGDYNPCSSATSLGTVYSDGSTYQVCTDTRTNEPSITGTSTFTQYWSVRESTRTSGTVTVANHFNFWAQHGFGN
SDFNYQVMAVEAWSGAGSASVTISS
;
_entity_poly.pdbx_seq_one_letter_code_can   
;MSAGINYVQNYNGNLGDFTYDESAGTFSMYWEDGVSSDFVVGLGWTTGSSNAITYSAEYSASGSSSYLAVYGWVNYPQAE
YYIVEDYGDYNPCSSATSLGTVYSDGSTYQVCTDTRTNEPSITGTSTFTQYWSVRESTRTSGTVTVANHFNFWAQHGFGN
SDFNYQVMAVEAWSGAGSASVTISS
;
_entity_poly.pdbx_strand_id                 A 
_entity_poly.pdbx_target_identifier         ? 
# 
_pdbx_entity_nonpoly.entity_id   2 
_pdbx_entity_nonpoly.name        water 
_pdbx_entity_nonpoly.comp_id     HOH 
# 
loop_
_entity_poly_seq.entity_id 
_entity_poly_seq.num 
_entity_poly_seq.mon_id 
_entity_poly_seq.hetero 
1 1   MET n 
1 2   SER n 
1 3   ALA n 
1 4   GLY n 
1 5   ILE n 
1 6   ASN n 
1 7   TYR n 
1 8   VAL n 
1 9   GLN n 
1 10  ASN n 
1 11  TYR n 
1 12  ASN n 
1 13  GLY n 
1 14  ASN n 
1 15  LEU n 
1 16  GLY n 
1 17  ASP n 
1 18  PHE n 
1 19  THR n 
1 20  TYR n 
1 21  ASP n 
1 22  GLU n 
1 23  SER n 
1 24  ALA n 
1 25  GLY n 
1 26  THR n 
1 27  PHE n 
1 28  SER n 
1 29  MET n 
1 30  TYR n 
1 31  TRP n 
1 32  GLU n 
1 33  ASP n 
1 34  GLY n 
1 35  VAL n 
1 36  SER n 
1 37  SER n 
1 38  ASP n 
1 39  PHE n 
1 40  VAL n 
1 41  VAL n 
1 42  GLY n 
1 43  LEU n 
1 44  GLY n 
1 45  TRP n 
1 46  THR n 
1 47  THR n 
1 48  GLY n 
1 49  SER n 
1 50  SER n 
1 51  ASN n 
1 52  ALA n 
1 53  ILE n 
1 54  THR n 
1 55  TYR n 
1 56  SER n 
1 57  ALA n 
1 58  GLU n 
1 59  TYR n 
1 60  SER n 
1 61  ALA n 
1 62  SER n 
1 63  GLY n 
1 64  SER n 
1 65  SER n 
1 66  SER n 
1 67  TYR n 
1 68  LEU n 
1 69  ALA n 
1 70  VAL n 
1 71  TYR n 
1 72  GLY n 
1 73  TRP n 
1 74  VAL n 
1 75  ASN n 
1 76  TYR n 
1 77  PRO n 
1 78  GLN n 
1 79  ALA n 
1 80  GLU n 
1 81  TYR n 
1 82  TYR n 
1 83  ILE n 
1 84  VAL n 
1 85  GLU n 
1 86  ASP n 
1 87  TYR n 
1 88  GLY n 
1 89  ASP n 
1 90  TYR n 
1 91  ASN n 
1 92  PRO n 
1 93  CYS n 
1 94  SER n 
1 95  SER n 
1 96  ALA n 
1 97  THR n 
1 98  SER n 
1 99  LEU n 
1 100 GLY n 
1 101 THR n 
1 102 VAL n 
1 103 TYR n 
1 104 SER n 
1 105 ASP n 
1 106 GLY n 
1 107 SER n 
1 108 THR n 
1 109 TYR n 
1 110 GLN n 
1 111 VAL n 
1 112 CYS n 
1 113 THR n 
1 114 ASP n 
1 115 THR n 
1 116 ARG n 
1 117 THR n 
1 118 ASN n 
1 119 GLU n 
1 120 PRO n 
1 121 SER n 
1 122 ILE n 
1 123 THR n 
1 124 GLY n 
1 125 THR n 
1 126 SER n 
1 127 THR n 
1 128 PHE n 
1 129 THR n 
1 130 GLN n 
1 131 TYR n 
1 132 TRP n 
1 133 SER n 
1 134 VAL n 
1 135 ARG n 
1 136 GLU n 
1 137 SER n 
1 138 THR n 
1 139 ARG n 
1 140 THR n 
1 141 SER n 
1 142 GLY n 
1 143 THR n 
1 144 VAL n 
1 145 THR n 
1 146 VAL n 
1 147 ALA n 
1 148 ASN n 
1 149 HIS n 
1 150 PHE n 
1 151 ASN n 
1 152 PHE n 
1 153 TRP n 
1 154 ALA n 
1 155 GLN n 
1 156 HIS n 
1 157 GLY n 
1 158 PHE n 
1 159 GLY n 
1 160 ASN n 
1 161 SER n 
1 162 ASP n 
1 163 PHE n 
1 164 ASN n 
1 165 TYR n 
1 166 GLN n 
1 167 VAL n 
1 168 MET n 
1 169 ALA n 
1 170 VAL n 
1 171 GLU n 
1 172 ALA n 
1 173 TRP n 
1 174 SER n 
1 175 GLY n 
1 176 ALA n 
1 177 GLY n 
1 178 SER n 
1 179 ALA n 
1 180 SER n 
1 181 VAL n 
1 182 THR n 
1 183 ILE n 
1 184 SER n 
1 185 SER n 
# 
_entity_src_gen.entity_id                          1 
_entity_src_gen.pdbx_src_id                        1 
_entity_src_gen.pdbx_alt_source_flag               sample 
_entity_src_gen.pdbx_seq_type                      ? 
_entity_src_gen.pdbx_beg_seq_num                   ? 
_entity_src_gen.pdbx_end_seq_num                   ? 
_entity_src_gen.gene_src_common_name               ? 
_entity_src_gen.gene_src_genus                     ? 
_entity_src_gen.pdbx_gene_src_gene                 xynC 
_entity_src_gen.gene_src_species                   ? 
_entity_src_gen.gene_src_strain                    'IFO 4308' 
_entity_src_gen.gene_src_tissue                    ? 
_entity_src_gen.gene_src_tissue_fraction           ? 
_entity_src_gen.gene_src_details                   'Co-expression with pT-groE' 
_entity_src_gen.pdbx_gene_src_fragment             ? 
_entity_src_gen.pdbx_gene_src_scientific_name      'Aspergillus kawachii' 
_entity_src_gen.pdbx_gene_src_ncbi_taxonomy_id     40384 
_entity_src_gen.pdbx_gene_src_variant              ? 
_entity_src_gen.pdbx_gene_src_cell_line            ? 
_entity_src_gen.pdbx_gene_src_atcc                 ? 
_entity_src_gen.pdbx_gene_src_organ                ? 
_entity_src_gen.pdbx_gene_src_organelle            ? 
_entity_src_gen.pdbx_gene_src_cell                 ? 
_entity_src_gen.pdbx_gene_src_cellular_location    ? 
_entity_src_gen.host_org_common_name               ? 
_entity_src_gen.pdbx_host_org_scientific_name      'Escherichia coli' 
_entity_src_gen.pdbx_host_org_ncbi_taxonomy_id     562 
_entity_src_gen.host_org_genus                     ? 
_entity_src_gen.pdbx_host_org_gene                 ? 
_entity_src_gen.pdbx_host_org_organ                ? 
_entity_src_gen.host_org_species                   ? 
_entity_src_gen.pdbx_host_org_tissue               ? 
_entity_src_gen.pdbx_host_org_tissue_fraction      ? 
_entity_src_gen.pdbx_host_org_strain               'BL21(DE3)' 
_entity_src_gen.pdbx_host_org_variant              ? 
_entity_src_gen.pdbx_host_org_cell_line            ? 
_entity_src_gen.pdbx_host_org_atcc                 ? 
_entity_src_gen.pdbx_host_org_culture_collection   ? 
_entity_src_gen.pdbx_host_org_cell                 ? 
_entity_src_gen.pdbx_host_org_organelle            ? 
_entity_src_gen.pdbx_host_org_cellular_location    ? 
_entity_src_gen.pdbx_host_org_vector_type          PLASMID 
_entity_src_gen.pdbx_host_org_vector               ? 
_entity_src_gen.host_org_details                   ? 
_entity_src_gen.expression_system_id               ? 
_entity_src_gen.plasmid_name                       pET17b 
_entity_src_gen.plasmid_details                    ? 
_entity_src_gen.pdbx_description                   ? 
# 
loop_
_chem_comp.id 
_chem_comp.type 
_chem_comp.mon_nstd_flag 
_chem_comp.name 
_chem_comp.pdbx_synonyms 
_chem_comp.formula 
_chem_comp.formula_weight 
ALA 'L-peptide linking' y ALANINE         ? 'C3 H7 N O2'     89.093  
ARG 'L-peptide linking' y ARGININE        ? 'C6 H15 N4 O2 1' 175.209 
ASN 'L-peptide linking' y ASPARAGINE      ? 'C4 H8 N2 O3'    132.118 
ASP 'L-peptide linking' y 'ASPARTIC ACID' ? 'C4 H7 N O4'     133.103 
CYS 'L-peptide linking' y CYSTEINE        ? 'C3 H7 N O2 S'   121.158 
GLN 'L-peptide linking' y GLUTAMINE       ? 'C5 H10 N2 O3'   146.144 
GLU 'L-peptide linking' y 'GLUTAMIC ACID' ? 'C5 H9 N O4'     147.129 
GLY 'peptide linking'   y GLYCINE         ? 'C2 H5 N O2'     75.067  
HIS 'L-peptide linking' y HISTIDINE       ? 'C6 H10 N3 O2 1' 156.162 
HOH non-polymer         . WATER           ? 'H2 O'           18.015  
ILE 'L-peptide linking' y ISOLEUCINE      ? 'C6 H13 N O2'    131.173 
LEU 'L-peptide linking' y LEUCINE         ? 'C6 H13 N O2'    131.173 
MET 'L-peptide linking' y METHIONINE      ? 'C5 H11 N O2 S'  149.211 
PHE 'L-peptide linking' y PHENYLALANINE   ? 'C9 H11 N O2'    165.189 
PRO 'L-peptide linking' y PROLINE         ? 'C5 H9 N O2'     115.130 
SER 'L-peptide linking' y SERINE          ? 'C3 H7 N O3'     105.093 
THR 'L-peptide linking' y THREONINE       ? 'C4 H9 N O3'     119.119 
TRP 'L-peptide linking' y TRYPTOPHAN      ? 'C11 H12 N2 O2'  204.225 
TYR 'L-peptide linking' y TYROSINE        ? 'C9 H11 N O3'    181.189 
VAL 'L-peptide linking' y VALINE          ? 'C5 H11 N O2'    117.146 
# 
loop_
_pdbx_poly_seq_scheme.asym_id 
_pdbx_poly_seq_scheme.entity_id 
_pdbx_poly_seq_scheme.seq_id 
_pdbx_poly_seq_scheme.mon_id 
_pdbx_poly_seq_scheme.ndb_seq_num 
_pdbx_poly_seq_scheme.pdb_seq_num 
_pdbx_poly_seq_scheme.auth_seq_num 
_pdbx_poly_seq_scheme.pdb_mon_id 
_pdbx_poly_seq_scheme.auth_mon_id 
_pdbx_poly_seq_scheme.pdb_strand_id 
_pdbx_poly_seq_scheme.pdb_ins_code 
_pdbx_poly_seq_scheme.hetero 
A 1 1   MET 1   0   ?   ?   ?   A . n 
A 1 2   SER 2   1   ?   ?   ?   A . n 
A 1 3   ALA 3   2   2   ALA ALA A . n 
A 1 4   GLY 4   3   3   GLY GLY A . n 
A 1 5   ILE 5   4   4   ILE ILE A . n 
A 1 6   ASN 6   5   5   ASN ASN A . n 
A 1 7   TYR 7   6   6   TYR TYR A . n 
A 1 8   VAL 8   7   7   VAL VAL A . n 
A 1 9   GLN 9   8   8   GLN GLN A . n 
A 1 10  ASN 10  9   9   ASN ASN A . n 
A 1 11  TYR 11  10  10  TYR TYR A . n 
A 1 12  ASN 12  11  11  ASN ASN A . n 
A 1 13  GLY 13  12  12  GLY GLY A . n 
A 1 14  ASN 14  13  13  ASN ASN A . n 
A 1 15  LEU 15  14  14  LEU LEU A . n 
A 1 16  GLY 16  15  15  GLY GLY A . n 
A 1 17  ASP 17  16  16  ASP ASP A . n 
A 1 18  PHE 18  17  17  PHE PHE A . n 
A 1 19  THR 19  18  18  THR THR A . n 
A 1 20  TYR 20  19  19  TYR TYR A . n 
A 1 21  ASP 21  20  20  ASP ASP A . n 
A 1 22  GLU 22  21  21  GLU GLU A . n 
A 1 23  SER 23  22  22  SER SER A . n 
A 1 24  ALA 24  23  23  ALA ALA A . n 
A 1 25  GLY 25  24  24  GLY GLY A . n 
A 1 26  THR 26  25  25  THR THR A . n 
A 1 27  PHE 27  26  26  PHE PHE A . n 
A 1 28  SER 28  27  27  SER SER A . n 
A 1 29  MET 29  28  28  MET MET A . n 
A 1 30  TYR 30  29  29  TYR TYR A . n 
A 1 31  TRP 31  30  30  TRP TRP A . n 
A 1 32  GLU 32  31  31  GLU GLU A . n 
A 1 33  ASP 33  32  32  ASP ASP A . n 
A 1 34  GLY 34  33  33  GLY GLY A . n 
A 1 35  VAL 35  34  34  VAL VAL A . n 
A 1 36  SER 36  35  35  SER SER A . n 
A 1 37  SER 37  36  36  SER SER A . n 
A 1 38  ASP 38  37  37  ASP ASP A . n 
A 1 39  PHE 39  38  38  PHE PHE A . n 
A 1 40  VAL 40  39  39  VAL VAL A . n 
A 1 41  VAL 41  40  40  VAL VAL A . n 
A 1 42  GLY 42  41  41  GLY GLY A . n 
A 1 43  LEU 43  42  42  LEU LEU A . n 
A 1 44  GLY 44  43  43  GLY GLY A . n 
A 1 45  TRP 45  44  44  TRP TRP A . n 
A 1 46  THR 46  45  45  THR THR A . n 
A 1 47  THR 47  46  46  THR THR A . n 
A 1 48  GLY 48  47  47  GLY GLY A . n 
A 1 49  SER 49  48  48  SER SER A . n 
A 1 50  SER 50  49  49  SER SER A . n 
A 1 51  ASN 51  50  50  ASN ASN A . n 
A 1 52  ALA 52  51  51  ALA ALA A . n 
A 1 53  ILE 53  52  52  ILE ILE A . n 
A 1 54  THR 54  53  53  THR THR A . n 
A 1 55  TYR 55  54  54  TYR TYR A . n 
A 1 56  SER 56  55  55  SER SER A . n 
A 1 57  ALA 57  56  56  ALA ALA A . n 
A 1 58  GLU 58  57  57  GLU GLU A . n 
A 1 59  TYR 59  58  58  TYR TYR A . n 
A 1 60  SER 60  59  59  SER SER A . n 
A 1 61  ALA 61  60  60  ALA ALA A . n 
A 1 62  SER 62  61  61  SER SER A . n 
A 1 63  GLY 63  62  62  GLY GLY A . n 
A 1 64  SER 64  63  63  SER SER A . n 
A 1 65  SER 65  64  64  SER SER A . n 
A 1 66  SER 66  65  65  SER SER A . n 
A 1 67  TYR 67  66  66  TYR TYR A . n 
A 1 68  LEU 68  67  67  LEU LEU A . n 
A 1 69  ALA 69  68  68  ALA ALA A . n 
A 1 70  VAL 70  69  69  VAL VAL A . n 
A 1 71  TYR 71  70  70  TYR TYR A . n 
A 1 72  GLY 72  71  71  GLY GLY A . n 
A 1 73  TRP 73  72  72  TRP TRP A . n 
A 1 74  VAL 74  73  73  VAL VAL A . n 
A 1 75  ASN 75  74  74  ASN ASN A . n 
A 1 76  TYR 76  75  75  TYR TYR A . n 
A 1 77  PRO 77  76  76  PRO PRO A . n 
A 1 78  GLN 78  77  77  GLN GLN A . n 
A 1 79  ALA 79  78  78  ALA ALA A . n 
A 1 80  GLU 80  79  79  GLU GLU A . n 
A 1 81  TYR 81  80  80  TYR TYR A . n 
A 1 82  TYR 82  81  81  TYR TYR A . n 
A 1 83  ILE 83  82  82  ILE ILE A . n 
A 1 84  VAL 84  83  83  VAL VAL A . n 
A 1 85  GLU 85  84  84  GLU GLU A . n 
A 1 86  ASP 86  85  85  ASP ASP A . n 
A 1 87  TYR 87  86  86  TYR TYR A . n 
A 1 88  GLY 88  87  87  GLY GLY A . n 
A 1 89  ASP 89  88  88  ASP ASP A . n 
A 1 90  TYR 90  89  89  TYR TYR A . n 
A 1 91  ASN 91  90  90  ASN ASN A . n 
A 1 92  PRO 92  91  91  PRO PRO A . n 
A 1 93  CYS 93  92  92  CYS CYS A . n 
A 1 94  SER 94  93  93  SER SER A . n 
A 1 95  SER 95  94  94  SER SER A . n 
A 1 96  ALA 96  95  95  ALA ALA A . n 
A 1 97  THR 97  96  96  THR THR A . n 
A 1 98  SER 98  97  97  SER SER A . n 
A 1 99  LEU 99  98  98  LEU LEU A . n 
A 1 100 GLY 100 99  99  GLY GLY A . n 
A 1 101 THR 101 100 100 THR THR A . n 
A 1 102 VAL 102 101 101 VAL VAL A . n 
A 1 103 TYR 103 102 102 TYR TYR A . n 
A 1 104 SER 104 103 103 SER SER A . n 
A 1 105 ASP 105 104 104 ASP ASP A . n 
A 1 106 GLY 106 105 105 GLY GLY A . n 
A 1 107 SER 107 106 106 SER SER A . n 
A 1 108 THR 108 107 107 THR THR A . n 
A 1 109 TYR 109 108 108 TYR TYR A . n 
A 1 110 GLN 110 109 109 GLN GLN A . n 
A 1 111 VAL 111 110 110 VAL VAL A . n 
A 1 112 CYS 112 111 111 CYS CYS A . n 
A 1 113 THR 113 112 112 THR THR A . n 
A 1 114 ASP 114 113 113 ASP ASP A . n 
A 1 115 THR 115 114 114 THR THR A . n 
A 1 116 ARG 116 115 115 ARG ARG A . n 
A 1 117 THR 117 116 116 THR THR A . n 
A 1 118 ASN 118 117 117 ASN ASN A . n 
A 1 119 GLU 119 118 118 GLU GLU A . n 
A 1 120 PRO 120 119 119 PRO PRO A . n 
A 1 121 SER 121 120 120 SER SER A . n 
A 1 122 ILE 122 121 121 ILE ILE A . n 
A 1 123 THR 123 122 122 THR THR A . n 
A 1 124 GLY 124 123 123 GLY GLY A . n 
A 1 125 THR 125 124 124 THR THR A . n 
A 1 126 SER 126 125 125 SER SER A . n 
A 1 127 THR 127 126 126 THR THR A . n 
A 1 128 PHE 128 127 127 PHE PHE A . n 
A 1 129 THR 129 128 128 THR THR A . n 
A 1 130 GLN 130 129 129 GLN GLN A . n 
A 1 131 TYR 131 130 130 TYR TYR A . n 
A 1 132 TRP 132 131 131 TRP TRP A . n 
A 1 133 SER 133 132 132 SER SER A . n 
A 1 134 VAL 134 133 133 VAL VAL A . n 
A 1 135 ARG 135 134 134 ARG ARG A . n 
A 1 136 GLU 136 135 135 GLU GLU A . n 
A 1 137 SER 137 136 136 SER SER A . n 
A 1 138 THR 138 137 137 THR THR A . n 
A 1 139 ARG 139 138 138 ARG ARG A . n 
A 1 140 THR 140 139 139 THR THR A . n 
A 1 141 SER 141 140 140 SER SER A . n 
A 1 142 GLY 142 141 141 GLY GLY A . n 
A 1 143 THR 143 142 142 THR THR A . n 
A 1 144 VAL 144 143 143 VAL VAL A . n 
A 1 145 THR 145 144 144 THR THR A . n 
A 1 146 VAL 146 145 145 VAL VAL A . n 
A 1 147 ALA 147 146 146 ALA ALA A . n 
A 1 148 ASN 148 147 147 ASN ASN A . n 
A 1 149 HIS 149 148 148 HIS HIS A . n 
A 1 150 PHE 150 149 149 PHE PHE A . n 
A 1 151 ASN 151 150 150 ASN ASN A . n 
A 1 152 PHE 152 151 151 PHE PHE A . n 
A 1 153 TRP 153 152 152 TRP TRP A . n 
A 1 154 ALA 154 153 153 ALA ALA A . n 
A 1 155 GLN 155 154 154 GLN GLN A . n 
A 1 156 HIS 156 155 155 HIS HIS A . n 
A 1 157 GLY 157 156 156 GLY GLY A . n 
A 1 158 PHE 158 157 157 PHE PHE A . n 
A 1 159 GLY 159 158 158 GLY GLY A . n 
A 1 160 ASN 160 159 159 ASN ASN A . n 
A 1 161 SER 161 160 160 SER SER A . n 
A 1 162 ASP 162 161 161 ASP ASP A . n 
A 1 163 PHE 163 162 162 PHE PHE A . n 
A 1 164 ASN 164 163 163 ASN ASN A . n 
A 1 165 TYR 165 164 164 TYR TYR A . n 
A 1 166 GLN 166 165 165 GLN GLN A . n 
A 1 167 VAL 167 166 166 VAL VAL A . n 
A 1 168 MET 168 167 167 MET MET A . n 
A 1 169 ALA 169 168 168 ALA ALA A . n 
A 1 170 VAL 170 169 169 VAL VAL A . n 
A 1 171 GLU 171 170 170 GLU GLU A . n 
A 1 172 ALA 172 171 171 ALA ALA A . n 
A 1 173 TRP 173 172 172 TRP TRP A . n 
A 1 174 SER 174 173 173 SER SER A . n 
A 1 175 GLY 175 174 174 GLY GLY A . n 
A 1 176 ALA 176 175 175 ALA ALA A . n 
A 1 177 GLY 177 176 176 GLY GLY A . n 
A 1 178 SER 178 177 177 SER SER A . n 
A 1 179 ALA 179 178 178 ALA ALA A . n 
A 1 180 SER 180 179 179 SER SER A . n 
A 1 181 VAL 181 180 180 VAL VAL A . n 
A 1 182 THR 182 181 181 THR THR A . n 
A 1 183 ILE 183 182 182 ILE ILE A . n 
A 1 184 SER 184 183 183 SER SER A . n 
A 1 185 SER 185 184 ?   ?   ?   A . n 
# 
loop_
_pdbx_nonpoly_scheme.asym_id 
_pdbx_nonpoly_scheme.entity_id 
_pdbx_nonpoly_scheme.mon_id 
_pdbx_nonpoly_scheme.ndb_seq_num 
_pdbx_nonpoly_scheme.pdb_seq_num 
_pdbx_nonpoly_scheme.auth_seq_num 
_pdbx_nonpoly_scheme.pdb_mon_id 
_pdbx_nonpoly_scheme.auth_mon_id 
_pdbx_nonpoly_scheme.pdb_strand_id 
_pdbx_nonpoly_scheme.pdb_ins_code 
B 2 HOH 1  185 1  HOH HOH A . 
B 2 HOH 2  186 2  HOH HOH A . 
B 2 HOH 3  187 3  HOH HOH A . 
B 2 HOH 4  188 4  HOH HOH A . 
B 2 HOH 5  189 5  HOH HOH A . 
B 2 HOH 6  190 6  HOH HOH A . 
B 2 HOH 7  191 7  HOH HOH A . 
B 2 HOH 8  192 8  HOH HOH A . 
B 2 HOH 9  193 9  HOH HOH A . 
B 2 HOH 10 194 10 HOH HOH A . 
B 2 HOH 11 195 11 HOH HOH A . 
B 2 HOH 12 196 12 HOH HOH A . 
B 2 HOH 13 197 13 HOH HOH A . 
B 2 HOH 14 198 14 HOH HOH A . 
B 2 HOH 15 199 15 HOH HOH A . 
B 2 HOH 16 200 16 HOH HOH A . 
B 2 HOH 17 201 17 HOH HOH A . 
B 2 HOH 18 202 18 HOH HOH A . 
B 2 HOH 19 203 19 HOH HOH A . 
B 2 HOH 20 204 20 HOH HOH A . 
B 2 HOH 21 205 21 HOH HOH A . 
B 2 HOH 22 206 22 HOH HOH A . 
B 2 HOH 23 207 23 HOH HOH A . 
B 2 HOH 24 208 24 HOH HOH A . 
B 2 HOH 25 209 25 HOH HOH A . 
B 2 HOH 26 210 26 HOH HOH A . 
B 2 HOH 27 211 27 HOH HOH A . 
B 2 HOH 28 212 28 HOH HOH A . 
B 2 HOH 29 213 29 HOH HOH A . 
B 2 HOH 30 214 30 HOH HOH A . 
B 2 HOH 31 215 31 HOH HOH A . 
B 2 HOH 32 216 32 HOH HOH A . 
B 2 HOH 33 217 33 HOH HOH A . 
B 2 HOH 34 218 34 HOH HOH A . 
B 2 HOH 35 219 35 HOH HOH A . 
B 2 HOH 36 220 36 HOH HOH A . 
B 2 HOH 37 221 37 HOH HOH A . 
B 2 HOH 38 222 38 HOH HOH A . 
B 2 HOH 39 223 39 HOH HOH A . 
B 2 HOH 40 224 40 HOH HOH A . 
B 2 HOH 41 225 41 HOH HOH A . 
B 2 HOH 42 226 42 HOH HOH A . 
B 2 HOH 43 227 43 HOH HOH A . 
B 2 HOH 44 228 44 HOH HOH A . 
B 2 HOH 45 229 45 HOH HOH A . 
B 2 HOH 46 230 46 HOH HOH A . 
B 2 HOH 47 231 47 HOH HOH A . 
B 2 HOH 48 232 48 HOH HOH A . 
B 2 HOH 49 233 49 HOH HOH A . 
B 2 HOH 50 234 50 HOH HOH A . 
B 2 HOH 51 235 51 HOH HOH A . 
B 2 HOH 52 236 52 HOH HOH A . 
B 2 HOH 53 237 53 HOH HOH A . 
B 2 HOH 54 238 54 HOH HOH A . 
B 2 HOH 55 239 55 HOH HOH A . 
B 2 HOH 56 240 56 HOH HOH A . 
B 2 HOH 57 241 57 HOH HOH A . 
B 2 HOH 58 242 58 HOH HOH A . 
B 2 HOH 59 243 59 HOH HOH A . 
B 2 HOH 60 244 60 HOH HOH A . 
B 2 HOH 61 245 61 HOH HOH A . 
B 2 HOH 62 246 62 HOH HOH A . 
B 2 HOH 63 247 63 HOH HOH A . 
B 2 HOH 64 248 64 HOH HOH A . 
B 2 HOH 65 249 65 HOH HOH A . 
B 2 HOH 66 250 66 HOH HOH A . 
B 2 HOH 67 251 67 HOH HOH A . 
B 2 HOH 68 252 68 HOH HOH A . 
B 2 HOH 69 253 69 HOH HOH A . 
# 
loop_
_software.name 
_software.classification 
_software.version 
_software.citation_id 
_software.pdbx_ordinal 
DPS    'data collection' .        ? 1 
REFMAC refinement        5.5.0110 ? 2 
MOSFLM 'data reduction'  .        ? 3 
SCALA  'data scaling'    .        ? 4 
# 
_cell.entry_id           3RI9 
_cell.length_a           62.159 
_cell.length_b           62.159 
_cell.length_c           113.536 
_cell.angle_alpha        90.00 
_cell.angle_beta         90.00 
_cell.angle_gamma        90.00 
_cell.Z_PDB              8 
_cell.pdbx_unique_axis   ? 
_cell.length_a_esd       ? 
_cell.length_b_esd       ? 
_cell.length_c_esd       ? 
_cell.angle_alpha_esd    ? 
_cell.angle_beta_esd     ? 
_cell.angle_gamma_esd    ? 
# 
_symmetry.entry_id                         3RI9 
_symmetry.space_group_name_H-M             'P 43 21 2' 
_symmetry.pdbx_full_space_group_name_H-M   ? 
_symmetry.cell_setting                     ? 
_symmetry.Int_Tables_number                96 
_symmetry.space_group_name_Hall            ? 
# 
_exptl.entry_id          3RI9 
_exptl.method            'X-RAY DIFFRACTION' 
_exptl.crystals_number   1 
# 
_exptl_crystal.id                    1 
_exptl_crystal.density_meas          ? 
_exptl_crystal.density_Matthews      2.73 
_exptl_crystal.density_percent_sol   54.99 
_exptl_crystal.description           ? 
_exptl_crystal.F_000                 ? 
_exptl_crystal.preparation           ? 
# 
_exptl_crystal_grow.crystal_id      1 
_exptl_crystal_grow.method          'VAPOR DIFFUSION, HANGING DROP' 
_exptl_crystal_grow.temp            298 
_exptl_crystal_grow.temp_details    ? 
_exptl_crystal_grow.pH              7.5 
_exptl_crystal_grow.pdbx_details    '1.5M sodium sulfate, 0.1M HEPES-NaOH, pH 7.5, VAPOR DIFFUSION, HANGING DROP, temperature 298K' 
_exptl_crystal_grow.pdbx_pH_range   . 
# 
_diffrn.id                     1 
_diffrn.ambient_temp           293 
_diffrn.ambient_temp_details   ? 
_diffrn.crystal_id             1 
# 
_diffrn_detector.diffrn_id              1 
_diffrn_detector.detector               CCD 
_diffrn_detector.type                   'ADSC QUANTUM 4' 
_diffrn_detector.pdbx_collection_date   2001-05-26 
_diffrn_detector.details                ? 
# 
_diffrn_radiation.diffrn_id                        1 
_diffrn_radiation.wavelength_id                    1 
_diffrn_radiation.pdbx_monochromatic_or_laue_m_l   M 
_diffrn_radiation.monochromator                    'Si(111)' 
_diffrn_radiation.pdbx_diffrn_protocol             'SINGLE WAVELENGTH' 
_diffrn_radiation.pdbx_scattering_type             x-ray 
# 
_diffrn_radiation_wavelength.id           1 
_diffrn_radiation_wavelength.wavelength   1.0 
_diffrn_radiation_wavelength.wt           1.0 
# 
_diffrn_source.diffrn_id                   1 
_diffrn_source.source                      SYNCHROTRON 
_diffrn_source.type                        'PHOTON FACTORY BEAMLINE BL-18B' 
_diffrn_source.pdbx_synchrotron_site       'Photon Factory' 
_diffrn_source.pdbx_synchrotron_beamline   BL-18B 
_diffrn_source.pdbx_wavelength             ? 
_diffrn_source.pdbx_wavelength_list        1.0 
# 
_reflns.entry_id                     3RI9 
_reflns.observed_criterion_sigma_I   0 
_reflns.observed_criterion_sigma_F   0 
_reflns.d_resolution_low             32.28 
_reflns.d_resolution_high            2.0 
_reflns.number_obs                   15716 
_reflns.number_all                   15718 
_reflns.percent_possible_obs         99.9 
_reflns.pdbx_Rmerge_I_obs            ? 
_reflns.pdbx_Rsym_value              0.043 
_reflns.pdbx_netI_over_sigmaI        9.3 
_reflns.B_iso_Wilson_estimate        ? 
_reflns.pdbx_redundancy              6.4 
_reflns.R_free_details               ? 
_reflns.limit_h_max                  ? 
_reflns.limit_h_min                  ? 
_reflns.limit_k_max                  ? 
_reflns.limit_k_min                  ? 
_reflns.limit_l_max                  ? 
_reflns.limit_l_min                  ? 
_reflns.observed_criterion_F_max     ? 
_reflns.observed_criterion_F_min     ? 
_reflns.pdbx_chi_squared             ? 
_reflns.pdbx_scaling_rejects         ? 
_reflns.pdbx_ordinal                 1 
_reflns.pdbx_diffrn_id               1 
# 
_reflns_shell.d_res_high                  2.00 
_reflns_shell.d_res_low                   2.11 
_reflns_shell.percent_possible_all        99.7 
_reflns_shell.Rmerge_I_obs                ? 
_reflns_shell.pdbx_Rsym_value             0.260 
_reflns_shell.meanI_over_sigI_obs         2.8 
_reflns_shell.pdbx_redundancy             ? 
_reflns_shell.percent_possible_obs        ? 
_reflns_shell.number_unique_all           2229 
_reflns_shell.number_measured_all         ? 
_reflns_shell.number_measured_obs         ? 
_reflns_shell.number_unique_obs           ? 
_reflns_shell.pdbx_chi_squared            ? 
_reflns_shell.pdbx_rejects                ? 
_reflns_shell.pdbx_netI_over_sigmaI_obs   ? 
_reflns_shell.number_possible             ? 
_reflns_shell.Rmerge_F_all                ? 
_reflns_shell.Rmerge_F_obs                ? 
_reflns_shell.Rmerge_I_all                ? 
_reflns_shell.meanI_over_sigI_all         ? 
_reflns_shell.pdbx_Rrim_I_all             ? 
_reflns_shell.pdbx_Rpim_I_all             ? 
_reflns_shell.pdbx_ordinal                1 
_reflns_shell.pdbx_diffrn_id              1 
# 
_refine.entry_id                                 3RI9 
_refine.ls_number_reflns_obs                     14897 
_refine.ls_number_reflns_all                     14897 
_refine.pdbx_ls_sigma_I                          ? 
_refine.pdbx_ls_sigma_F                          ? 
_refine.pdbx_data_cutoff_high_absF               ? 
_refine.pdbx_data_cutoff_low_absF                ? 
_refine.pdbx_data_cutoff_high_rms_absF           ? 
_refine.ls_d_res_low                             29.98 
_refine.ls_d_res_high                            2.00 
_refine.ls_percent_reflns_obs                    100.00 
_refine.ls_R_factor_obs                          0.16602 
_refine.ls_R_factor_all                          0.16602 
_refine.ls_R_factor_R_work                       0.16381 
_refine.ls_R_factor_R_free                       0.21161 
_refine.ls_R_factor_R_free_error                 ? 
_refine.ls_R_factor_R_free_error_details         ? 
_refine.ls_percent_reflns_R_free                 5.0 
_refine.ls_number_reflns_R_free                  783 
_refine.ls_number_parameters                     ? 
_refine.ls_number_restraints                     ? 
_refine.occupancy_min                            ? 
_refine.occupancy_max                            ? 
_refine.correlation_coeff_Fo_to_Fc               0.974 
_refine.correlation_coeff_Fo_to_Fc_free          0.960 
_refine.B_iso_mean                               38.902 
_refine.aniso_B[1][1]                            0.09 
_refine.aniso_B[2][2]                            0.09 
_refine.aniso_B[3][3]                            -0.18 
_refine.aniso_B[1][2]                            0.00 
_refine.aniso_B[1][3]                            0.00 
_refine.aniso_B[2][3]                            0.00 
_refine.solvent_model_details                    'BABINET MODEL WITH MASK' 
_refine.solvent_model_param_ksol                 ? 
_refine.solvent_model_param_bsol                 ? 
_refine.pdbx_solvent_vdw_probe_radii             1.40 
_refine.pdbx_solvent_ion_probe_radii             0.80 
_refine.pdbx_solvent_shrinkage_radii             0.80 
_refine.pdbx_ls_cross_valid_method               THROUGHOUT 
_refine.details                                  'HYDROGENS HAVE BEEN ADDED IN THE RIDING POSITIONS' 
_refine.pdbx_starting_model                      'PDB ENTRY 1BK1' 
_refine.pdbx_method_to_determine_struct          'FOURIER SYNTHESIS' 
_refine.pdbx_isotropic_thermal_model             ? 
_refine.pdbx_stereochemistry_target_values       'MAXIMUM LIKELIHOOD' 
_refine.pdbx_stereochem_target_val_spec_case     ? 
_refine.pdbx_R_Free_selection_details            RANDOM 
_refine.pdbx_overall_ESU_R_Free                  0.135 
_refine.overall_SU_ML                            0.095 
_refine.overall_SU_B                             3.466 
_refine.overall_SU_R_Cruickshank_DPI             ? 
_refine.ls_redundancy_reflns_obs                 ? 
_refine.B_iso_min                                ? 
_refine.B_iso_max                                ? 
_refine.overall_SU_R_free                        ? 
_refine.ls_wR_factor_R_free                      ? 
_refine.ls_wR_factor_R_work                      ? 
_refine.overall_FOM_free_R_set                   ? 
_refine.overall_FOM_work_R_set                   ? 
_refine.pdbx_diffrn_id                           1 
_refine.pdbx_refine_id                           'X-RAY DIFFRACTION' 
_refine.pdbx_overall_phase_error                 ? 
_refine.pdbx_overall_ESU_R                       ? 
_refine.pdbx_TLS_residual_ADP_flag               ? 
_refine.pdbx_overall_SU_R_free_Cruickshank_DPI   ? 
_refine.pdbx_overall_SU_R_Blow_DPI               ? 
_refine.pdbx_overall_SU_R_free_Blow_DPI          ? 
# 
_refine_analyze.entry_id                        3RI9 
_refine_analyze.Luzzati_coordinate_error_obs    0.134 
_refine_analyze.Luzzati_sigma_a_obs             ? 
_refine_analyze.Luzzati_d_res_low_obs           ? 
_refine_analyze.Luzzati_coordinate_error_free   0.135 
_refine_analyze.Luzzati_sigma_a_free            ? 
_refine_analyze.Luzzati_d_res_low_free          ? 
_refine_analyze.number_disordered_residues      ? 
_refine_analyze.occupancy_sum_hydrogen          ? 
_refine_analyze.occupancy_sum_non_hydrogen      ? 
_refine_analyze.pdbx_Luzzati_d_res_high_obs     ? 
_refine_analyze.pdbx_refine_id                  'X-RAY DIFFRACTION' 
# 
_refine_hist.pdbx_refine_id                   'X-RAY DIFFRACTION' 
_refine_hist.cycle_id                         LAST 
_refine_hist.pdbx_number_atoms_protein        1397 
_refine_hist.pdbx_number_atoms_nucleic_acid   0 
_refine_hist.pdbx_number_atoms_ligand         0 
_refine_hist.number_atoms_solvent             69 
_refine_hist.number_atoms_total               1466 
_refine_hist.d_res_high                       2.00 
_refine_hist.d_res_low                        29.98 
# 
loop_
_refine_ls_restr.type 
_refine_ls_restr.dev_ideal 
_refine_ls_restr.dev_ideal_target 
_refine_ls_restr.weight 
_refine_ls_restr.number 
_refine_ls_restr.pdbx_restraint_function 
_refine_ls_restr.pdbx_refine_id 
r_bond_refined_d             0.025  0.021  ? 1439 ? 'X-RAY DIFFRACTION' 
r_bond_other_d               ?      ?      ? ?    ? 'X-RAY DIFFRACTION' 
r_angle_refined_deg          2.070  1.886  ? 1972 ? 'X-RAY DIFFRACTION' 
r_angle_other_deg            ?      ?      ? ?    ? 'X-RAY DIFFRACTION' 
r_dihedral_angle_1_deg       7.733  5.000  ? 181  ? 'X-RAY DIFFRACTION' 
r_dihedral_angle_2_deg       33.834 24.507 ? 71   ? 'X-RAY DIFFRACTION' 
r_dihedral_angle_3_deg       13.568 15.000 ? 179  ? 'X-RAY DIFFRACTION' 
r_dihedral_angle_4_deg       6.304  15.000 ? 3    ? 'X-RAY DIFFRACTION' 
r_chiral_restr               0.165  0.200  ? 207  ? 'X-RAY DIFFRACTION' 
r_gen_planes_refined         0.012  0.020  ? 1155 ? 'X-RAY DIFFRACTION' 
r_gen_planes_other           ?      ?      ? ?    ? 'X-RAY DIFFRACTION' 
r_nbd_refined                ?      ?      ? ?    ? 'X-RAY DIFFRACTION' 
r_nbd_other                  ?      ?      ? ?    ? 'X-RAY DIFFRACTION' 
r_nbtor_refined              ?      ?      ? ?    ? 'X-RAY DIFFRACTION' 
r_nbtor_other                ?      ?      ? ?    ? 'X-RAY DIFFRACTION' 
r_xyhbond_nbd_refined        ?      ?      ? ?    ? 'X-RAY DIFFRACTION' 
r_xyhbond_nbd_other          ?      ?      ? ?    ? 'X-RAY DIFFRACTION' 
r_metal_ion_refined          ?      ?      ? ?    ? 'X-RAY DIFFRACTION' 
r_metal_ion_other            ?      ?      ? ?    ? 'X-RAY DIFFRACTION' 
r_symmetry_vdw_refined       ?      ?      ? ?    ? 'X-RAY DIFFRACTION' 
r_symmetry_vdw_other         ?      ?      ? ?    ? 'X-RAY DIFFRACTION' 
r_symmetry_hbond_refined     ?      ?      ? ?    ? 'X-RAY DIFFRACTION' 
r_symmetry_hbond_other       ?      ?      ? ?    ? 'X-RAY DIFFRACTION' 
r_symmetry_metal_ion_refined ?      ?      ? ?    ? 'X-RAY DIFFRACTION' 
r_symmetry_metal_ion_other   ?      ?      ? ?    ? 'X-RAY DIFFRACTION' 
r_mcbond_it                  1.485  1.500  ? 893  ? 'X-RAY DIFFRACTION' 
r_mcbond_other               ?      ?      ? ?    ? 'X-RAY DIFFRACTION' 
r_mcangle_it                 2.622  2.000  ? 1431 ? 'X-RAY DIFFRACTION' 
r_scbond_it                  3.362  3.000  ? 546  ? 'X-RAY DIFFRACTION' 
r_scangle_it                 5.039  4.500  ? 541  ? 'X-RAY DIFFRACTION' 
r_rigid_bond_restr           ?      ?      ? ?    ? 'X-RAY DIFFRACTION' 
r_sphericity_free            ?      ?      ? ?    ? 'X-RAY DIFFRACTION' 
r_sphericity_bonded          ?      ?      ? ?    ? 'X-RAY DIFFRACTION' 
# 
_refine_ls_shell.pdbx_refine_id                   'X-RAY DIFFRACTION' 
_refine_ls_shell.pdbx_total_number_of_bins_used   20 
_refine_ls_shell.d_res_high                       2.000 
_refine_ls_shell.d_res_low                        2.052 
_refine_ls_shell.number_reflns_R_work             1065 
_refine_ls_shell.R_factor_R_work                  0.235 
_refine_ls_shell.percent_reflns_obs               100.00 
_refine_ls_shell.R_factor_R_free                  0.324 
_refine_ls_shell.R_factor_R_free_error            ? 
_refine_ls_shell.percent_reflns_R_free            ? 
_refine_ls_shell.number_reflns_R_free             54 
_refine_ls_shell.number_reflns_all                ? 
_refine_ls_shell.R_factor_all                     ? 
_refine_ls_shell.number_reflns_obs                ? 
_refine_ls_shell.redundancy_reflns_obs            ? 
# 
_struct.entry_id                  3RI9 
_struct.title                     'Xylanase C from Aspergillus kawachii F131W mutant' 
_struct.pdbx_model_details        ? 
_struct.pdbx_CASP_flag            ? 
_struct.pdbx_model_type_details   ? 
# 
_struct_keywords.entry_id        3RI9 
_struct_keywords.pdbx_keywords   HYDROLASE 
_struct_keywords.text            'beta-jellyroll, Hydrolase, Extracellular' 
# 
loop_
_struct_asym.id 
_struct_asym.pdbx_blank_PDB_chainid_flag 
_struct_asym.pdbx_modified 
_struct_asym.entity_id 
_struct_asym.details 
A N N 1 ? 
B N N 2 ? 
# 
_struct_ref.id                         1 
_struct_ref.db_name                    UNP 
_struct_ref.db_code                    XYN3_ASPKA 
_struct_ref.pdbx_db_accession          P33557 
_struct_ref.entity_id                  1 
_struct_ref.pdbx_seq_one_letter_code   
;SAGINYVQNYNGNLADFTYDESAGTFSMYWEDGVSSDFVVGLGWTTGSSNAISYSAEYSASGSSSYLAVYGWVNYPQAEY
YIVEDYGDYNPCSSATSLGTVYSDGSTYQVCTDTRTNEPSITGTSTFTQYFSVRESTRTSGTVTVANHFNFWAQHGFGNS
DFNYQVMAVEAWSGAGSASVTISS
;
_struct_ref.pdbx_align_begin           28 
_struct_ref.pdbx_db_isoform            ? 
# 
_struct_ref_seq.align_id                      1 
_struct_ref_seq.ref_id                        1 
_struct_ref_seq.pdbx_PDB_id_code              3RI9 
_struct_ref_seq.pdbx_strand_id                A 
_struct_ref_seq.seq_align_beg                 2 
_struct_ref_seq.pdbx_seq_align_beg_ins_code   ? 
_struct_ref_seq.seq_align_end                 185 
_struct_ref_seq.pdbx_seq_align_end_ins_code   ? 
_struct_ref_seq.pdbx_db_accession             P33557 
_struct_ref_seq.db_align_beg                  28 
_struct_ref_seq.pdbx_db_align_beg_ins_code    ? 
_struct_ref_seq.db_align_end                  211 
_struct_ref_seq.pdbx_db_align_end_ins_code    ? 
_struct_ref_seq.pdbx_auth_seq_align_beg       1 
_struct_ref_seq.pdbx_auth_seq_align_end       184 
# 
loop_
_struct_ref_seq_dif.align_id 
_struct_ref_seq_dif.pdbx_pdb_id_code 
_struct_ref_seq_dif.mon_id 
_struct_ref_seq_dif.pdbx_pdb_strand_id 
_struct_ref_seq_dif.seq_num 
_struct_ref_seq_dif.pdbx_pdb_ins_code 
_struct_ref_seq_dif.pdbx_seq_db_name 
_struct_ref_seq_dif.pdbx_seq_db_accession_code 
_struct_ref_seq_dif.db_mon_id 
_struct_ref_seq_dif.pdbx_seq_db_seq_num 
_struct_ref_seq_dif.details 
_struct_ref_seq_dif.pdbx_auth_seq_num 
_struct_ref_seq_dif.pdbx_ordinal 
1 3RI9 MET A 1   ? UNP P33557 ?   ?   'expression tag'      0   1 
1 3RI9 GLY A 16  ? UNP P33557 ALA 42  'SEE REMARK 999'      15  2 
1 3RI9 THR A 54  ? UNP P33557 SER 80  'SEE REMARK 999'      53  3 
1 3RI9 TRP A 132 ? UNP P33557 PHE 158 'engineered mutation' 131 4 
# 
_pdbx_struct_assembly.id                   1 
_pdbx_struct_assembly.details              author_and_software_defined_assembly 
_pdbx_struct_assembly.method_details       PISA 
_pdbx_struct_assembly.oligomeric_details   monomeric 
_pdbx_struct_assembly.oligomeric_count     1 
# 
_pdbx_struct_assembly_gen.assembly_id       1 
_pdbx_struct_assembly_gen.oper_expression   1 
_pdbx_struct_assembly_gen.asym_id_list      A,B 
# 
_pdbx_struct_oper_list.id                   1 
_pdbx_struct_oper_list.type                 'identity operation' 
_pdbx_struct_oper_list.name                 1_555 
_pdbx_struct_oper_list.symmetry_operation   x,y,z 
_pdbx_struct_oper_list.matrix[1][1]         1.0000000000 
_pdbx_struct_oper_list.matrix[1][2]         0.0000000000 
_pdbx_struct_oper_list.matrix[1][3]         0.0000000000 
_pdbx_struct_oper_list.vector[1]            0.0000000000 
_pdbx_struct_oper_list.matrix[2][1]         0.0000000000 
_pdbx_struct_oper_list.matrix[2][2]         1.0000000000 
_pdbx_struct_oper_list.matrix[2][3]         0.0000000000 
_pdbx_struct_oper_list.vector[2]            0.0000000000 
_pdbx_struct_oper_list.matrix[3][1]         0.0000000000 
_pdbx_struct_oper_list.matrix[3][2]         0.0000000000 
_pdbx_struct_oper_list.matrix[3][3]         1.0000000000 
_pdbx_struct_oper_list.vector[3]            0.0000000000 
# 
_struct_biol.id        1 
_struct_biol.details   ? 
# 
loop_
_struct_conf.conf_type_id 
_struct_conf.id 
_struct_conf.pdbx_PDB_helix_id 
_struct_conf.beg_label_comp_id 
_struct_conf.beg_label_asym_id 
_struct_conf.beg_label_seq_id 
_struct_conf.pdbx_beg_PDB_ins_code 
_struct_conf.end_label_comp_id 
_struct_conf.end_label_asym_id 
_struct_conf.end_label_seq_id 
_struct_conf.pdbx_end_PDB_ins_code 
_struct_conf.beg_auth_comp_id 
_struct_conf.beg_auth_asym_id 
_struct_conf.beg_auth_seq_id 
_struct_conf.end_auth_comp_id 
_struct_conf.end_auth_asym_id 
_struct_conf.end_auth_seq_id 
_struct_conf.pdbx_PDB_helix_class 
_struct_conf.details 
_struct_conf.pdbx_PDB_helix_length 
HELX_P HELX_P1 1 ASN A 12  ? GLY A 16  ? ASN A 11  GLY A 15  5 ? 5  
HELX_P HELX_P2 2 ASN A 91  ? ALA A 96  ? ASN A 90  ALA A 95  1 ? 6  
HELX_P HELX_P3 3 THR A 145 ? ALA A 154 ? THR A 144 ALA A 153 1 ? 10 
HELX_P HELX_P4 4 GLN A 155 ? GLY A 157 ? GLN A 154 GLY A 156 5 ? 3  
# 
_struct_conf_type.id          HELX_P 
_struct_conf_type.criteria    ? 
_struct_conf_type.reference   ? 
# 
_struct_conn.id                            disulf1 
_struct_conn.conn_type_id                  disulf 
_struct_conn.pdbx_leaving_atom_flag        ? 
_struct_conn.pdbx_PDB_id                   ? 
_struct_conn.ptnr1_label_asym_id           A 
_struct_conn.ptnr1_label_comp_id           CYS 
_struct_conn.ptnr1_label_seq_id            93 
_struct_conn.ptnr1_label_atom_id           SG 
_struct_conn.pdbx_ptnr1_label_alt_id       ? 
_struct_conn.pdbx_ptnr1_PDB_ins_code       ? 
_struct_conn.pdbx_ptnr1_standard_comp_id   ? 
_struct_conn.ptnr1_symmetry                1_555 
_struct_conn.ptnr2_label_asym_id           A 
_struct_conn.ptnr2_label_comp_id           CYS 
_struct_conn.ptnr2_label_seq_id            112 
_struct_conn.ptnr2_label_atom_id           SG 
_struct_conn.pdbx_ptnr2_label_alt_id       ? 
_struct_conn.pdbx_ptnr2_PDB_ins_code       ? 
_struct_conn.ptnr1_auth_asym_id            A 
_struct_conn.ptnr1_auth_comp_id            CYS 
_struct_conn.ptnr1_auth_seq_id             92 
_struct_conn.ptnr2_auth_asym_id            A 
_struct_conn.ptnr2_auth_comp_id            CYS 
_struct_conn.ptnr2_auth_seq_id             111 
_struct_conn.ptnr2_symmetry                1_555 
_struct_conn.pdbx_ptnr3_label_atom_id      ? 
_struct_conn.pdbx_ptnr3_label_seq_id       ? 
_struct_conn.pdbx_ptnr3_label_comp_id      ? 
_struct_conn.pdbx_ptnr3_label_asym_id      ? 
_struct_conn.pdbx_ptnr3_label_alt_id       ? 
_struct_conn.pdbx_ptnr3_PDB_ins_code       ? 
_struct_conn.details                       ? 
_struct_conn.pdbx_dist_value               1.981 
_struct_conn.pdbx_value_order              ? 
_struct_conn.pdbx_role                     ? 
# 
_struct_conn_type.id          disulf 
_struct_conn_type.criteria    ? 
_struct_conn_type.reference   ? 
# 
_pdbx_modification_feature.ordinal                            1 
_pdbx_modification_feature.label_comp_id                      CYS 
_pdbx_modification_feature.label_asym_id                      A 
_pdbx_modification_feature.label_seq_id                       93 
_pdbx_modification_feature.label_alt_id                       ? 
_pdbx_modification_feature.modified_residue_label_comp_id     CYS 
_pdbx_modification_feature.modified_residue_label_asym_id     A 
_pdbx_modification_feature.modified_residue_label_seq_id      112 
_pdbx_modification_feature.modified_residue_label_alt_id      ? 
_pdbx_modification_feature.auth_comp_id                       CYS 
_pdbx_modification_feature.auth_asym_id                       A 
_pdbx_modification_feature.auth_seq_id                        92 
_pdbx_modification_feature.PDB_ins_code                       ? 
_pdbx_modification_feature.symmetry                           1_555 
_pdbx_modification_feature.modified_residue_auth_comp_id      CYS 
_pdbx_modification_feature.modified_residue_auth_asym_id      A 
_pdbx_modification_feature.modified_residue_auth_seq_id       111 
_pdbx_modification_feature.modified_residue_PDB_ins_code      ? 
_pdbx_modification_feature.modified_residue_symmetry          1_555 
_pdbx_modification_feature.comp_id_linking_atom               SG 
_pdbx_modification_feature.modified_residue_id_linking_atom   SG 
_pdbx_modification_feature.modified_residue_id                . 
_pdbx_modification_feature.ref_pcm_id                         . 
_pdbx_modification_feature.ref_comp_id                        . 
_pdbx_modification_feature.type                               None 
_pdbx_modification_feature.category                           'Disulfide bridge' 
# 
_struct_mon_prot_cis.pdbx_id                1 
_struct_mon_prot_cis.label_comp_id          TYR 
_struct_mon_prot_cis.label_seq_id           76 
_struct_mon_prot_cis.label_asym_id          A 
_struct_mon_prot_cis.label_alt_id           . 
_struct_mon_prot_cis.pdbx_PDB_ins_code      ? 
_struct_mon_prot_cis.auth_comp_id           TYR 
_struct_mon_prot_cis.auth_seq_id            75 
_struct_mon_prot_cis.auth_asym_id           A 
_struct_mon_prot_cis.pdbx_label_comp_id_2   PRO 
_struct_mon_prot_cis.pdbx_label_seq_id_2    77 
_struct_mon_prot_cis.pdbx_label_asym_id_2   A 
_struct_mon_prot_cis.pdbx_PDB_ins_code_2    ? 
_struct_mon_prot_cis.pdbx_auth_comp_id_2    PRO 
_struct_mon_prot_cis.pdbx_auth_seq_id_2     76 
_struct_mon_prot_cis.pdbx_auth_asym_id_2    A 
_struct_mon_prot_cis.pdbx_PDB_model_num     1 
_struct_mon_prot_cis.pdbx_omega_angle       -11.07 
# 
loop_
_struct_sheet.id 
_struct_sheet.type 
_struct_sheet.number_strands 
_struct_sheet.details 
A ? 8 ? 
B ? 5 ? 
# 
loop_
_struct_sheet_order.sheet_id 
_struct_sheet_order.range_id_1 
_struct_sheet_order.range_id_2 
_struct_sheet_order.offset 
_struct_sheet_order.sense 
A 1 2 ? anti-parallel 
A 2 3 ? anti-parallel 
A 3 4 ? anti-parallel 
A 4 5 ? anti-parallel 
A 5 6 ? parallel      
A 6 7 ? anti-parallel 
A 7 8 ? anti-parallel 
B 1 2 ? anti-parallel 
B 2 3 ? anti-parallel 
B 3 4 ? anti-parallel 
B 4 5 ? anti-parallel 
# 
loop_
_struct_sheet_range.sheet_id 
_struct_sheet_range.id 
_struct_sheet_range.beg_label_comp_id 
_struct_sheet_range.beg_label_asym_id 
_struct_sheet_range.beg_label_seq_id 
_struct_sheet_range.pdbx_beg_PDB_ins_code 
_struct_sheet_range.end_label_comp_id 
_struct_sheet_range.end_label_asym_id 
_struct_sheet_range.end_label_seq_id 
_struct_sheet_range.pdbx_end_PDB_ins_code 
_struct_sheet_range.beg_auth_comp_id 
_struct_sheet_range.beg_auth_asym_id 
_struct_sheet_range.beg_auth_seq_id 
_struct_sheet_range.end_auth_comp_id 
_struct_sheet_range.end_auth_asym_id 
_struct_sheet_range.end_auth_seq_id 
A 1 TYR A 7   ? TYR A 11  ? TYR A 6   TYR A 10  
A 2 PHE A 39  ? TRP A 45  ? PHE A 38  TRP A 44  
A 3 PHE A 163 ? ILE A 183 ? PHE A 162 ILE A 182 
A 4 SER A 65  ? VAL A 74  ? SER A 64  VAL A 73  
A 5 ALA A 79  ? TYR A 87  ? ALA A 78  TYR A 86  
A 6 GLY A 124 ? ARG A 135 ? GLY A 123 ARG A 134 
A 7 SER A 107 ? SER A 121 ? SER A 106 SER A 120 
A 8 THR A 97  ? SER A 104 ? THR A 96  SER A 103 
B 1 ASP A 17  ? ASP A 21  ? ASP A 16  ASP A 20  
B 2 THR A 26  ? VAL A 35  ? THR A 25  VAL A 34  
B 3 PHE A 163 ? ILE A 183 ? PHE A 162 ILE A 182 
B 4 ILE A 53  ? SER A 60  ? ILE A 52  SER A 59  
B 5 SER A 141 ? VAL A 144 ? SER A 140 VAL A 143 
# 
loop_
_pdbx_struct_sheet_hbond.sheet_id 
_pdbx_struct_sheet_hbond.range_id_1 
_pdbx_struct_sheet_hbond.range_id_2 
_pdbx_struct_sheet_hbond.range_1_label_atom_id 
_pdbx_struct_sheet_hbond.range_1_label_comp_id 
_pdbx_struct_sheet_hbond.range_1_label_asym_id 
_pdbx_struct_sheet_hbond.range_1_label_seq_id 
_pdbx_struct_sheet_hbond.range_1_PDB_ins_code 
_pdbx_struct_sheet_hbond.range_1_auth_atom_id 
_pdbx_struct_sheet_hbond.range_1_auth_comp_id 
_pdbx_struct_sheet_hbond.range_1_auth_asym_id 
_pdbx_struct_sheet_hbond.range_1_auth_seq_id 
_pdbx_struct_sheet_hbond.range_2_label_atom_id 
_pdbx_struct_sheet_hbond.range_2_label_comp_id 
_pdbx_struct_sheet_hbond.range_2_label_asym_id 
_pdbx_struct_sheet_hbond.range_2_label_seq_id 
_pdbx_struct_sheet_hbond.range_2_PDB_ins_code 
_pdbx_struct_sheet_hbond.range_2_auth_atom_id 
_pdbx_struct_sheet_hbond.range_2_auth_comp_id 
_pdbx_struct_sheet_hbond.range_2_auth_asym_id 
_pdbx_struct_sheet_hbond.range_2_auth_seq_id 
A 1 2 N TYR A 11  ? N TYR A 10  O VAL A 40  ? O VAL A 39  
A 2 3 N VAL A 41  ? N VAL A 40  O VAL A 170 ? O VAL A 169 
A 3 4 O ALA A 169 ? O ALA A 168 N ALA A 69  ? N ALA A 68  
A 4 5 N LEU A 68  ? N LEU A 67  O ASP A 86  ? O ASP A 85  
A 5 6 N VAL A 84  ? N VAL A 83  O SER A 133 ? O SER A 132 
A 6 7 O VAL A 134 ? O VAL A 133 N GLN A 110 ? N GLN A 109 
A 7 8 O VAL A 111 ? O VAL A 110 N LEU A 99  ? N LEU A 98  
B 1 2 N ASP A 21  ? N ASP A 20  O THR A 26  ? O THR A 25  
B 2 3 N PHE A 27  ? N PHE A 26  O VAL A 181 ? O VAL A 180 
B 3 4 O SER A 180 ? O SER A 179 N GLU A 58  ? N GLU A 57  
B 4 5 N ILE A 53  ? N ILE A 52  O VAL A 144 ? O VAL A 143 
# 
_pdbx_entry_details.sequence_details           'SWISSPROT CONTAINS ERRORS AT THESE POSITIONS' 
_pdbx_entry_details.entry_id                   3RI9 
_pdbx_entry_details.nonpolymer_details         ? 
_pdbx_entry_details.compound_details           ? 
_pdbx_entry_details.source_details             ? 
_pdbx_entry_details.has_ligand_of_interest     ? 
_pdbx_entry_details.has_protein_modification   Y 
# 
loop_
_pdbx_validate_torsion.id 
_pdbx_validate_torsion.PDB_model_num 
_pdbx_validate_torsion.auth_comp_id 
_pdbx_validate_torsion.auth_asym_id 
_pdbx_validate_torsion.auth_seq_id 
_pdbx_validate_torsion.PDB_ins_code 
_pdbx_validate_torsion.label_alt_id 
_pdbx_validate_torsion.phi 
_pdbx_validate_torsion.psi 
1 1 ALA A 60  ? ? -150.98 28.59   
2 1 ASN A 163 ? ? -97.56  -144.52 
3 1 SER A 173 ? ? -178.30 143.52  
# 
loop_
_pdbx_unobs_or_zero_occ_residues.id 
_pdbx_unobs_or_zero_occ_residues.PDB_model_num 
_pdbx_unobs_or_zero_occ_residues.polymer_flag 
_pdbx_unobs_or_zero_occ_residues.occupancy_flag 
_pdbx_unobs_or_zero_occ_residues.auth_asym_id 
_pdbx_unobs_or_zero_occ_residues.auth_comp_id 
_pdbx_unobs_or_zero_occ_residues.auth_seq_id 
_pdbx_unobs_or_zero_occ_residues.PDB_ins_code 
_pdbx_unobs_or_zero_occ_residues.label_asym_id 
_pdbx_unobs_or_zero_occ_residues.label_comp_id 
_pdbx_unobs_or_zero_occ_residues.label_seq_id 
1 1 Y 1 A MET 0   ? A MET 1   
2 1 Y 1 A SER 1   ? A SER 2   
3 1 Y 1 A SER 184 ? A SER 185 
# 
loop_
_chem_comp_atom.comp_id 
_chem_comp_atom.atom_id 
_chem_comp_atom.type_symbol 
_chem_comp_atom.pdbx_aromatic_flag 
_chem_comp_atom.pdbx_stereo_config 
_chem_comp_atom.pdbx_ordinal 
ALA N    N N N 1   
ALA CA   C N S 2   
ALA C    C N N 3   
ALA O    O N N 4   
ALA CB   C N N 5   
ALA OXT  O N N 6   
ALA H    H N N 7   
ALA H2   H N N 8   
ALA HA   H N N 9   
ALA HB1  H N N 10  
ALA HB2  H N N 11  
ALA HB3  H N N 12  
ALA HXT  H N N 13  
ARG N    N N N 14  
ARG CA   C N S 15  
ARG C    C N N 16  
ARG O    O N N 17  
ARG CB   C N N 18  
ARG CG   C N N 19  
ARG CD   C N N 20  
ARG NE   N N N 21  
ARG CZ   C N N 22  
ARG NH1  N N N 23  
ARG NH2  N N N 24  
ARG OXT  O N N 25  
ARG H    H N N 26  
ARG H2   H N N 27  
ARG HA   H N N 28  
ARG HB2  H N N 29  
ARG HB3  H N N 30  
ARG HG2  H N N 31  
ARG HG3  H N N 32  
ARG HD2  H N N 33  
ARG HD3  H N N 34  
ARG HE   H N N 35  
ARG HH11 H N N 36  
ARG HH12 H N N 37  
ARG HH21 H N N 38  
ARG HH22 H N N 39  
ARG HXT  H N N 40  
ASN N    N N N 41  
ASN CA   C N S 42  
ASN C    C N N 43  
ASN O    O N N 44  
ASN CB   C N N 45  
ASN CG   C N N 46  
ASN OD1  O N N 47  
ASN ND2  N N N 48  
ASN OXT  O N N 49  
ASN H    H N N 50  
ASN H2   H N N 51  
ASN HA   H N N 52  
ASN HB2  H N N 53  
ASN HB3  H N N 54  
ASN HD21 H N N 55  
ASN HD22 H N N 56  
ASN HXT  H N N 57  
ASP N    N N N 58  
ASP CA   C N S 59  
ASP C    C N N 60  
ASP O    O N N 61  
ASP CB   C N N 62  
ASP CG   C N N 63  
ASP OD1  O N N 64  
ASP OD2  O N N 65  
ASP OXT  O N N 66  
ASP H    H N N 67  
ASP H2   H N N 68  
ASP HA   H N N 69  
ASP HB2  H N N 70  
ASP HB3  H N N 71  
ASP HD2  H N N 72  
ASP HXT  H N N 73  
CYS N    N N N 74  
CYS CA   C N R 75  
CYS C    C N N 76  
CYS O    O N N 77  
CYS CB   C N N 78  
CYS SG   S N N 79  
CYS OXT  O N N 80  
CYS H    H N N 81  
CYS H2   H N N 82  
CYS HA   H N N 83  
CYS HB2  H N N 84  
CYS HB3  H N N 85  
CYS HG   H N N 86  
CYS HXT  H N N 87  
GLN N    N N N 88  
GLN CA   C N S 89  
GLN C    C N N 90  
GLN O    O N N 91  
GLN CB   C N N 92  
GLN CG   C N N 93  
GLN CD   C N N 94  
GLN OE1  O N N 95  
GLN NE2  N N N 96  
GLN OXT  O N N 97  
GLN H    H N N 98  
GLN H2   H N N 99  
GLN HA   H N N 100 
GLN HB2  H N N 101 
GLN HB3  H N N 102 
GLN HG2  H N N 103 
GLN HG3  H N N 104 
GLN HE21 H N N 105 
GLN HE22 H N N 106 
GLN HXT  H N N 107 
GLU N    N N N 108 
GLU CA   C N S 109 
GLU C    C N N 110 
GLU O    O N N 111 
GLU CB   C N N 112 
GLU CG   C N N 113 
GLU CD   C N N 114 
GLU OE1  O N N 115 
GLU OE2  O N N 116 
GLU OXT  O N N 117 
GLU H    H N N 118 
GLU H2   H N N 119 
GLU HA   H N N 120 
GLU HB2  H N N 121 
GLU HB3  H N N 122 
GLU HG2  H N N 123 
GLU HG3  H N N 124 
GLU HE2  H N N 125 
GLU HXT  H N N 126 
GLY N    N N N 127 
GLY CA   C N N 128 
GLY C    C N N 129 
GLY O    O N N 130 
GLY OXT  O N N 131 
GLY H    H N N 132 
GLY H2   H N N 133 
GLY HA2  H N N 134 
GLY HA3  H N N 135 
GLY HXT  H N N 136 
HIS N    N N N 137 
HIS CA   C N S 138 
HIS C    C N N 139 
HIS O    O N N 140 
HIS CB   C N N 141 
HIS CG   C Y N 142 
HIS ND1  N Y N 143 
HIS CD2  C Y N 144 
HIS CE1  C Y N 145 
HIS NE2  N Y N 146 
HIS OXT  O N N 147 
HIS H    H N N 148 
HIS H2   H N N 149 
HIS HA   H N N 150 
HIS HB2  H N N 151 
HIS HB3  H N N 152 
HIS HD1  H N N 153 
HIS HD2  H N N 154 
HIS HE1  H N N 155 
HIS HE2  H N N 156 
HIS HXT  H N N 157 
HOH O    O N N 158 
HOH H1   H N N 159 
HOH H2   H N N 160 
ILE N    N N N 161 
ILE CA   C N S 162 
ILE C    C N N 163 
ILE O    O N N 164 
ILE CB   C N S 165 
ILE CG1  C N N 166 
ILE CG2  C N N 167 
ILE CD1  C N N 168 
ILE OXT  O N N 169 
ILE H    H N N 170 
ILE H2   H N N 171 
ILE HA   H N N 172 
ILE HB   H N N 173 
ILE HG12 H N N 174 
ILE HG13 H N N 175 
ILE HG21 H N N 176 
ILE HG22 H N N 177 
ILE HG23 H N N 178 
ILE HD11 H N N 179 
ILE HD12 H N N 180 
ILE HD13 H N N 181 
ILE HXT  H N N 182 
LEU N    N N N 183 
LEU CA   C N S 184 
LEU C    C N N 185 
LEU O    O N N 186 
LEU CB   C N N 187 
LEU CG   C N N 188 
LEU CD1  C N N 189 
LEU CD2  C N N 190 
LEU OXT  O N N 191 
LEU H    H N N 192 
LEU H2   H N N 193 
LEU HA   H N N 194 
LEU HB2  H N N 195 
LEU HB3  H N N 196 
LEU HG   H N N 197 
LEU HD11 H N N 198 
LEU HD12 H N N 199 
LEU HD13 H N N 200 
LEU HD21 H N N 201 
LEU HD22 H N N 202 
LEU HD23 H N N 203 
LEU HXT  H N N 204 
MET N    N N N 205 
MET CA   C N S 206 
MET C    C N N 207 
MET O    O N N 208 
MET CB   C N N 209 
MET CG   C N N 210 
MET SD   S N N 211 
MET CE   C N N 212 
MET OXT  O N N 213 
MET H    H N N 214 
MET H2   H N N 215 
MET HA   H N N 216 
MET HB2  H N N 217 
MET HB3  H N N 218 
MET HG2  H N N 219 
MET HG3  H N N 220 
MET HE1  H N N 221 
MET HE2  H N N 222 
MET HE3  H N N 223 
MET HXT  H N N 224 
PHE N    N N N 225 
PHE CA   C N S 226 
PHE C    C N N 227 
PHE O    O N N 228 
PHE CB   C N N 229 
PHE CG   C Y N 230 
PHE CD1  C Y N 231 
PHE CD2  C Y N 232 
PHE CE1  C Y N 233 
PHE CE2  C Y N 234 
PHE CZ   C Y N 235 
PHE OXT  O N N 236 
PHE H    H N N 237 
PHE H2   H N N 238 
PHE HA   H N N 239 
PHE HB2  H N N 240 
PHE HB3  H N N 241 
PHE HD1  H N N 242 
PHE HD2  H N N 243 
PHE HE1  H N N 244 
PHE HE2  H N N 245 
PHE HZ   H N N 246 
PHE HXT  H N N 247 
PRO N    N N N 248 
PRO CA   C N S 249 
PRO C    C N N 250 
PRO O    O N N 251 
PRO CB   C N N 252 
PRO CG   C N N 253 
PRO CD   C N N 254 
PRO OXT  O N N 255 
PRO H    H N N 256 
PRO HA   H N N 257 
PRO HB2  H N N 258 
PRO HB3  H N N 259 
PRO HG2  H N N 260 
PRO HG3  H N N 261 
PRO HD2  H N N 262 
PRO HD3  H N N 263 
PRO HXT  H N N 264 
SER N    N N N 265 
SER CA   C N S 266 
SER C    C N N 267 
SER O    O N N 268 
SER CB   C N N 269 
SER OG   O N N 270 
SER OXT  O N N 271 
SER H    H N N 272 
SER H2   H N N 273 
SER HA   H N N 274 
SER HB2  H N N 275 
SER HB3  H N N 276 
SER HG   H N N 277 
SER HXT  H N N 278 
THR N    N N N 279 
THR CA   C N S 280 
THR C    C N N 281 
THR O    O N N 282 
THR CB   C N R 283 
THR OG1  O N N 284 
THR CG2  C N N 285 
THR OXT  O N N 286 
THR H    H N N 287 
THR H2   H N N 288 
THR HA   H N N 289 
THR HB   H N N 290 
THR HG1  H N N 291 
THR HG21 H N N 292 
THR HG22 H N N 293 
THR HG23 H N N 294 
THR HXT  H N N 295 
TRP N    N N N 296 
TRP CA   C N S 297 
TRP C    C N N 298 
TRP O    O N N 299 
TRP CB   C N N 300 
TRP CG   C Y N 301 
TRP CD1  C Y N 302 
TRP CD2  C Y N 303 
TRP NE1  N Y N 304 
TRP CE2  C Y N 305 
TRP CE3  C Y N 306 
TRP CZ2  C Y N 307 
TRP CZ3  C Y N 308 
TRP CH2  C Y N 309 
TRP OXT  O N N 310 
TRP H    H N N 311 
TRP H2   H N N 312 
TRP HA   H N N 313 
TRP HB2  H N N 314 
TRP HB3  H N N 315 
TRP HD1  H N N 316 
TRP HE1  H N N 317 
TRP HE3  H N N 318 
TRP HZ2  H N N 319 
TRP HZ3  H N N 320 
TRP HH2  H N N 321 
TRP HXT  H N N 322 
TYR N    N N N 323 
TYR CA   C N S 324 
TYR C    C N N 325 
TYR O    O N N 326 
TYR CB   C N N 327 
TYR CG   C Y N 328 
TYR CD1  C Y N 329 
TYR CD2  C Y N 330 
TYR CE1  C Y N 331 
TYR CE2  C Y N 332 
TYR CZ   C Y N 333 
TYR OH   O N N 334 
TYR OXT  O N N 335 
TYR H    H N N 336 
TYR H2   H N N 337 
TYR HA   H N N 338 
TYR HB2  H N N 339 
TYR HB3  H N N 340 
TYR HD1  H N N 341 
TYR HD2  H N N 342 
TYR HE1  H N N 343 
TYR HE2  H N N 344 
TYR HH   H N N 345 
TYR HXT  H N N 346 
VAL N    N N N 347 
VAL CA   C N S 348 
VAL C    C N N 349 
VAL O    O N N 350 
VAL CB   C N N 351 
VAL CG1  C N N 352 
VAL CG2  C N N 353 
VAL OXT  O N N 354 
VAL H    H N N 355 
VAL H2   H N N 356 
VAL HA   H N N 357 
VAL HB   H N N 358 
VAL HG11 H N N 359 
VAL HG12 H N N 360 
VAL HG13 H N N 361 
VAL HG21 H N N 362 
VAL HG22 H N N 363 
VAL HG23 H N N 364 
VAL HXT  H N N 365 
# 
loop_
_chem_comp_bond.comp_id 
_chem_comp_bond.atom_id_1 
_chem_comp_bond.atom_id_2 
_chem_comp_bond.value_order 
_chem_comp_bond.pdbx_aromatic_flag 
_chem_comp_bond.pdbx_stereo_config 
_chem_comp_bond.pdbx_ordinal 
ALA N   CA   sing N N 1   
ALA N   H    sing N N 2   
ALA N   H2   sing N N 3   
ALA CA  C    sing N N 4   
ALA CA  CB   sing N N 5   
ALA CA  HA   sing N N 6   
ALA C   O    doub N N 7   
ALA C   OXT  sing N N 8   
ALA CB  HB1  sing N N 9   
ALA CB  HB2  sing N N 10  
ALA CB  HB3  sing N N 11  
ALA OXT HXT  sing N N 12  
ARG N   CA   sing N N 13  
ARG N   H    sing N N 14  
ARG N   H2   sing N N 15  
ARG CA  C    sing N N 16  
ARG CA  CB   sing N N 17  
ARG CA  HA   sing N N 18  
ARG C   O    doub N N 19  
ARG C   OXT  sing N N 20  
ARG CB  CG   sing N N 21  
ARG CB  HB2  sing N N 22  
ARG CB  HB3  sing N N 23  
ARG CG  CD   sing N N 24  
ARG CG  HG2  sing N N 25  
ARG CG  HG3  sing N N 26  
ARG CD  NE   sing N N 27  
ARG CD  HD2  sing N N 28  
ARG CD  HD3  sing N N 29  
ARG NE  CZ   sing N N 30  
ARG NE  HE   sing N N 31  
ARG CZ  NH1  sing N N 32  
ARG CZ  NH2  doub N N 33  
ARG NH1 HH11 sing N N 34  
ARG NH1 HH12 sing N N 35  
ARG NH2 HH21 sing N N 36  
ARG NH2 HH22 sing N N 37  
ARG OXT HXT  sing N N 38  
ASN N   CA   sing N N 39  
ASN N   H    sing N N 40  
ASN N   H2   sing N N 41  
ASN CA  C    sing N N 42  
ASN CA  CB   sing N N 43  
ASN CA  HA   sing N N 44  
ASN C   O    doub N N 45  
ASN C   OXT  sing N N 46  
ASN CB  CG   sing N N 47  
ASN CB  HB2  sing N N 48  
ASN CB  HB3  sing N N 49  
ASN CG  OD1  doub N N 50  
ASN CG  ND2  sing N N 51  
ASN ND2 HD21 sing N N 52  
ASN ND2 HD22 sing N N 53  
ASN OXT HXT  sing N N 54  
ASP N   CA   sing N N 55  
ASP N   H    sing N N 56  
ASP N   H2   sing N N 57  
ASP CA  C    sing N N 58  
ASP CA  CB   sing N N 59  
ASP CA  HA   sing N N 60  
ASP C   O    doub N N 61  
ASP C   OXT  sing N N 62  
ASP CB  CG   sing N N 63  
ASP CB  HB2  sing N N 64  
ASP CB  HB3  sing N N 65  
ASP CG  OD1  doub N N 66  
ASP CG  OD2  sing N N 67  
ASP OD2 HD2  sing N N 68  
ASP OXT HXT  sing N N 69  
CYS N   CA   sing N N 70  
CYS N   H    sing N N 71  
CYS N   H2   sing N N 72  
CYS CA  C    sing N N 73  
CYS CA  CB   sing N N 74  
CYS CA  HA   sing N N 75  
CYS C   O    doub N N 76  
CYS C   OXT  sing N N 77  
CYS CB  SG   sing N N 78  
CYS CB  HB2  sing N N 79  
CYS CB  HB3  sing N N 80  
CYS SG  HG   sing N N 81  
CYS OXT HXT  sing N N 82  
GLN N   CA   sing N N 83  
GLN N   H    sing N N 84  
GLN N   H2   sing N N 85  
GLN CA  C    sing N N 86  
GLN CA  CB   sing N N 87  
GLN CA  HA   sing N N 88  
GLN C   O    doub N N 89  
GLN C   OXT  sing N N 90  
GLN CB  CG   sing N N 91  
GLN CB  HB2  sing N N 92  
GLN CB  HB3  sing N N 93  
GLN CG  CD   sing N N 94  
GLN CG  HG2  sing N N 95  
GLN CG  HG3  sing N N 96  
GLN CD  OE1  doub N N 97  
GLN CD  NE2  sing N N 98  
GLN NE2 HE21 sing N N 99  
GLN NE2 HE22 sing N N 100 
GLN OXT HXT  sing N N 101 
GLU N   CA   sing N N 102 
GLU N   H    sing N N 103 
GLU N   H2   sing N N 104 
GLU CA  C    sing N N 105 
GLU CA  CB   sing N N 106 
GLU CA  HA   sing N N 107 
GLU C   O    doub N N 108 
GLU C   OXT  sing N N 109 
GLU CB  CG   sing N N 110 
GLU CB  HB2  sing N N 111 
GLU CB  HB3  sing N N 112 
GLU CG  CD   sing N N 113 
GLU CG  HG2  sing N N 114 
GLU CG  HG3  sing N N 115 
GLU CD  OE1  doub N N 116 
GLU CD  OE2  sing N N 117 
GLU OE2 HE2  sing N N 118 
GLU OXT HXT  sing N N 119 
GLY N   CA   sing N N 120 
GLY N   H    sing N N 121 
GLY N   H2   sing N N 122 
GLY CA  C    sing N N 123 
GLY CA  HA2  sing N N 124 
GLY CA  HA3  sing N N 125 
GLY C   O    doub N N 126 
GLY C   OXT  sing N N 127 
GLY OXT HXT  sing N N 128 
HIS N   CA   sing N N 129 
HIS N   H    sing N N 130 
HIS N   H2   sing N N 131 
HIS CA  C    sing N N 132 
HIS CA  CB   sing N N 133 
HIS CA  HA   sing N N 134 
HIS C   O    doub N N 135 
HIS C   OXT  sing N N 136 
HIS CB  CG   sing N N 137 
HIS CB  HB2  sing N N 138 
HIS CB  HB3  sing N N 139 
HIS CG  ND1  sing Y N 140 
HIS CG  CD2  doub Y N 141 
HIS ND1 CE1  doub Y N 142 
HIS ND1 HD1  sing N N 143 
HIS CD2 NE2  sing Y N 144 
HIS CD2 HD2  sing N N 145 
HIS CE1 NE2  sing Y N 146 
HIS CE1 HE1  sing N N 147 
HIS NE2 HE2  sing N N 148 
HIS OXT HXT  sing N N 149 
HOH O   H1   sing N N 150 
HOH O   H2   sing N N 151 
ILE N   CA   sing N N 152 
ILE N   H    sing N N 153 
ILE N   H2   sing N N 154 
ILE CA  C    sing N N 155 
ILE CA  CB   sing N N 156 
ILE CA  HA   sing N N 157 
ILE C   O    doub N N 158 
ILE C   OXT  sing N N 159 
ILE CB  CG1  sing N N 160 
ILE CB  CG2  sing N N 161 
ILE CB  HB   sing N N 162 
ILE CG1 CD1  sing N N 163 
ILE CG1 HG12 sing N N 164 
ILE CG1 HG13 sing N N 165 
ILE CG2 HG21 sing N N 166 
ILE CG2 HG22 sing N N 167 
ILE CG2 HG23 sing N N 168 
ILE CD1 HD11 sing N N 169 
ILE CD1 HD12 sing N N 170 
ILE CD1 HD13 sing N N 171 
ILE OXT HXT  sing N N 172 
LEU N   CA   sing N N 173 
LEU N   H    sing N N 174 
LEU N   H2   sing N N 175 
LEU CA  C    sing N N 176 
LEU CA  CB   sing N N 177 
LEU CA  HA   sing N N 178 
LEU C   O    doub N N 179 
LEU C   OXT  sing N N 180 
LEU CB  CG   sing N N 181 
LEU CB  HB2  sing N N 182 
LEU CB  HB3  sing N N 183 
LEU CG  CD1  sing N N 184 
LEU CG  CD2  sing N N 185 
LEU CG  HG   sing N N 186 
LEU CD1 HD11 sing N N 187 
LEU CD1 HD12 sing N N 188 
LEU CD1 HD13 sing N N 189 
LEU CD2 HD21 sing N N 190 
LEU CD2 HD22 sing N N 191 
LEU CD2 HD23 sing N N 192 
LEU OXT HXT  sing N N 193 
MET N   CA   sing N N 194 
MET N   H    sing N N 195 
MET N   H2   sing N N 196 
MET CA  C    sing N N 197 
MET CA  CB   sing N N 198 
MET CA  HA   sing N N 199 
MET C   O    doub N N 200 
MET C   OXT  sing N N 201 
MET CB  CG   sing N N 202 
MET CB  HB2  sing N N 203 
MET CB  HB3  sing N N 204 
MET CG  SD   sing N N 205 
MET CG  HG2  sing N N 206 
MET CG  HG3  sing N N 207 
MET SD  CE   sing N N 208 
MET CE  HE1  sing N N 209 
MET CE  HE2  sing N N 210 
MET CE  HE3  sing N N 211 
MET OXT HXT  sing N N 212 
PHE N   CA   sing N N 213 
PHE N   H    sing N N 214 
PHE N   H2   sing N N 215 
PHE CA  C    sing N N 216 
PHE CA  CB   sing N N 217 
PHE CA  HA   sing N N 218 
PHE C   O    doub N N 219 
PHE C   OXT  sing N N 220 
PHE CB  CG   sing N N 221 
PHE CB  HB2  sing N N 222 
PHE CB  HB3  sing N N 223 
PHE CG  CD1  doub Y N 224 
PHE CG  CD2  sing Y N 225 
PHE CD1 CE1  sing Y N 226 
PHE CD1 HD1  sing N N 227 
PHE CD2 CE2  doub Y N 228 
PHE CD2 HD2  sing N N 229 
PHE CE1 CZ   doub Y N 230 
PHE CE1 HE1  sing N N 231 
PHE CE2 CZ   sing Y N 232 
PHE CE2 HE2  sing N N 233 
PHE CZ  HZ   sing N N 234 
PHE OXT HXT  sing N N 235 
PRO N   CA   sing N N 236 
PRO N   CD   sing N N 237 
PRO N   H    sing N N 238 
PRO CA  C    sing N N 239 
PRO CA  CB   sing N N 240 
PRO CA  HA   sing N N 241 
PRO C   O    doub N N 242 
PRO C   OXT  sing N N 243 
PRO CB  CG   sing N N 244 
PRO CB  HB2  sing N N 245 
PRO CB  HB3  sing N N 246 
PRO CG  CD   sing N N 247 
PRO CG  HG2  sing N N 248 
PRO CG  HG3  sing N N 249 
PRO CD  HD2  sing N N 250 
PRO CD  HD3  sing N N 251 
PRO OXT HXT  sing N N 252 
SER N   CA   sing N N 253 
SER N   H    sing N N 254 
SER N   H2   sing N N 255 
SER CA  C    sing N N 256 
SER CA  CB   sing N N 257 
SER CA  HA   sing N N 258 
SER C   O    doub N N 259 
SER C   OXT  sing N N 260 
SER CB  OG   sing N N 261 
SER CB  HB2  sing N N 262 
SER CB  HB3  sing N N 263 
SER OG  HG   sing N N 264 
SER OXT HXT  sing N N 265 
THR N   CA   sing N N 266 
THR N   H    sing N N 267 
THR N   H2   sing N N 268 
THR CA  C    sing N N 269 
THR CA  CB   sing N N 270 
THR CA  HA   sing N N 271 
THR C   O    doub N N 272 
THR C   OXT  sing N N 273 
THR CB  OG1  sing N N 274 
THR CB  CG2  sing N N 275 
THR CB  HB   sing N N 276 
THR OG1 HG1  sing N N 277 
THR CG2 HG21 sing N N 278 
THR CG2 HG22 sing N N 279 
THR CG2 HG23 sing N N 280 
THR OXT HXT  sing N N 281 
TRP N   CA   sing N N 282 
TRP N   H    sing N N 283 
TRP N   H2   sing N N 284 
TRP CA  C    sing N N 285 
TRP CA  CB   sing N N 286 
TRP CA  HA   sing N N 287 
TRP C   O    doub N N 288 
TRP C   OXT  sing N N 289 
TRP CB  CG   sing N N 290 
TRP CB  HB2  sing N N 291 
TRP CB  HB3  sing N N 292 
TRP CG  CD1  doub Y N 293 
TRP CG  CD2  sing Y N 294 
TRP CD1 NE1  sing Y N 295 
TRP CD1 HD1  sing N N 296 
TRP CD2 CE2  doub Y N 297 
TRP CD2 CE3  sing Y N 298 
TRP NE1 CE2  sing Y N 299 
TRP NE1 HE1  sing N N 300 
TRP CE2 CZ2  sing Y N 301 
TRP CE3 CZ3  doub Y N 302 
TRP CE3 HE3  sing N N 303 
TRP CZ2 CH2  doub Y N 304 
TRP CZ2 HZ2  sing N N 305 
TRP CZ3 CH2  sing Y N 306 
TRP CZ3 HZ3  sing N N 307 
TRP CH2 HH2  sing N N 308 
TRP OXT HXT  sing N N 309 
TYR N   CA   sing N N 310 
TYR N   H    sing N N 311 
TYR N   H2   sing N N 312 
TYR CA  C    sing N N 313 
TYR CA  CB   sing N N 314 
TYR CA  HA   sing N N 315 
TYR C   O    doub N N 316 
TYR C   OXT  sing N N 317 
TYR CB  CG   sing N N 318 
TYR CB  HB2  sing N N 319 
TYR CB  HB3  sing N N 320 
TYR CG  CD1  doub Y N 321 
TYR CG  CD2  sing Y N 322 
TYR CD1 CE1  sing Y N 323 
TYR CD1 HD1  sing N N 324 
TYR CD2 CE2  doub Y N 325 
TYR CD2 HD2  sing N N 326 
TYR CE1 CZ   doub Y N 327 
TYR CE1 HE1  sing N N 328 
TYR CE2 CZ   sing Y N 329 
TYR CE2 HE2  sing N N 330 
TYR CZ  OH   sing N N 331 
TYR OH  HH   sing N N 332 
TYR OXT HXT  sing N N 333 
VAL N   CA   sing N N 334 
VAL N   H    sing N N 335 
VAL N   H2   sing N N 336 
VAL CA  C    sing N N 337 
VAL CA  CB   sing N N 338 
VAL CA  HA   sing N N 339 
VAL C   O    doub N N 340 
VAL C   OXT  sing N N 341 
VAL CB  CG1  sing N N 342 
VAL CB  CG2  sing N N 343 
VAL CB  HB   sing N N 344 
VAL CG1 HG11 sing N N 345 
VAL CG1 HG12 sing N N 346 
VAL CG1 HG13 sing N N 347 
VAL CG2 HG21 sing N N 348 
VAL CG2 HG22 sing N N 349 
VAL CG2 HG23 sing N N 350 
VAL OXT HXT  sing N N 351 
# 
_pdbx_initial_refinement_model.id               1 
_pdbx_initial_refinement_model.entity_id_list   ? 
_pdbx_initial_refinement_model.type             'experimental model' 
_pdbx_initial_refinement_model.source_name      PDB 
_pdbx_initial_refinement_model.accession_code   1BK1 
_pdbx_initial_refinement_model.details          'PDB ENTRY 1BK1' 
# 
_atom_sites.entry_id                    3RI9 
_atom_sites.fract_transf_matrix[1][1]   -0.00560330 
_atom_sites.fract_transf_matrix[1][2]   0.01360250 
_atom_sites.fract_transf_matrix[1][3]   0.00651144 
_atom_sites.fract_transf_matrix[2][1]   -0.00107230 
_atom_sites.fract_transf_matrix[2][2]   0.00656943 
_atom_sites.fract_transf_matrix[2][3]   -0.01464638 
_atom_sites.fract_transf_matrix[3][1]   -0.00823560 
_atom_sites.fract_transf_matrix[3][2]   -0.00303046 
_atom_sites.fract_transf_matrix[3][3]   -0.00075632 
_atom_sites.fract_transf_vector[1]      0.434942 
_atom_sites.fract_transf_vector[2]      0.168910 
_atom_sites.fract_transf_vector[3]      0.317162 
# 
loop_
_atom_type.symbol 
C 
N 
O 
S 
# 
loop_
_atom_site.group_PDB 
_atom_site.id 
_atom_site.type_symbol 
_atom_site.label_atom_id 
_atom_site.label_alt_id 
_atom_site.label_comp_id 
_atom_site.label_asym_id 
_atom_site.label_entity_id 
_atom_site.label_seq_id 
_atom_site.pdbx_PDB_ins_code 
_atom_site.Cartn_x 
_atom_site.Cartn_y 
_atom_site.Cartn_z 
_atom_site.occupancy 
_atom_site.B_iso_or_equiv 
_atom_site.pdbx_formal_charge 
_atom_site.auth_seq_id 
_atom_site.auth_comp_id 
_atom_site.auth_asym_id 
_atom_site.auth_atom_id 
_atom_site.pdbx_PDB_model_num 
ATOM   1    N N   . ALA A 1 3   ? -0.604  -8.169  16.975  1.00 61.82 ? 2   ALA A N   1 
ATOM   2    C CA  . ALA A 1 3   ? -0.981  -7.106  15.937  1.00 61.27 ? 2   ALA A CA  1 
ATOM   3    C C   . ALA A 1 3   ? -1.916  -5.893  16.433  1.00 60.44 ? 2   ALA A C   1 
ATOM   4    O O   . ALA A 1 3   ? -1.605  -4.665  16.186  1.00 61.65 ? 2   ALA A O   1 
ATOM   5    C CB  . ALA A 1 3   ? -1.535  -7.806  14.627  1.00 60.66 ? 2   ALA A CB  1 
ATOM   6    N N   . GLY A 1 4   ? -3.022  -6.185  17.145  1.00 57.21 ? 3   GLY A N   1 
ATOM   7    C CA  . GLY A 1 4   ? -3.964  -5.095  17.586  1.00 52.21 ? 3   GLY A CA  1 
ATOM   8    C C   . GLY A 1 4   ? -4.693  -4.476  16.350  1.00 48.89 ? 3   GLY A C   1 
ATOM   9    O O   . GLY A 1 4   ? -4.940  -3.272  16.315  1.00 46.43 ? 3   GLY A O   1 
ATOM   10   N N   . ILE A 1 5   ? -5.010  -5.313  15.343  1.00 45.23 ? 4   ILE A N   1 
ATOM   11   C CA  . ILE A 1 5   ? -5.692  -4.895  14.142  1.00 42.00 ? 4   ILE A CA  1 
ATOM   12   C C   . ILE A 1 5   ? -7.021  -4.321  14.579  1.00 41.13 ? 4   ILE A C   1 
ATOM   13   O O   . ILE A 1 5   ? -7.736  -4.993  15.323  1.00 40.00 ? 4   ILE A O   1 
ATOM   14   C CB  . ILE A 1 5   ? -6.004  -6.078  13.272  1.00 42.07 ? 4   ILE A CB  1 
ATOM   15   C CG1 . ILE A 1 5   ? -4.729  -6.753  12.749  1.00 45.63 ? 4   ILE A CG1 1 
ATOM   16   C CG2 . ILE A 1 5   ? -6.980  -5.720  12.204  1.00 39.94 ? 4   ILE A CG2 1 
ATOM   17   C CD1 . ILE A 1 5   ? -3.698  -5.857  12.221  1.00 44.65 ? 4   ILE A CD1 1 
ATOM   18   N N   . ASN A 1 6   ? -7.389  -3.112  14.137  1.00 36.33 ? 5   ASN A N   1 
ATOM   19   C CA  . ASN A 1 6   ? -8.731  -2.648  14.440  1.00 35.94 ? 5   ASN A CA  1 
ATOM   20   C C   . ASN A 1 6   ? -9.415  -2.017  13.232  1.00 34.86 ? 5   ASN A C   1 
ATOM   21   O O   . ASN A 1 6   ? -10.428 -1.414  13.410  1.00 34.71 ? 5   ASN A O   1 
ATOM   22   C CB  . ASN A 1 6   ? -8.730  -1.671  15.629  1.00 34.80 ? 5   ASN A CB  1 
ATOM   23   C CG  . ASN A 1 6   ? -7.998  -0.365  15.296  1.00 39.08 ? 5   ASN A CG  1 
ATOM   24   O OD1 . ASN A 1 6   ? -7.632  -0.094  14.147  1.00 36.27 ? 5   ASN A OD1 1 
ATOM   25   N ND2 . ASN A 1 6   ? -7.703  0.397   16.308  1.00 44.42 ? 5   ASN A ND2 1 
ATOM   26   N N   . TYR A 1 7   ? -8.911  -2.221  12.002  1.00 31.85 ? 6   TYR A N   1 
ATOM   27   C CA  . TYR A 1 7   ? -9.574  -1.663  10.927  1.00 30.33 ? 6   TYR A CA  1 
ATOM   28   C C   . TYR A 1 7   ? -9.520  -2.630  9.759   1.00 29.90 ? 6   TYR A C   1 
ATOM   29   O O   . TYR A 1 7   ? -8.504  -3.295  9.459   1.00 29.43 ? 6   TYR A O   1 
ATOM   30   C CB  . TYR A 1 7   ? -8.932  -0.266  10.568  1.00 28.61 ? 6   TYR A CB  1 
ATOM   31   C CG  . TYR A 1 7   ? -9.471  0.278   9.242   1.00 29.48 ? 6   TYR A CG  1 
ATOM   32   C CD1 . TYR A 1 7   ? -10.774 0.849   9.157   1.00 28.88 ? 6   TYR A CD1 1 
ATOM   33   C CD2 . TYR A 1 7   ? -8.688  0.239   8.071   1.00 28.09 ? 6   TYR A CD2 1 
ATOM   34   C CE1 . TYR A 1 7   ? -11.237 1.338   7.909   1.00 28.53 ? 6   TYR A CE1 1 
ATOM   35   C CE2 . TYR A 1 7   ? -9.167  0.744   6.846   1.00 27.77 ? 6   TYR A CE2 1 
ATOM   36   C CZ  . TYR A 1 7   ? -10.440 1.282   6.806   1.00 29.26 ? 6   TYR A CZ  1 
ATOM   37   O OH  . TYR A 1 7   ? -10.922 1.732   5.627   1.00 33.93 ? 6   TYR A OH  1 
ATOM   38   N N   . VAL A 1 8   ? -10.629 -2.731  9.072   1.00 28.20 ? 7   VAL A N   1 
ATOM   39   C CA  . VAL A 1 8   ? -10.658 -3.601  7.878   1.00 28.19 ? 7   VAL A CA  1 
ATOM   40   C C   . VAL A 1 8   ? -10.796 -2.755  6.611   1.00 27.84 ? 7   VAL A C   1 
ATOM   41   O O   . VAL A 1 8   ? -11.819 -2.066  6.478   1.00 29.06 ? 7   VAL A O   1 
ATOM   42   C CB  . VAL A 1 8   ? -11.824 -4.657  7.957   1.00 27.50 ? 7   VAL A CB  1 
ATOM   43   C CG1 . VAL A 1 8   ? -11.822 -5.534  6.714   1.00 31.37 ? 7   VAL A CG1 1 
ATOM   44   C CG2 . VAL A 1 8   ? -11.714 -5.473  9.307   1.00 29.64 ? 7   VAL A CG2 1 
ATOM   45   N N   . GLN A 1 9   ? -9.859  -2.880  5.653   1.00 27.79 ? 8   GLN A N   1 
ATOM   46   C CA  . GLN A 1 9   ? -9.848  -2.055  4.467   1.00 29.11 ? 8   GLN A CA  1 
ATOM   47   C C   . GLN A 1 9   ? -10.560 -2.802  3.387   1.00 30.81 ? 8   GLN A C   1 
ATOM   48   O O   . GLN A 1 9   ? -10.207 -3.917  3.084   1.00 30.38 ? 8   GLN A O   1 
ATOM   49   C CB  . GLN A 1 9   ? -8.410  -1.773  4.032   1.00 30.56 ? 8   GLN A CB  1 
ATOM   50   C CG  . GLN A 1 9   ? -8.316  -1.146  2.611   1.00 28.19 ? 8   GLN A CG  1 
ATOM   51   C CD  . GLN A 1 9   ? -9.001  0.238   2.414   1.00 31.08 ? 8   GLN A CD  1 
ATOM   52   O OE1 . GLN A 1 9   ? -9.531  0.874   3.319   1.00 35.50 ? 8   GLN A OE1 1 
ATOM   53   N NE2 . GLN A 1 9   ? -9.078  0.627   1.179   1.00 33.95 ? 8   GLN A NE2 1 
ATOM   54   N N   . ASN A 1 10  ? -11.635 -2.244  2.853   1.00 31.42 ? 9   ASN A N   1 
ATOM   55   C CA  . ASN A 1 10  ? -12.325 -2.986  1.771   1.00 33.23 ? 9   ASN A CA  1 
ATOM   56   C C   . ASN A 1 10  ? -12.799 -1.976  0.756   1.00 33.52 ? 9   ASN A C   1 
ATOM   57   O O   . ASN A 1 10  ? -13.893 -1.393  0.923   1.00 32.99 ? 9   ASN A O   1 
ATOM   58   C CB  . ASN A 1 10  ? -13.532 -3.799  2.305   1.00 31.74 ? 9   ASN A CB  1 
ATOM   59   C CG  . ASN A 1 10  ? -14.188 -4.702  1.255   1.00 32.63 ? 9   ASN A CG  1 
ATOM   60   O OD1 . ASN A 1 10  ? -14.103 -4.455  0.070   1.00 36.25 ? 9   ASN A OD1 1 
ATOM   61   N ND2 . ASN A 1 10  ? -14.868 -5.747  1.717   1.00 37.01 ? 9   ASN A ND2 1 
ATOM   62   N N   . TYR A 1 11  ? -12.037 -1.795  -0.315  1.00 32.88 ? 10  TYR A N   1 
ATOM   63   C CA  . TYR A 1 11  ? -12.496 -0.839  -1.349  1.00 35.20 ? 10  TYR A CA  1 
ATOM   64   C C   . TYR A 1 11  ? -12.716 -1.703  -2.561  1.00 36.23 ? 10  TYR A C   1 
ATOM   65   O O   . TYR A 1 11  ? -11.729 -2.271  -3.114  1.00 35.93 ? 10  TYR A O   1 
ATOM   66   C CB  . TYR A 1 11  ? -11.418 0.199   -1.655  1.00 34.58 ? 10  TYR A CB  1 
ATOM   67   C CG  . TYR A 1 11  ? -11.787 1.130   -2.768  1.00 37.63 ? 10  TYR A CG  1 
ATOM   68   C CD1 . TYR A 1 11  ? -12.750 2.121   -2.575  1.00 44.11 ? 10  TYR A CD1 1 
ATOM   69   C CD2 . TYR A 1 11  ? -11.124 1.069   -4.020  1.00 40.05 ? 10  TYR A CD2 1 
ATOM   70   C CE1 . TYR A 1 11  ? -13.105 3.022   -3.599  1.00 43.81 ? 10  TYR A CE1 1 
ATOM   71   C CE2 . TYR A 1 11  ? -11.450 1.956   -5.024  1.00 44.32 ? 10  TYR A CE2 1 
ATOM   72   C CZ  . TYR A 1 11  ? -12.450 2.916   -4.803  1.00 47.48 ? 10  TYR A CZ  1 
ATOM   73   O OH  . TYR A 1 11  ? -12.799 3.798   -5.786  1.00 52.07 ? 10  TYR A OH  1 
ATOM   74   N N   . ASN A 1 12  ? -13.998 -1.906  -2.923  1.00 36.77 ? 11  ASN A N   1 
ATOM   75   C CA  . ASN A 1 12  ? -14.351 -2.850  -4.044  1.00 36.11 ? 11  ASN A CA  1 
ATOM   76   C C   . ASN A 1 12  ? -13.849 -4.254  -3.889  1.00 37.83 ? 11  ASN A C   1 
ATOM   77   O O   . ASN A 1 12  ? -13.529 -4.924  -4.903  1.00 37.35 ? 11  ASN A O   1 
ATOM   78   C CB  . ASN A 1 12  ? -13.959 -2.283  -5.437  1.00 36.68 ? 11  ASN A CB  1 
ATOM   79   C CG  . ASN A 1 12  ? -14.596 -0.904  -5.693  1.00 41.91 ? 11  ASN A CG  1 
ATOM   80   O OD1 . ASN A 1 12  ? -15.770 -0.705  -5.376  1.00 43.56 ? 11  ASN A OD1 1 
ATOM   81   N ND2 . ASN A 1 12  ? -13.811 0.070   -6.117  1.00 44.15 ? 11  ASN A ND2 1 
ATOM   82   N N   . GLY A 1 13  ? -13.786 -4.755  -2.651  1.00 37.09 ? 12  GLY A N   1 
ATOM   83   C CA  . GLY A 1 13  ? -13.339 -6.125  -2.423  1.00 40.28 ? 12  GLY A CA  1 
ATOM   84   C C   . GLY A 1 13  ? -14.246 -7.177  -3.090  1.00 42.02 ? 12  GLY A C   1 
ATOM   85   O O   . GLY A 1 13  ? -13.794 -8.280  -3.443  1.00 41.04 ? 12  GLY A O   1 
ATOM   86   N N   . ASN A 1 14  ? -15.514 -6.830  -3.249  1.00 43.47 ? 13  ASN A N   1 
ATOM   87   C CA  . ASN A 1 14  ? -16.465 -7.709  -3.927  1.00 47.91 ? 13  ASN A CA  1 
ATOM   88   C C   . ASN A 1 14  ? -16.155 -7.999  -5.390  1.00 48.45 ? 13  ASN A C   1 
ATOM   89   O O   . ASN A 1 14  ? -16.855 -8.790  -5.958  1.00 49.98 ? 13  ASN A O   1 
ATOM   90   C CB  . ASN A 1 14  ? -17.916 -7.237  -3.756  1.00 48.83 ? 13  ASN A CB  1 
ATOM   91   C CG  . ASN A 1 14  ? -18.123 -5.759  -4.122  1.00 55.67 ? 13  ASN A CG  1 
ATOM   92   O OD1 . ASN A 1 14  ? -17.504 -5.220  -5.081  1.00 58.25 ? 13  ASN A OD1 1 
ATOM   93   N ND2 . ASN A 1 14  ? -19.039 -5.078  -3.341  1.00 59.01 ? 13  ASN A ND2 1 
ATOM   94   N N   . LEU A 1 15  ? -15.112 -7.379  -5.978  1.00 47.83 ? 14  LEU A N   1 
ATOM   95   C CA  . LEU A 1 15  ? -14.634 -7.728  -7.318  1.00 47.99 ? 14  LEU A CA  1 
ATOM   96   C C   . LEU A 1 15  ? -13.802 -9.000  -7.283  1.00 48.94 ? 14  LEU A C   1 
ATOM   97   O O   . LEU A 1 15  ? -13.324 -9.447  -8.297  1.00 50.61 ? 14  LEU A O   1 
ATOM   98   C CB  . LEU A 1 15  ? -13.819 -6.604  -7.960  1.00 47.44 ? 14  LEU A CB  1 
ATOM   99   C CG  . LEU A 1 15  ? -14.484 -5.233  -8.133  1.00 49.68 ? 14  LEU A CG  1 
ATOM   100  C CD1 . LEU A 1 15  ? -13.464 -4.212  -8.607  1.00 47.37 ? 14  LEU A CD1 1 
ATOM   101  C CD2 . LEU A 1 15  ? -15.686 -5.254  -9.066  1.00 51.68 ? 14  LEU A CD2 1 
ATOM   102  N N   . GLY A 1 16  ? -13.613 -9.605  -6.111  1.00 48.66 ? 15  GLY A N   1 
ATOM   103  C CA  . GLY A 1 16  ? -12.899 -10.859 -6.065  1.00 46.80 ? 15  GLY A CA  1 
ATOM   104  C C   . GLY A 1 16  ? -13.345 -11.526 -4.805  1.00 46.35 ? 15  GLY A C   1 
ATOM   105  O O   . GLY A 1 16  ? -14.422 -11.270 -4.299  1.00 46.54 ? 15  GLY A O   1 
ATOM   106  N N   . ASP A 1 17  ? -12.501 -12.381 -4.268  1.00 46.96 ? 16  ASP A N   1 
ATOM   107  C CA  . ASP A 1 17  ? -12.869 -13.129 -3.102  1.00 46.89 ? 16  ASP A CA  1 
ATOM   108  C C   . ASP A 1 17  ? -11.953 -12.786 -1.902  1.00 45.26 ? 16  ASP A C   1 
ATOM   109  O O   . ASP A 1 17  ? -10.785 -13.247 -1.837  1.00 43.75 ? 16  ASP A O   1 
ATOM   110  C CB  . ASP A 1 17  ? -12.754 -14.588 -3.473  1.00 49.83 ? 16  ASP A CB  1 
ATOM   111  C CG  . ASP A 1 17  ? -13.469 -15.473 -2.512  1.00 56.40 ? 16  ASP A CG  1 
ATOM   112  O OD1 . ASP A 1 17  ? -14.559 -15.048 -2.028  1.00 65.97 ? 16  ASP A OD1 1 
ATOM   113  O OD2 . ASP A 1 17  ? -12.936 -16.570 -2.235  1.00 63.83 ? 16  ASP A OD2 1 
ATOM   114  N N   . PHE A 1 18  ? -12.499 -11.993 -0.977  1.00 43.06 ? 17  PHE A N   1 
ATOM   115  C CA  . PHE A 1 18  ? -11.740 -11.382 0.109   1.00 42.57 ? 17  PHE A CA  1 
ATOM   116  C C   . PHE A 1 18  ? -12.199 -11.992 1.409   1.00 42.70 ? 17  PHE A C   1 
ATOM   117  O O   . PHE A 1 18  ? -13.367 -11.829 1.761   1.00 43.56 ? 17  PHE A O   1 
ATOM   118  C CB  . PHE A 1 18  ? -12.026 -9.855  0.114   1.00 41.29 ? 17  PHE A CB  1 
ATOM   119  C CG  . PHE A 1 18  ? -11.407 -9.087  1.315   1.00 40.17 ? 17  PHE A CG  1 
ATOM   120  C CD1 . PHE A 1 18  ? -10.073 -9.279  1.689   1.00 35.32 ? 17  PHE A CD1 1 
ATOM   121  C CD2 . PHE A 1 18  ? -12.159 -8.136  2.007   1.00 39.06 ? 17  PHE A CD2 1 
ATOM   122  C CE1 . PHE A 1 18  ? -9.508  -8.564  2.767   1.00 36.68 ? 17  PHE A CE1 1 
ATOM   123  C CE2 . PHE A 1 18  ? -11.611 -7.391  3.078   1.00 37.24 ? 17  PHE A CE2 1 
ATOM   124  C CZ  . PHE A 1 18  ? -10.269 -7.602  3.459   1.00 34.93 ? 17  PHE A CZ  1 
ATOM   125  N N   . THR A 1 19  ? -11.313 -12.678 2.140   1.00 42.53 ? 18  THR A N   1 
ATOM   126  C CA  . THR A 1 19  ? -11.604 -13.218 3.474   1.00 42.64 ? 18  THR A CA  1 
ATOM   127  C C   . THR A 1 19  ? -10.603 -12.696 4.461   1.00 40.85 ? 18  THR A C   1 
ATOM   128  O O   . THR A 1 19  ? -9.440  -12.503 4.115   1.00 40.72 ? 18  THR A O   1 
ATOM   129  C CB  . THR A 1 19  ? -11.342 -14.788 3.464   1.00 44.81 ? 18  THR A CB  1 
ATOM   130  O OG1 . THR A 1 19  ? -11.865 -15.289 2.241   1.00 50.98 ? 18  THR A OG1 1 
ATOM   131  C CG2 . THR A 1 19  ? -12.066 -15.452 4.593   1.00 47.16 ? 18  THR A CG2 1 
ATOM   132  N N   . TYR A 1 20  ? -10.990 -12.571 5.722   1.00 39.56 ? 19  TYR A N   1 
ATOM   133  C CA  . TYR A 1 20  ? -10.050 -12.064 6.680   1.00 39.49 ? 19  TYR A CA  1 
ATOM   134  C C   . TYR A 1 20  ? -10.412 -12.488 8.068   1.00 41.25 ? 19  TYR A C   1 
ATOM   135  O O   . TYR A 1 20  ? -11.563 -12.768 8.344   1.00 40.12 ? 19  TYR A O   1 
ATOM   136  C CB  . TYR A 1 20  ? -10.057 -10.511 6.619   1.00 39.85 ? 19  TYR A CB  1 
ATOM   137  C CG  . TYR A 1 20  ? -11.450 -9.871  6.791   1.00 36.81 ? 19  TYR A CG  1 
ATOM   138  C CD1 . TYR A 1 20  ? -11.982 -9.602  8.056   1.00 38.21 ? 19  TYR A CD1 1 
ATOM   139  C CD2 . TYR A 1 20  ? -12.224 -9.614  5.676   1.00 38.74 ? 19  TYR A CD2 1 
ATOM   140  C CE1 . TYR A 1 20  ? -13.282 -9.062  8.190   1.00 36.63 ? 19  TYR A CE1 1 
ATOM   141  C CE2 . TYR A 1 20  ? -13.468 -9.047  5.782   1.00 38.39 ? 19  TYR A CE2 1 
ATOM   142  C CZ  . TYR A 1 20  ? -13.978 -8.773  7.049   1.00 38.10 ? 19  TYR A CZ  1 
ATOM   143  O OH  . TYR A 1 20  ? -15.211 -8.232  7.094   1.00 40.49 ? 19  TYR A OH  1 
ATOM   144  N N   . ASP A 1 21  ? -9.453  -12.384 8.974   1.00 40.82 ? 20  ASP A N   1 
ATOM   145  C CA  . ASP A 1 21  ? -9.733  -12.608 10.345  1.00 42.06 ? 20  ASP A CA  1 
ATOM   146  C C   . ASP A 1 21  ? -8.916  -11.599 11.183  1.00 41.91 ? 20  ASP A C   1 
ATOM   147  O O   . ASP A 1 21  ? -7.692  -11.752 11.340  1.00 42.05 ? 20  ASP A O   1 
ATOM   148  C CB  . ASP A 1 21  ? -9.302  -14.070 10.657  1.00 41.75 ? 20  ASP A CB  1 
ATOM   149  C CG  . ASP A 1 21  ? -9.520  -14.468 12.135  1.00 47.70 ? 20  ASP A CG  1 
ATOM   150  O OD1 . ASP A 1 21  ? -9.643  -13.628 13.072  1.00 48.13 ? 20  ASP A OD1 1 
ATOM   151  O OD2 . ASP A 1 21  ? -9.526  -15.694 12.379  1.00 53.07 ? 20  ASP A OD2 1 
ATOM   152  N N   . GLU A 1 22  ? -9.592  -10.646 11.817  1.00 43.34 ? 21  GLU A N   1 
ATOM   153  C CA  . GLU A 1 22  ? -8.915  -9.530  12.501  1.00 45.22 ? 21  GLU A CA  1 
ATOM   154  C C   . GLU A 1 22  ? -8.078  -9.998  13.642  1.00 46.66 ? 21  GLU A C   1 
ATOM   155  O O   . GLU A 1 22  ? -6.945  -9.510  13.831  1.00 45.07 ? 21  GLU A O   1 
ATOM   156  C CB  . GLU A 1 22  ? -9.899  -8.497  13.051  1.00 47.13 ? 21  GLU A CB  1 
ATOM   157  C CG  . GLU A 1 22  ? -10.825 -7.965  12.016  1.00 47.72 ? 21  GLU A CG  1 
ATOM   158  C CD  . GLU A 1 22  ? -12.149 -8.708  12.018  1.00 56.78 ? 21  GLU A CD  1 
ATOM   159  O OE1 . GLU A 1 22  ? -12.178 -9.956  11.761  1.00 55.43 ? 21  GLU A OE1 1 
ATOM   160  O OE2 . GLU A 1 22  ? -13.169 -8.020  12.270  1.00 59.36 ? 21  GLU A OE2 1 
ATOM   161  N N   . SER A 1 23  ? -8.600  -10.968 14.405  1.00 46.77 ? 22  SER A N   1 
ATOM   162  C CA  . SER A 1 23  ? -7.893  -11.358 15.625  1.00 47.19 ? 22  SER A CA  1 
ATOM   163  C C   . SER A 1 23  ? -6.660  -12.209 15.315  1.00 46.31 ? 22  SER A C   1 
ATOM   164  O O   . SER A 1 23  ? -5.704  -12.181 16.077  1.00 47.54 ? 22  SER A O   1 
ATOM   165  C CB  . SER A 1 23  ? -8.861  -12.017 16.621  1.00 48.82 ? 22  SER A CB  1 
ATOM   166  O OG  . SER A 1 23  ? -9.359  -13.174 15.971  1.00 51.91 ? 22  SER A OG  1 
ATOM   167  N N   . ALA A 1 24  ? -6.648  -12.917 14.179  1.00 45.39 ? 23  ALA A N   1 
ATOM   168  C CA  . ALA A 1 24  ? -5.483  -13.630 13.721  1.00 44.12 ? 23  ALA A CA  1 
ATOM   169  C C   . ALA A 1 24  ? -4.540  -12.738 12.884  1.00 44.51 ? 23  ALA A C   1 
ATOM   170  O O   . ALA A 1 24  ? -3.433  -13.129 12.570  1.00 44.69 ? 23  ALA A O   1 
ATOM   171  C CB  . ALA A 1 24  ? -5.907  -14.812 12.874  1.00 45.09 ? 23  ALA A CB  1 
ATOM   172  N N   . GLY A 1 25  ? -5.022  -11.605 12.395  1.00 42.57 ? 24  GLY A N   1 
ATOM   173  C CA  . GLY A 1 25  ? -4.172  -10.767 11.579  1.00 39.65 ? 24  GLY A CA  1 
ATOM   174  C C   . GLY A 1 25  ? -3.993  -11.271 10.190  1.00 37.75 ? 24  GLY A C   1 
ATOM   175  O O   . GLY A 1 25  ? -2.962  -11.009 9.605   1.00 39.31 ? 24  GLY A O   1 
ATOM   176  N N   . THR A 1 26  ? -4.927  -12.057 9.648   1.00 36.24 ? 25  THR A N   1 
ATOM   177  C CA  . THR A 1 26  ? -4.689  -12.658 8.312   1.00 37.38 ? 25  THR A CA  1 
ATOM   178  C C   . THR A 1 26  ? -5.780  -12.275 7.368   1.00 36.91 ? 25  THR A C   1 
ATOM   179  O O   . THR A 1 26  ? -6.936  -12.075 7.802   1.00 37.04 ? 25  THR A O   1 
ATOM   180  C CB  . THR A 1 26  ? -4.779  -14.218 8.365   1.00 41.45 ? 25  THR A CB  1 
ATOM   181  O OG1 . THR A 1 26  ? -6.047  -14.574 8.994   1.00 42.18 ? 25  THR A OG1 1 
ATOM   182  C CG2 . THR A 1 26  ? -3.628  -14.764 9.231   1.00 39.10 ? 25  THR A CG2 1 
ATOM   183  N N   . PHE A 1 27  ? -5.461  -12.172 6.091   1.00 37.21 ? 26  PHE A N   1 
ATOM   184  C CA  . PHE A 1 27  ? -6.486  -11.996 5.099   1.00 37.60 ? 26  PHE A CA  1 
ATOM   185  C C   . PHE A 1 27  ? -5.999  -12.637 3.816   1.00 38.83 ? 26  PHE A C   1 
ATOM   186  O O   . PHE A 1 27  ? -4.784  -12.769 3.663   1.00 39.29 ? 26  PHE A O   1 
ATOM   187  C CB  . PHE A 1 27  ? -6.818  -10.484 4.869   1.00 36.80 ? 26  PHE A CB  1 
ATOM   188  C CG  . PHE A 1 27  ? -5.730  -9.655  4.124   1.00 35.45 ? 26  PHE A CG  1 
ATOM   189  C CD1 . PHE A 1 27  ? -5.775  -9.510  2.729   1.00 37.38 ? 26  PHE A CD1 1 
ATOM   190  C CD2 . PHE A 1 27  ? -4.767  -8.938  4.841   1.00 35.79 ? 26  PHE A CD2 1 
ATOM   191  C CE1 . PHE A 1 27  ? -4.852  -8.719  2.037   1.00 37.11 ? 26  PHE A CE1 1 
ATOM   192  C CE2 . PHE A 1 27  ? -3.830  -8.128  4.180   1.00 32.03 ? 26  PHE A CE2 1 
ATOM   193  C CZ  . PHE A 1 27  ? -3.869  -8.031  2.775   1.00 35.57 ? 26  PHE A CZ  1 
ATOM   194  N N   . SER A 1 28  ? -6.917  -12.966 2.883   1.00 37.78 ? 27  SER A N   1 
ATOM   195  C CA  . SER A 1 28  ? -6.587  -13.507 1.549   1.00 38.49 ? 27  SER A CA  1 
ATOM   196  C C   . SER A 1 28  ? -7.396  -12.781 0.550   1.00 39.04 ? 27  SER A C   1 
ATOM   197  O O   . SER A 1 28  ? -8.506  -12.356 0.861   1.00 40.61 ? 27  SER A O   1 
ATOM   198  C CB  . SER A 1 28  ? -7.071  -14.982 1.413   1.00 40.59 ? 27  SER A CB  1 
ATOM   199  O OG  . SER A 1 28  ? -6.334  -15.683 2.360   1.00 44.54 ? 27  SER A OG  1 
ATOM   200  N N   . MET A 1 29  ? -6.894  -12.668 -0.671  1.00 40.20 ? 28  MET A N   1 
ATOM   201  C CA  . MET A 1 29  ? -7.662  -12.056 -1.701  1.00 40.96 ? 28  MET A CA  1 
ATOM   202  C C   . MET A 1 29  ? -7.373  -12.781 -3.005  1.00 44.51 ? 28  MET A C   1 
ATOM   203  O O   . MET A 1 29  ? -6.203  -12.872 -3.420  1.00 44.08 ? 28  MET A O   1 
ATOM   204  C CB  . MET A 1 29  ? -7.309  -10.567 -1.824  1.00 41.83 ? 28  MET A CB  1 
ATOM   205  C CG  . MET A 1 29  ? -7.996  -9.904  -2.986  1.00 39.60 ? 28  MET A CG  1 
ATOM   206  S SD  . MET A 1 29  ? -9.821  -9.868  -2.834  1.00 43.10 ? 28  MET A SD  1 
ATOM   207  C CE  . MET A 1 29  ? -10.202 -8.534  -3.902  1.00 42.27 ? 28  MET A CE  1 
ATOM   208  N N   . TYR A 1 30  ? -8.448  -13.301 -3.649  1.00 46.79 ? 29  TYR A N   1 
ATOM   209  C CA  . TYR A 1 30  ? -8.313  -14.150 -4.913  1.00 49.17 ? 29  TYR A CA  1 
ATOM   210  C C   . TYR A 1 30  ? -9.016  -13.446 -6.011  1.00 48.49 ? 29  TYR A C   1 
ATOM   211  O O   . TYR A 1 30  ? -10.182 -13.099 -5.862  1.00 49.43 ? 29  TYR A O   1 
ATOM   212  C CB  . TYR A 1 30  ? -8.876  -15.613 -4.773  1.00 50.64 ? 29  TYR A CB  1 
ATOM   213  C CG  . TYR A 1 30  ? -8.094  -16.481 -3.779  1.00 55.99 ? 29  TYR A CG  1 
ATOM   214  C CD1 . TYR A 1 30  ? -8.515  -16.613 -2.442  1.00 60.96 ? 29  TYR A CD1 1 
ATOM   215  C CD2 . TYR A 1 30  ? -6.914  -17.156 -4.176  1.00 61.92 ? 29  TYR A CD2 1 
ATOM   216  C CE1 . TYR A 1 30  ? -7.770  -17.375 -1.508  1.00 65.44 ? 29  TYR A CE1 1 
ATOM   217  C CE2 . TYR A 1 30  ? -6.172  -17.937 -3.261  1.00 64.52 ? 29  TYR A CE2 1 
ATOM   218  C CZ  . TYR A 1 30  ? -6.598  -18.016 -1.930  1.00 68.81 ? 29  TYR A CZ  1 
ATOM   219  O OH  . TYR A 1 30  ? -5.869  -18.775 -1.030  1.00 73.02 ? 29  TYR A OH  1 
ATOM   220  N N   . TRP A 1 31  ? -8.314  -13.174 -7.089  1.00 48.83 ? 30  TRP A N   1 
ATOM   221  C CA  . TRP A 1 31  ? -8.953  -12.572 -8.256  1.00 51.33 ? 30  TRP A CA  1 
ATOM   222  C C   . TRP A 1 31  ? -8.497  -13.353 -9.498  1.00 53.69 ? 30  TRP A C   1 
ATOM   223  O O   . TRP A 1 31  ? -8.076  -12.779 -10.493 1.00 52.46 ? 30  TRP A O   1 
ATOM   224  C CB  . TRP A 1 31  ? -8.728  -11.036 -8.334  1.00 49.56 ? 30  TRP A CB  1 
ATOM   225  C CG  . TRP A 1 31  ? -7.266  -10.504 -8.523  1.00 49.21 ? 30  TRP A CG  1 
ATOM   226  C CD1 . TRP A 1 31  ? -6.761  -9.878  -9.642  1.00 50.46 ? 30  TRP A CD1 1 
ATOM   227  C CD2 . TRP A 1 31  ? -6.170  -10.514 -7.552  1.00 43.65 ? 30  TRP A CD2 1 
ATOM   228  N NE1 . TRP A 1 31  ? -5.437  -9.524  -9.437  1.00 47.65 ? 30  TRP A NE1 1 
ATOM   229  C CE2 . TRP A 1 31  ? -5.052  -9.919  -8.174  1.00 44.02 ? 30  TRP A CE2 1 
ATOM   230  C CE3 . TRP A 1 31  ? -6.033  -11.005 -6.256  1.00 41.19 ? 30  TRP A CE3 1 
ATOM   231  C CZ2 . TRP A 1 31  ? -3.809  -9.772  -7.521  1.00 44.61 ? 30  TRP A CZ2 1 
ATOM   232  C CZ3 . TRP A 1 31  ? -4.814  -10.856 -5.602  1.00 43.39 ? 30  TRP A CZ3 1 
ATOM   233  C CH2 . TRP A 1 31  ? -3.722  -10.261 -6.231  1.00 41.93 ? 30  TRP A CH2 1 
ATOM   234  N N   . GLU A 1 32  ? -8.593  -14.689 -9.382  1.00 58.42 ? 31  GLU A N   1 
ATOM   235  C CA  . GLU A 1 32  ? -8.212  -15.663 -10.432 1.00 61.94 ? 31  GLU A CA  1 
ATOM   236  C C   . GLU A 1 32  ? -8.810  -15.350 -11.804 1.00 62.98 ? 31  GLU A C   1 
ATOM   237  O O   . GLU A 1 32  ? -8.153  -15.571 -12.820 1.00 62.73 ? 31  GLU A O   1 
ATOM   238  C CB  . GLU A 1 32  ? -8.637  -17.078 -10.032 1.00 63.47 ? 31  GLU A CB  1 
ATOM   239  C CG  . GLU A 1 32  ? -8.068  -17.578 -8.702  1.00 68.94 ? 31  GLU A CG  1 
ATOM   240  C CD  . GLU A 1 32  ? -6.536  -17.794 -8.749  1.00 74.56 ? 31  GLU A CD  1 
ATOM   241  O OE1 . GLU A 1 32  ? -5.819  -16.972 -9.394  1.00 75.38 ? 31  GLU A OE1 1 
ATOM   242  O OE2 . GLU A 1 32  ? -6.053  -18.777 -8.108  1.00 75.90 ? 31  GLU A OE2 1 
ATOM   243  N N   . ASP A 1 33  ? -10.034 -14.800 -11.822 1.00 63.83 ? 32  ASP A N   1 
ATOM   244  C CA  . ASP A 1 33  ? -10.762 -14.499 -13.070 1.00 64.80 ? 32  ASP A CA  1 
ATOM   245  C C   . ASP A 1 33  ? -10.406 -13.155 -13.706 1.00 64.83 ? 32  ASP A C   1 
ATOM   246  O O   . ASP A 1 33  ? -10.812 -12.872 -14.859 1.00 65.52 ? 32  ASP A O   1 
ATOM   247  C CB  . ASP A 1 33  ? -12.287 -14.492 -12.823 1.00 66.21 ? 32  ASP A CB  1 
ATOM   248  C CG  . ASP A 1 33  ? -12.843 -15.859 -12.381 1.00 69.73 ? 32  ASP A CG  1 
ATOM   249  O OD1 . ASP A 1 33  ? -12.177 -16.920 -12.568 1.00 71.04 ? 32  ASP A OD1 1 
ATOM   250  O OD2 . ASP A 1 33  ? -13.979 -15.860 -11.837 1.00 74.59 ? 32  ASP A OD2 1 
ATOM   251  N N   . GLY A 1 34  ? -9.717  -12.291 -12.954 1.00 62.99 ? 33  GLY A N   1 
ATOM   252  C CA  . GLY A 1 34  ? -9.265  -11.028 -13.506 1.00 59.92 ? 33  GLY A CA  1 
ATOM   253  C C   . GLY A 1 34  ? -10.194 -9.972  -13.001 1.00 58.45 ? 33  GLY A C   1 
ATOM   254  O O   . GLY A 1 34  ? -11.275 -10.283 -12.466 1.00 58.61 ? 33  GLY A O   1 
ATOM   255  N N   . VAL A 1 35  ? -9.785  -8.722  -13.144 1.00 55.94 ? 34  VAL A N   1 
ATOM   256  C CA  . VAL A 1 35  ? -10.649 -7.637  -12.761 1.00 54.56 ? 34  VAL A CA  1 
ATOM   257  C C   . VAL A 1 35  ? -10.367 -6.618  -13.823 1.00 53.70 ? 34  VAL A C   1 
ATOM   258  O O   . VAL A 1 35  ? -9.307  -6.656  -14.457 1.00 53.25 ? 34  VAL A O   1 
ATOM   259  C CB  . VAL A 1 35  ? -10.294 -7.042  -11.285 1.00 54.96 ? 34  VAL A CB  1 
ATOM   260  C CG1 . VAL A 1 35  ? -10.687 -7.974  -10.184 1.00 53.60 ? 34  VAL A CG1 1 
ATOM   261  C CG2 . VAL A 1 35  ? -8.776  -6.768  -11.121 1.00 52.25 ? 34  VAL A CG2 1 
ATOM   262  N N   . SER A 1 36  ? -11.267 -5.675  -14.003 1.00 53.07 ? 35  SER A N   1 
ATOM   263  C CA  . SER A 1 36  ? -10.886 -4.551  -14.837 1.00 54.65 ? 35  SER A CA  1 
ATOM   264  C C   . SER A 1 36  ? -11.328 -3.276  -14.146 1.00 53.03 ? 35  SER A C   1 
ATOM   265  O O   . SER A 1 36  ? -11.501 -2.244  -14.784 1.00 53.05 ? 35  SER A O   1 
ATOM   266  C CB  . SER A 1 36  ? -11.439 -4.665  -16.256 1.00 55.64 ? 35  SER A CB  1 
ATOM   267  O OG  . SER A 1 36  ? -12.828 -4.810  -16.113 1.00 61.28 ? 35  SER A OG  1 
ATOM   268  N N   . SER A 1 37  ? -11.442 -3.346  -12.817 1.00 50.60 ? 36  SER A N   1 
ATOM   269  C CA  . SER A 1 37  ? -11.602 -2.137  -12.023 1.00 48.29 ? 36  SER A CA  1 
ATOM   270  C C   . SER A 1 37  ? -10.716 -2.177  -10.754 1.00 45.98 ? 36  SER A C   1 
ATOM   271  O O   . SER A 1 37  ? -10.327 -3.269  -10.325 1.00 45.07 ? 36  SER A O   1 
ATOM   272  C CB  . SER A 1 37  ? -13.077 -2.061  -11.645 1.00 48.41 ? 36  SER A CB  1 
ATOM   273  O OG  . SER A 1 37  ? -13.454 -0.728  -11.831 1.00 51.96 ? 36  SER A OG  1 
ATOM   274  N N   . ASP A 1 38  ? -10.453 -1.021  -10.140 1.00 43.02 ? 37  ASP A N   1 
ATOM   275  C CA  . ASP A 1 38  ? -9.520  -0.942  -8.957  1.00 41.04 ? 37  ASP A CA  1 
ATOM   276  C C   . ASP A 1 38  ? -10.152 -1.520  -7.633  1.00 37.75 ? 37  ASP A C   1 
ATOM   277  O O   . ASP A 1 38  ? -11.301 -1.233  -7.359  1.00 37.14 ? 37  ASP A O   1 
ATOM   278  C CB  . ASP A 1 38  ? -9.121  0.514   -8.775  1.00 40.30 ? 37  ASP A CB  1 
ATOM   279  C CG  . ASP A 1 38  ? -7.971  0.661   -7.730  1.00 43.78 ? 37  ASP A CG  1 
ATOM   280  O OD1 . ASP A 1 38  ? -6.948  -0.041  -7.852  1.00 36.94 ? 37  ASP A OD1 1 
ATOM   281  O OD2 . ASP A 1 38  ? -8.114  1.483   -6.792  1.00 44.35 ? 37  ASP A OD2 1 
ATOM   282  N N   . PHE A 1 39  ? -9.495  -2.460  -6.933  1.00 35.86 ? 38  PHE A N   1 
ATOM   283  C CA  . PHE A 1 39  ? -9.819  -2.792  -5.560  1.00 34.40 ? 38  PHE A CA  1 
ATOM   284  C C   . PHE A 1 39  ? -8.584  -2.570  -4.671  1.00 33.10 ? 38  PHE A C   1 
ATOM   285  O O   . PHE A 1 39  ? -7.445  -2.736  -5.132  1.00 30.98 ? 38  PHE A O   1 
ATOM   286  C CB  . PHE A 1 39  ? -10.304 -4.250  -5.341  1.00 33.62 ? 38  PHE A CB  1 
ATOM   287  C CG  . PHE A 1 39  ? -9.246  -5.310  -5.506  1.00 37.71 ? 38  PHE A CG  1 
ATOM   288  C CD1 . PHE A 1 39  ? -8.327  -5.607  -4.476  1.00 35.55 ? 38  PHE A CD1 1 
ATOM   289  C CD2 . PHE A 1 39  ? -9.176  -6.064  -6.706  1.00 37.59 ? 38  PHE A CD2 1 
ATOM   290  C CE1 . PHE A 1 39  ? -7.362  -6.600  -4.610  1.00 39.09 ? 38  PHE A CE1 1 
ATOM   291  C CE2 . PHE A 1 39  ? -8.213  -7.057  -6.848  1.00 41.92 ? 38  PHE A CE2 1 
ATOM   292  C CZ  . PHE A 1 39  ? -7.307  -7.335  -5.808  1.00 40.34 ? 38  PHE A CZ  1 
ATOM   293  N N   . VAL A 1 40  ? -8.845  -2.294  -3.402  1.00 31.43 ? 39  VAL A N   1 
ATOM   294  C CA  . VAL A 1 40  ? -7.785  -2.220  -2.324  1.00 29.91 ? 39  VAL A CA  1 
ATOM   295  C C   . VAL A 1 40  ? -8.375  -2.872  -1.116  1.00 29.52 ? 39  VAL A C   1 
ATOM   296  O O   . VAL A 1 40  ? -9.433  -2.423  -0.659  1.00 30.95 ? 39  VAL A O   1 
ATOM   297  C CB  . VAL A 1 40  ? -7.363  -0.767  -1.973  1.00 28.60 ? 39  VAL A CB  1 
ATOM   298  C CG1 . VAL A 1 40  ? -6.230  -0.801  -0.932  1.00 29.13 ? 39  VAL A CG1 1 
ATOM   299  C CG2 . VAL A 1 40  ? -6.849  -0.002  -3.232  1.00 29.45 ? 39  VAL A CG2 1 
ATOM   300  N N   . VAL A 1 41  ? -7.762  -3.959  -0.652  1.00 28.15 ? 40  VAL A N   1 
ATOM   301  C CA  . VAL A 1 41  ? -8.207  -4.686  0.505   1.00 30.32 ? 40  VAL A CA  1 
ATOM   302  C C   . VAL A 1 41  ? -7.072  -4.941  1.481   1.00 30.16 ? 40  VAL A C   1 
ATOM   303  O O   . VAL A 1 41  ? -5.927  -5.087  1.052   1.00 32.85 ? 40  VAL A O   1 
ATOM   304  C CB  . VAL A 1 41  ? -8.829  -6.132  0.148   1.00 29.29 ? 40  VAL A CB  1 
ATOM   305  C CG1 . VAL A 1 41  ? -10.124 -5.953  -0.706  1.00 30.47 ? 40  VAL A CG1 1 
ATOM   306  C CG2 . VAL A 1 41  ? -7.797  -7.042  -0.532  1.00 31.09 ? 40  VAL A CG2 1 
ATOM   307  N N   . GLY A 1 42  ? -7.384  -5.077  2.772   1.00 29.90 ? 41  GLY A N   1 
ATOM   308  C CA  . GLY A 1 42  ? -6.339  -5.388  3.711   1.00 29.15 ? 41  GLY A CA  1 
ATOM   309  C C   . GLY A 1 42  ? -6.768  -5.194  5.130   1.00 29.29 ? 41  GLY A C   1 
ATOM   310  O O   . GLY A 1 42  ? -7.940  -5.011  5.378   1.00 30.25 ? 41  GLY A O   1 
ATOM   311  N N   . LEU A 1 43  ? -5.801  -5.213  6.055   1.00 27.33 ? 42  LEU A N   1 
ATOM   312  C CA  . LEU A 1 43  ? -6.109  -5.100  7.485   1.00 26.84 ? 42  LEU A CA  1 
ATOM   313  C C   . LEU A 1 43  ? -5.149  -4.113  8.058   1.00 25.69 ? 42  LEU A C   1 
ATOM   314  O O   . LEU A 1 43  ? -4.002  -4.019  7.576   1.00 25.57 ? 42  LEU A O   1 
ATOM   315  C CB  . LEU A 1 43  ? -5.802  -6.452  8.188   1.00 27.83 ? 42  LEU A CB  1 
ATOM   316  C CG  . LEU A 1 43  ? -6.825  -7.553  7.884   1.00 31.49 ? 42  LEU A CG  1 
ATOM   317  C CD1 . LEU A 1 43  ? -6.430  -8.992  8.542   1.00 29.70 ? 42  LEU A CD1 1 
ATOM   318  C CD2 . LEU A 1 43  ? -8.212  -7.000  8.393   1.00 31.67 ? 42  LEU A CD2 1 
ATOM   319  N N   . GLY A 1 44  ? -5.540  -3.427  9.153   1.00 26.32 ? 43  GLY A N   1 
ATOM   320  C CA  . GLY A 1 44  ? -4.626  -2.478  9.755   1.00 26.54 ? 43  GLY A CA  1 
ATOM   321  C C   . GLY A 1 44  ? -5.302  -1.727  10.898  1.00 28.78 ? 43  GLY A C   1 
ATOM   322  O O   . GLY A 1 44  ? -6.017  -2.373  11.745  1.00 28.29 ? 43  GLY A O   1 
ATOM   323  N N   . TRP A 1 45  ? -5.077  -0.411  10.948  1.00 26.32 ? 44  TRP A N   1 
ATOM   324  C CA  . TRP A 1 45  ? -5.369  0.403   12.122  1.00 27.92 ? 44  TRP A CA  1 
ATOM   325  C C   . TRP A 1 45  ? -6.107  1.656   11.671  1.00 29.94 ? 44  TRP A C   1 
ATOM   326  O O   . TRP A 1 45  ? -5.772  2.227   10.611  1.00 28.51 ? 44  TRP A O   1 
ATOM   327  C CB  . TRP A 1 45  ? -4.044  0.824   12.819  1.00 30.40 ? 44  TRP A CB  1 
ATOM   328  C CG  . TRP A 1 45  ? -3.301  -0.411  13.209  1.00 32.43 ? 44  TRP A CG  1 
ATOM   329  C CD1 . TRP A 1 45  ? -3.513  -1.153  14.336  1.00 34.56 ? 44  TRP A CD1 1 
ATOM   330  C CD2 . TRP A 1 45  ? -2.357  -1.124  12.411  1.00 30.67 ? 44  TRP A CD2 1 
ATOM   331  N NE1 . TRP A 1 45  ? -2.697  -2.276  14.305  1.00 32.91 ? 44  TRP A NE1 1 
ATOM   332  C CE2 . TRP A 1 45  ? -1.989  -2.289  13.135  1.00 36.36 ? 44  TRP A CE2 1 
ATOM   333  C CE3 . TRP A 1 45  ? -1.741  -0.878  11.167  1.00 33.10 ? 44  TRP A CE3 1 
ATOM   334  C CZ2 . TRP A 1 45  ? -1.055  -3.225  12.641  1.00 34.99 ? 44  TRP A CZ2 1 
ATOM   335  C CZ3 . TRP A 1 45  ? -0.823  -1.818  10.661  1.00 34.24 ? 44  TRP A CZ3 1 
ATOM   336  C CH2 . TRP A 1 45  ? -0.505  -3.005  11.401  1.00 35.04 ? 44  TRP A CH2 1 
ATOM   337  N N   . THR A 1 46  ? -7.064  2.146   12.480  1.00 30.00 ? 45  THR A N   1 
ATOM   338  C CA  . THR A 1 46  ? -7.818  3.354   12.100  1.00 29.56 ? 45  THR A CA  1 
ATOM   339  C C   . THR A 1 46  ? -6.960  4.556   12.131  1.00 28.58 ? 45  THR A C   1 
ATOM   340  O O   . THR A 1 46  ? -7.243  5.541   11.376  1.00 31.19 ? 45  THR A O   1 
ATOM   341  C CB  . THR A 1 46  ? -9.027  3.593   13.092  1.00 30.94 ? 45  THR A CB  1 
ATOM   342  O OG1 . THR A 1 46  ? -8.486  3.498   14.411  1.00 33.44 ? 45  THR A OG1 1 
ATOM   343  C CG2 . THR A 1 46  ? -10.061 2.476   12.929  1.00 32.78 ? 45  THR A CG2 1 
ATOM   344  N N   . THR A 1 47  ? -5.890  4.545   12.904  1.00 29.56 ? 46  THR A N   1 
ATOM   345  C CA  . THR A 1 47  ? -4.913  5.629   12.877  1.00 31.83 ? 46  THR A CA  1 
ATOM   346  C C   . THR A 1 47  ? -3.500  5.122   12.607  1.00 32.80 ? 46  THR A C   1 
ATOM   347  O O   . THR A 1 47  ? -3.018  4.301   13.339  1.00 32.31 ? 46  THR A O   1 
ATOM   348  C CB  . THR A 1 47  ? -4.871  6.403   14.267  1.00 33.36 ? 46  THR A CB  1 
ATOM   349  O OG1 . THR A 1 47  ? -6.158  6.960   14.485  1.00 35.77 ? 46  THR A OG1 1 
ATOM   350  C CG2 . THR A 1 47  ? -3.957  7.580   14.185  1.00 34.20 ? 46  THR A CG2 1 
ATOM   351  N N   . GLY A 1 48  ? -2.850  5.672   11.567  1.00 31.30 ? 47  GLY A N   1 
ATOM   352  C CA  . GLY A 1 48  ? -1.515  5.299   11.185  1.00 30.98 ? 47  GLY A CA  1 
ATOM   353  C C   . GLY A 1 48  ? -0.458  5.751   12.180  1.00 33.32 ? 47  GLY A C   1 
ATOM   354  O O   . GLY A 1 48  ? -0.725  6.644   13.074  1.00 30.62 ? 47  GLY A O   1 
ATOM   355  N N   . SER A 1 49  ? 0.698   5.085   12.157  1.00 31.81 ? 48  SER A N   1 
ATOM   356  C CA  . SER A 1 49  ? 1.802   5.626   12.920  1.00 33.31 ? 48  SER A CA  1 
ATOM   357  C C   . SER A 1 49  ? 3.090   5.228   12.250  1.00 32.32 ? 48  SER A C   1 
ATOM   358  O O   . SER A 1 49  ? 3.080   4.558   11.207  1.00 29.67 ? 48  SER A O   1 
ATOM   359  C CB  . SER A 1 49  ? 1.837   5.086   14.368  1.00 34.08 ? 48  SER A CB  1 
ATOM   360  O OG  . SER A 1 49  ? 2.174   3.726   14.274  1.00 36.66 ? 48  SER A OG  1 
ATOM   361  N N   . SER A 1 50  ? 4.220   5.614   12.848  1.00 30.31 ? 49  SER A N   1 
ATOM   362  C CA  . SER A 1 50  ? 5.442   5.249   12.189  1.00 31.29 ? 49  SER A CA  1 
ATOM   363  C C   . SER A 1 50  ? 5.965   3.933   12.798  1.00 32.14 ? 49  SER A C   1 
ATOM   364  O O   . SER A 1 50  ? 7.096   3.602   12.523  1.00 32.88 ? 49  SER A O   1 
ATOM   365  C CB  . SER A 1 50  ? 6.479   6.389   12.343  1.00 33.89 ? 49  SER A CB  1 
ATOM   366  O OG  . SER A 1 50  ? 6.766   6.541   13.736  1.00 34.57 ? 49  SER A OG  1 
ATOM   367  N N   . ASN A 1 51  ? 5.181   3.134   13.533  1.00 31.52 ? 50  ASN A N   1 
ATOM   368  C CA  . ASN A 1 51  ? 5.746   1.798   14.011  1.00 34.65 ? 50  ASN A CA  1 
ATOM   369  C C   . ASN A 1 51  ? 6.073   0.846   12.888  1.00 34.22 ? 50  ASN A C   1 
ATOM   370  O O   . ASN A 1 51  ? 5.399   0.897   11.848  1.00 32.06 ? 50  ASN A O   1 
ATOM   371  C CB  . ASN A 1 51  ? 4.761   1.081   14.920  1.00 37.15 ? 50  ASN A CB  1 
ATOM   372  C CG  . ASN A 1 51  ? 4.597   1.820   16.255  1.00 42.73 ? 50  ASN A CG  1 
ATOM   373  O OD1 . ASN A 1 51  ? 5.440   2.636   16.647  1.00 47.25 ? 50  ASN A OD1 1 
ATOM   374  N ND2 . ASN A 1 51  ? 3.484   1.604   16.894  1.00 49.24 ? 50  ASN A ND2 1 
ATOM   375  N N   . ALA A 1 52  ? 7.066   -0.007  13.079  1.00 31.45 ? 51  ALA A N   1 
ATOM   376  C CA  . ALA A 1 52  ? 7.406   -1.049  12.073  1.00 31.55 ? 51  ALA A CA  1 
ATOM   377  C C   . ALA A 1 52  ? 6.288   -2.056  11.909  1.00 31.43 ? 51  ALA A C   1 
ATOM   378  O O   . ALA A 1 52  ? 5.572   -2.335  12.854  1.00 31.06 ? 51  ALA A O   1 
ATOM   379  C CB  . ALA A 1 52  ? 8.656   -1.795  12.432  1.00 32.14 ? 51  ALA A CB  1 
ATOM   380  N N   . ILE A 1 53  ? 6.113   -2.549  10.694  1.00 30.05 ? 52  ILE A N   1 
ATOM   381  C CA  . ILE A 1 53  ? 5.122   -3.564  10.399  1.00 31.76 ? 52  ILE A CA  1 
ATOM   382  C C   . ILE A 1 53  ? 5.852   -4.771  9.914   1.00 33.34 ? 52  ILE A C   1 
ATOM   383  O O   . ILE A 1 53  ? 6.615   -4.679  8.953   1.00 34.24 ? 52  ILE A O   1 
ATOM   384  C CB  . ILE A 1 53  ? 4.135   -3.132  9.303   1.00 32.49 ? 52  ILE A CB  1 
ATOM   385  C CG1 . ILE A 1 53  ? 3.403   -1.863  9.790   1.00 32.03 ? 52  ILE A CG1 1 
ATOM   386  C CG2 . ILE A 1 53  ? 3.233   -4.377  8.912   1.00 33.23 ? 52  ILE A CG2 1 
ATOM   387  C CD1 . ILE A 1 53  ? 2.607   -1.131  8.799   1.00 29.16 ? 52  ILE A CD1 1 
ATOM   388  N N   . THR A 1 54  ? 5.571   -5.933  10.510  1.00 34.61 ? 53  THR A N   1 
ATOM   389  C CA  . THR A 1 54  ? 6.140   -7.209  9.955   1.00 35.78 ? 53  THR A CA  1 
ATOM   390  C C   . THR A 1 54  ? 5.039   -8.053  9.307   1.00 35.54 ? 53  THR A C   1 
ATOM   391  O O   . THR A 1 54  ? 3.954   -8.199  9.874   1.00 36.26 ? 53  THR A O   1 
ATOM   392  C CB  . THR A 1 54  ? 6.757   -8.009  11.125  1.00 36.01 ? 53  THR A CB  1 
ATOM   393  O OG1 . THR A 1 54  ? 7.767   -7.191  11.671  1.00 38.81 ? 53  THR A OG1 1 
ATOM   394  C CG2 . THR A 1 54  ? 7.409   -9.421  10.672  1.00 38.09 ? 53  THR A CG2 1 
ATOM   395  N N   . TYR A 1 55  ? 5.301   -8.607  8.139   1.00 35.46 ? 54  TYR A N   1 
ATOM   396  C CA  . TYR A 1 55  ? 4.284   -9.357  7.444   1.00 35.53 ? 54  TYR A CA  1 
ATOM   397  C C   . TYR A 1 55  ? 4.954   -10.585 6.811   1.00 38.88 ? 54  TYR A C   1 
ATOM   398  O O   . TYR A 1 55  ? 6.169   -10.603 6.608   1.00 36.82 ? 54  TYR A O   1 
ATOM   399  C CB  . TYR A 1 55  ? 3.609   -8.489  6.360   1.00 33.12 ? 54  TYR A CB  1 
ATOM   400  C CG  . TYR A 1 55  ? 4.578   -8.144  5.255   1.00 32.14 ? 54  TYR A CG  1 
ATOM   401  C CD1 . TYR A 1 55  ? 5.599   -7.187  5.455   1.00 33.63 ? 54  TYR A CD1 1 
ATOM   402  C CD2 . TYR A 1 55  ? 4.564   -8.849  4.052   1.00 33.01 ? 54  TYR A CD2 1 
ATOM   403  C CE1 . TYR A 1 55  ? 6.544   -6.918  4.429   1.00 29.34 ? 54  TYR A CE1 1 
ATOM   404  C CE2 . TYR A 1 55  ? 5.498   -8.589  3.052   1.00 36.88 ? 54  TYR A CE2 1 
ATOM   405  C CZ  . TYR A 1 55  ? 6.501   -7.633  3.263   1.00 35.39 ? 54  TYR A CZ  1 
ATOM   406  O OH  . TYR A 1 55  ? 7.413   -7.365  2.263   1.00 34.41 ? 54  TYR A OH  1 
ATOM   407  N N   . SER A 1 56  ? 4.093   -11.514 6.379   1.00 39.70 ? 55  SER A N   1 
ATOM   408  C CA  . SER A 1 56  ? 4.449   -12.656 5.632   1.00 41.86 ? 55  SER A CA  1 
ATOM   409  C C   . SER A 1 56  ? 3.370   -12.914 4.564   1.00 42.05 ? 55  SER A C   1 
ATOM   410  O O   . SER A 1 56  ? 2.199   -12.938 4.876   1.00 42.63 ? 55  SER A O   1 
ATOM   411  C CB  . SER A 1 56  ? 4.453   -13.799 6.647   1.00 42.70 ? 55  SER A CB  1 
ATOM   412  O OG  . SER A 1 56  ? 5.231   -14.749 6.043   1.00 48.78 ? 55  SER A OG  1 
ATOM   413  N N   . ALA A 1 57  ? 3.707   -13.108 3.307   1.00 43.53 ? 56  ALA A N   1 
ATOM   414  C CA  . ALA A 1 57  ? 2.630   -13.262 2.316   1.00 44.69 ? 56  ALA A CA  1 
ATOM   415  C C   . ALA A 1 57  ? 2.962   -14.333 1.263   1.00 46.86 ? 56  ALA A C   1 
ATOM   416  O O   . ALA A 1 57  ? 4.111   -14.683 1.089   1.00 45.79 ? 56  ALA A O   1 
ATOM   417  C CB  . ALA A 1 57  ? 2.397   -11.910 1.590   1.00 44.35 ? 56  ALA A CB  1 
ATOM   418  N N   . GLU A 1 58  ? 1.942   -14.817 0.555   1.00 47.96 ? 57  GLU A N   1 
ATOM   419  C CA  . GLU A 1 58  ? 2.152   -15.449 -0.745  1.00 50.07 ? 57  GLU A CA  1 
ATOM   420  C C   . GLU A 1 58  ? 1.444   -14.546 -1.646  1.00 49.20 ? 57  GLU A C   1 
ATOM   421  O O   . GLU A 1 58  ? 0.281   -14.162 -1.394  1.00 49.43 ? 57  GLU A O   1 
ATOM   422  C CB  . GLU A 1 58  ? 1.463   -16.804 -0.845  1.00 51.07 ? 57  GLU A CB  1 
ATOM   423  C CG  . GLU A 1 58  ? 2.043   -17.850 0.058   1.00 60.37 ? 57  GLU A CG  1 
ATOM   424  C CD  . GLU A 1 58  ? 1.016   -18.957 0.294   1.00 72.08 ? 57  GLU A CD  1 
ATOM   425  O OE1 . GLU A 1 58  ? 0.050   -19.135 -0.530  1.00 75.67 ? 57  GLU A OE1 1 
ATOM   426  O OE2 . GLU A 1 58  ? 1.176   -19.651 1.318   1.00 76.47 ? 57  GLU A OE2 1 
ATOM   427  N N   . TYR A 1 59  ? 2.112   -14.200 -2.714  1.00 48.36 ? 58  TYR A N   1 
ATOM   428  C CA  . TYR A 1 59  ? 1.620   -13.154 -3.532  1.00 48.53 ? 58  TYR A CA  1 
ATOM   429  C C   . TYR A 1 59  ? 1.971   -13.560 -4.915  1.00 50.25 ? 58  TYR A C   1 
ATOM   430  O O   . TYR A 1 59  ? 3.135   -13.780 -5.211  1.00 50.05 ? 58  TYR A O   1 
ATOM   431  C CB  . TYR A 1 59  ? 2.314   -11.805 -3.161  1.00 46.47 ? 58  TYR A CB  1 
ATOM   432  C CG  . TYR A 1 59  ? 1.971   -10.623 -4.057  1.00 41.00 ? 58  TYR A CG  1 
ATOM   433  C CD1 . TYR A 1 59  ? 0.682   -10.081 -4.060  1.00 36.48 ? 58  TYR A CD1 1 
ATOM   434  C CD2 . TYR A 1 59  ? 2.937   -10.027 -4.861  1.00 39.56 ? 58  TYR A CD2 1 
ATOM   435  C CE1 . TYR A 1 59  ? 0.351   -8.996  -4.886  1.00 35.19 ? 58  TYR A CE1 1 
ATOM   436  C CE2 . TYR A 1 59  ? 2.639   -8.914  -5.652  1.00 40.52 ? 58  TYR A CE2 1 
ATOM   437  C CZ  . TYR A 1 59  ? 1.314   -8.404  -5.653  1.00 36.09 ? 58  TYR A CZ  1 
ATOM   438  O OH  . TYR A 1 59  ? 1.004   -7.309  -6.420  1.00 39.67 ? 58  TYR A OH  1 
ATOM   439  N N   . SER A 1 60  ? 0.975   -13.628 -5.786  1.00 52.69 ? 59  SER A N   1 
ATOM   440  C CA  . SER A 1 60  ? 1.233   -14.100 -7.132  1.00 54.22 ? 59  SER A CA  1 
ATOM   441  C C   . SER A 1 60  ? 0.489   -13.205 -8.116  1.00 52.82 ? 59  SER A C   1 
ATOM   442  O O   . SER A 1 60  ? -0.713  -13.290 -8.249  1.00 53.44 ? 59  SER A O   1 
ATOM   443  C CB  . SER A 1 60  ? 0.831   -15.602 -7.195  1.00 55.11 ? 59  SER A CB  1 
ATOM   444  O OG  . SER A 1 60  ? 1.044   -16.075 -8.492  1.00 59.58 ? 59  SER A OG  1 
ATOM   445  N N   . ALA A 1 61  ? 1.189   -12.323 -8.788  1.00 52.40 ? 60  ALA A N   1 
ATOM   446  C CA  . ALA A 1 61  ? 0.487   -11.324 -9.581  1.00 54.03 ? 60  ALA A CA  1 
ATOM   447  C C   . ALA A 1 61  ? 1.279   -10.877 -10.758 1.00 54.36 ? 60  ALA A C   1 
ATOM   448  O O   . ALA A 1 61  ? 1.162   -9.727  -11.204 1.00 53.13 ? 60  ALA A O   1 
ATOM   449  C CB  . ALA A 1 61  ? 0.131   -10.082 -8.711  1.00 54.02 ? 60  ALA A CB  1 
ATOM   450  N N   . SER A 1 62  ? 2.129   -11.761 -11.257 1.00 56.69 ? 61  SER A N   1 
ATOM   451  C CA  . SER A 1 62  ? 2.951   -11.346 -12.386 1.00 58.86 ? 61  SER A CA  1 
ATOM   452  C C   . SER A 1 62  ? 2.092   -10.967 -13.636 1.00 58.69 ? 61  SER A C   1 
ATOM   453  O O   . SER A 1 62  ? 2.450   -10.013 -14.342 1.00 60.77 ? 61  SER A O   1 
ATOM   454  C CB  . SER A 1 62  ? 4.046   -12.370 -12.659 1.00 60.20 ? 61  SER A CB  1 
ATOM   455  O OG  . SER A 1 62  ? 3.411   -13.603 -12.865 1.00 63.28 ? 61  SER A OG  1 
ATOM   456  N N   . GLY A 1 63  ? 0.925   -11.575 -13.861 1.00 57.71 ? 62  GLY A N   1 
ATOM   457  C CA  . GLY A 1 63  ? 0.048   -11.075 -14.970 1.00 57.45 ? 62  GLY A CA  1 
ATOM   458  C C   . GLY A 1 63  ? -0.810  -9.802  -14.726 1.00 57.00 ? 62  GLY A C   1 
ATOM   459  O O   . GLY A 1 63  ? -1.565  -9.331  -15.640 1.00 56.83 ? 62  GLY A O   1 
ATOM   460  N N   . SER A 1 64  ? -0.656  -9.206  -13.521 1.00 54.21 ? 63  SER A N   1 
ATOM   461  C CA  . SER A 1 64  ? -1.582  -8.189  -12.943 1.00 50.95 ? 63  SER A CA  1 
ATOM   462  C C   . SER A 1 64  ? -0.962  -6.783  -12.678 1.00 48.53 ? 63  SER A C   1 
ATOM   463  O O   . SER A 1 64  ? 0.198   -6.693  -12.312 1.00 47.66 ? 63  SER A O   1 
ATOM   464  C CB  . SER A 1 64  ? -2.124  -8.733  -11.636 1.00 50.65 ? 63  SER A CB  1 
ATOM   465  O OG  . SER A 1 64  ? -3.345  -8.071  -11.324 1.00 52.02 ? 63  SER A OG  1 
ATOM   466  N N   . SER A 1 65  ? -1.719  -5.708  -12.942 1.00 45.85 ? 64  SER A N   1 
ATOM   467  C CA  . SER A 1 65  ? -1.358  -4.415  -12.432 1.00 44.54 ? 64  SER A CA  1 
ATOM   468  C C   . SER A 1 65  ? -1.846  -4.392  -10.923 1.00 43.50 ? 64  SER A C   1 
ATOM   469  O O   . SER A 1 65  ? -3.050  -4.144  -10.637 1.00 42.26 ? 64  SER A O   1 
ATOM   470  C CB  . SER A 1 65  ? -2.013  -3.310  -13.246 1.00 45.37 ? 64  SER A CB  1 
ATOM   471  O OG  . SER A 1 65  ? -1.686  -3.424  -14.608 1.00 44.23 ? 64  SER A OG  1 
ATOM   472  N N   . SER A 1 66  ? -0.899  -4.661  -10.024 1.00 40.50 ? 65  SER A N   1 
ATOM   473  C CA  . SER A 1 66  ? -1.162  -4.943  -8.641  1.00 40.38 ? 65  SER A CA  1 
ATOM   474  C C   . SER A 1 66  ? 0.050   -4.525  -7.744  1.00 39.58 ? 65  SER A C   1 
ATOM   475  O O   . SER A 1 66  ? 1.180   -4.374  -8.255  1.00 39.17 ? 65  SER A O   1 
ATOM   476  C CB  . SER A 1 66  ? -1.344  -6.463  -8.529  1.00 40.31 ? 65  SER A CB  1 
ATOM   477  O OG  . SER A 1 66  ? -1.522  -6.874  -7.199  1.00 42.64 ? 65  SER A OG  1 
ATOM   478  N N   . TYR A 1 67  ? -0.198  -4.353  -6.429  1.00 36.16 ? 66  TYR A N   1 
ATOM   479  C CA  . TYR A 1 67  ? 0.832   -4.023  -5.429  1.00 33.81 ? 66  TYR A CA  1 
ATOM   480  C C   . TYR A 1 67  ? 0.524   -4.808  -4.185  1.00 32.21 ? 66  TYR A C   1 
ATOM   481  O O   . TYR A 1 67  ? -0.649  -5.043  -3.854  1.00 32.82 ? 66  TYR A O   1 
ATOM   482  C CB  . TYR A 1 67  ? 0.748   -2.546  -5.004  1.00 34.41 ? 66  TYR A CB  1 
ATOM   483  C CG  . TYR A 1 67  ? 0.754   -1.498  -6.091  1.00 32.27 ? 66  TYR A CG  1 
ATOM   484  C CD1 . TYR A 1 67  ? 1.792   -1.448  -7.026  1.00 34.98 ? 66  TYR A CD1 1 
ATOM   485  C CD2 . TYR A 1 67  ? -0.246  -0.581  -6.172  1.00 28.69 ? 66  TYR A CD2 1 
ATOM   486  C CE1 . TYR A 1 67  ? 1.811   -0.492  -8.011  1.00 36.35 ? 66  TYR A CE1 1 
ATOM   487  C CE2 . TYR A 1 67  ? -0.267  0.399   -7.133  1.00 35.14 ? 66  TYR A CE2 1 
ATOM   488  C CZ  . TYR A 1 67  ? 0.807   0.437   -8.051  1.00 39.12 ? 66  TYR A CZ  1 
ATOM   489  O OH  . TYR A 1 67  ? 0.841   1.388   -9.013  1.00 41.04 ? 66  TYR A OH  1 
ATOM   490  N N   . LEU A 1 68  ? 1.591   -5.235  -3.507  1.00 31.71 ? 67  LEU A N   1 
ATOM   491  C CA  . LEU A 1 68  ? 1.574   -5.681  -2.147  1.00 31.71 ? 67  LEU A CA  1 
ATOM   492  C C   . LEU A 1 68  ? 2.269   -4.551  -1.346  1.00 32.01 ? 67  LEU A C   1 
ATOM   493  O O   . LEU A 1 68  ? 3.514   -4.374  -1.507  1.00 31.55 ? 67  LEU A O   1 
ATOM   494  C CB  . LEU A 1 68  ? 2.420   -6.968  -2.000  1.00 32.60 ? 67  LEU A CB  1 
ATOM   495  C CG  . LEU A 1 68  ? 2.580   -7.484  -0.604  1.00 32.25 ? 67  LEU A CG  1 
ATOM   496  C CD1 . LEU A 1 68  ? 1.257   -7.912  0.049   1.00 32.85 ? 67  LEU A CD1 1 
ATOM   497  C CD2 . LEU A 1 68  ? 3.620   -8.575  -0.531  1.00 34.21 ? 67  LEU A CD2 1 
ATOM   498  N N   . ALA A 1 69  ? 1.510   -3.818  -0.491  1.00 28.95 ? 68  ALA A N   1 
ATOM   499  C CA  . ALA A 1 69  ? 2.037   -2.556  0.031   1.00 28.98 ? 68  ALA A CA  1 
ATOM   500  C C   . ALA A 1 69  ? 1.514   -2.223  1.407   1.00 28.31 ? 68  ALA A C   1 
ATOM   501  O O   . ALA A 1 69  ? 0.381   -2.654  1.810   1.00 29.09 ? 68  ALA A O   1 
ATOM   502  C CB  . ALA A 1 69  ? 1.720   -1.391  -0.924  1.00 25.61 ? 68  ALA A CB  1 
ATOM   503  N N   . VAL A 1 70  ? 2.329   -1.449  2.116   1.00 26.05 ? 69  VAL A N   1 
ATOM   504  C CA  . VAL A 1 70  ? 1.834   -0.679  3.261   1.00 25.85 ? 69  VAL A CA  1 
ATOM   505  C C   . VAL A 1 70  ? 1.133   0.503   2.614   1.00 25.39 ? 69  VAL A C   1 
ATOM   506  O O   . VAL A 1 70  ? 1.698   1.138   1.700   1.00 27.79 ? 69  VAL A O   1 
ATOM   507  C CB  . VAL A 1 70  ? 2.988   -0.187  4.148   1.00 24.91 ? 69  VAL A CB  1 
ATOM   508  C CG1 . VAL A 1 70  ? 2.367   0.672   5.332   1.00 22.30 ? 69  VAL A CG1 1 
ATOM   509  C CG2 . VAL A 1 70  ? 3.695   -1.506  4.815   1.00 24.88 ? 69  VAL A CG2 1 
ATOM   510  N N   . TYR A 1 71  ? -0.094  0.773   3.015   1.00 24.52 ? 70  TYR A N   1 
ATOM   511  C CA  . TYR A 1 71  ? -0.940  1.725   2.308   1.00 23.94 ? 70  TYR A CA  1 
ATOM   512  C C   . TYR A 1 71  ? -1.670  2.608   3.405   1.00 25.49 ? 70  TYR A C   1 
ATOM   513  O O   . TYR A 1 71  ? -2.074  2.045   4.443   1.00 26.62 ? 70  TYR A O   1 
ATOM   514  C CB  . TYR A 1 71  ? -1.946  0.930   1.474   1.00 22.54 ? 70  TYR A CB  1 
ATOM   515  C CG  . TYR A 1 71  ? -3.022  1.853   0.802   1.00 24.94 ? 70  TYR A CG  1 
ATOM   516  C CD1 . TYR A 1 71  ? -2.683  2.723   -0.246  1.00 24.65 ? 70  TYR A CD1 1 
ATOM   517  C CD2 . TYR A 1 71  ? -4.330  1.874   1.274   1.00 27.01 ? 70  TYR A CD2 1 
ATOM   518  C CE1 . TYR A 1 71  ? -3.609  3.551   -0.864  1.00 26.23 ? 70  TYR A CE1 1 
ATOM   519  C CE2 . TYR A 1 71  ? -5.286  2.703   0.626   1.00 27.85 ? 70  TYR A CE2 1 
ATOM   520  C CZ  . TYR A 1 71  ? -4.897  3.527   -0.401  1.00 26.00 ? 70  TYR A CZ  1 
ATOM   521  O OH  . TYR A 1 71  ? -5.840  4.354   -0.915  1.00 26.53 ? 70  TYR A OH  1 
ATOM   522  N N   . GLY A 1 72  ? -1.810  3.927   3.211   1.00 22.94 ? 71  GLY A N   1 
ATOM   523  C CA  . GLY A 1 72  ? -2.646  4.714   4.101   1.00 24.62 ? 71  GLY A CA  1 
ATOM   524  C C   . GLY A 1 72  ? -2.736  6.184   3.676   1.00 25.09 ? 71  GLY A C   1 
ATOM   525  O O   . GLY A 1 72  ? -2.327  6.537   2.568   1.00 24.00 ? 71  GLY A O   1 
ATOM   526  N N   . TRP A 1 73  ? -3.300  7.032   4.550   1.00 24.85 ? 72  TRP A N   1 
ATOM   527  C CA  . TRP A 1 73  ? -3.587  8.396   4.199   1.00 26.48 ? 72  TRP A CA  1 
ATOM   528  C C   . TRP A 1 73  ? -3.120  9.304   5.319   1.00 28.60 ? 72  TRP A C   1 
ATOM   529  O O   . TRP A 1 73  ? -3.061  8.893   6.494   1.00 28.28 ? 72  TRP A O   1 
ATOM   530  C CB  . TRP A 1 73  ? -5.089  8.542   4.035   1.00 24.92 ? 72  TRP A CB  1 
ATOM   531  C CG  . TRP A 1 73  ? -5.619  7.981   2.720   1.00 26.97 ? 72  TRP A CG  1 
ATOM   532  C CD1 . TRP A 1 73  ? -5.976  6.688   2.431   1.00 27.68 ? 72  TRP A CD1 1 
ATOM   533  C CD2 . TRP A 1 73  ? -5.880  8.737   1.539   1.00 26.63 ? 72  TRP A CD2 1 
ATOM   534  N NE1 . TRP A 1 73  ? -6.381  6.583   1.111   1.00 29.16 ? 72  TRP A NE1 1 
ATOM   535  C CE2 . TRP A 1 73  ? -6.362  7.837   0.554   1.00 30.51 ? 72  TRP A CE2 1 
ATOM   536  C CE3 . TRP A 1 73  ? -5.765  10.114  1.217   1.00 29.71 ? 72  TRP A CE3 1 
ATOM   537  C CZ2 . TRP A 1 73  ? -6.726  8.261   -0.746  1.00 31.22 ? 72  TRP A CZ2 1 
ATOM   538  C CZ3 . TRP A 1 73  ? -6.136  10.525  -0.068  1.00 28.03 ? 72  TRP A CZ3 1 
ATOM   539  C CH2 . TRP A 1 73  ? -6.602  9.607   -1.020  1.00 29.27 ? 72  TRP A CH2 1 
ATOM   540  N N   . VAL A 1 74  ? -2.851  10.553  4.929   1.00 28.66 ? 73  VAL A N   1 
ATOM   541  C CA  . VAL A 1 74  ? -2.613  11.625  5.846   1.00 28.62 ? 73  VAL A CA  1 
ATOM   542  C C   . VAL A 1 74  ? -3.783  12.609  5.570   1.00 29.12 ? 73  VAL A C   1 
ATOM   543  O O   . VAL A 1 74  ? -4.185  12.815  4.406   1.00 28.52 ? 73  VAL A O   1 
ATOM   544  C CB  . VAL A 1 74  ? -1.213  12.277  5.572   1.00 29.71 ? 73  VAL A CB  1 
ATOM   545  C CG1 . VAL A 1 74  ? -1.157  13.696  6.249   1.00 30.21 ? 73  VAL A CG1 1 
ATOM   546  C CG2 . VAL A 1 74  ? -0.140  11.400  6.202   1.00 29.65 ? 73  VAL A CG2 1 
ATOM   547  N N   . ASN A 1 75  ? -4.408  13.106  6.620   1.00 29.10 ? 74  ASN A N   1 
ATOM   548  C CA  . ASN A 1 75  ? -5.600  13.936  6.446   1.00 31.84 ? 74  ASN A CA  1 
ATOM   549  C C   . ASN A 1 75  ? -5.305  15.340  5.858   1.00 32.55 ? 74  ASN A C   1 
ATOM   550  O O   . ASN A 1 75  ? -6.083  15.847  5.018   1.00 30.47 ? 74  ASN A O   1 
ATOM   551  C CB  . ASN A 1 75  ? -6.247  14.208  7.827   1.00 33.95 ? 74  ASN A CB  1 
ATOM   552  C CG  . ASN A 1 75  ? -6.900  12.959  8.412   1.00 33.44 ? 74  ASN A CG  1 
ATOM   553  O OD1 . ASN A 1 75  ? -7.624  12.269  7.710   1.00 35.64 ? 74  ASN A OD1 1 
ATOM   554  N ND2 . ASN A 1 75  ? -6.593  12.659  9.625   1.00 29.13 ? 74  ASN A ND2 1 
ATOM   555  N N   . TYR A 1 76  ? -4.216  15.946  6.331   1.00 33.93 ? 75  TYR A N   1 
ATOM   556  C CA  . TYR A 1 76  ? -3.861  17.334  5.926   1.00 34.48 ? 75  TYR A CA  1 
ATOM   557  C C   . TYR A 1 76  ? -2.369  17.507  6.109   1.00 33.14 ? 75  TYR A C   1 
ATOM   558  O O   . TYR A 1 76  ? -1.882  17.169  7.171   1.00 35.38 ? 75  TYR A O   1 
ATOM   559  C CB  . TYR A 1 76  ? -4.602  18.457  6.749   1.00 36.83 ? 75  TYR A CB  1 
ATOM   560  C CG  . TYR A 1 76  ? -4.315  19.840  6.023   1.00 38.50 ? 75  TYR A CG  1 
ATOM   561  C CD1 . TYR A 1 76  ? -4.996  20.137  4.846   1.00 46.50 ? 75  TYR A CD1 1 
ATOM   562  C CD2 . TYR A 1 76  ? -3.305  20.717  6.440   1.00 44.84 ? 75  TYR A CD2 1 
ATOM   563  C CE1 . TYR A 1 76  ? -4.722  21.301  4.127   1.00 51.36 ? 75  TYR A CE1 1 
ATOM   564  C CE2 . TYR A 1 76  ? -3.036  21.915  5.733   1.00 46.86 ? 75  TYR A CE2 1 
ATOM   565  C CZ  . TYR A 1 76  ? -3.740  22.176  4.576   1.00 50.68 ? 75  TYR A CZ  1 
ATOM   566  O OH  . TYR A 1 76  ? -3.566  23.290  3.766   1.00 55.96 ? 75  TYR A OH  1 
ATOM   567  N N   . PRO A 1 77  ? -1.621  17.967  5.066   1.00 32.67 ? 76  PRO A N   1 
ATOM   568  C CA  . PRO A 1 77  ? -2.072  18.106  3.694   1.00 32.09 ? 76  PRO A CA  1 
ATOM   569  C C   . PRO A 1 77  ? -2.469  16.691  3.194   1.00 32.52 ? 76  PRO A C   1 
ATOM   570  O O   . PRO A 1 77  ? -1.777  15.708  3.529   1.00 31.74 ? 76  PRO A O   1 
ATOM   571  C CB  . PRO A 1 77  ? -0.805  18.497  2.916   1.00 33.94 ? 76  PRO A CB  1 
ATOM   572  C CG  . PRO A 1 77  ? 0.166   19.058  3.917   1.00 32.87 ? 76  PRO A CG  1 
ATOM   573  C CD  . PRO A 1 77  ? -0.213  18.405  5.250   1.00 33.87 ? 76  PRO A CD  1 
ATOM   574  N N   . GLN A 1 78  ? -3.534  16.609  2.386   1.00 32.39 ? 77  GLN A N   1 
ATOM   575  C CA  . GLN A 1 78  ? -4.129  15.336  2.021   1.00 32.78 ? 77  GLN A CA  1 
ATOM   576  C C   . GLN A 1 78  ? -3.199  14.545  1.153   1.00 32.74 ? 77  GLN A C   1 
ATOM   577  O O   . GLN A 1 78  ? -2.767  15.025  0.078   1.00 32.99 ? 77  GLN A O   1 
ATOM   578  C CB  . GLN A 1 78  ? -5.477  15.532  1.288   1.00 33.23 ? 77  GLN A CB  1 
ATOM   579  C CG  . GLN A 1 78  ? -6.275  14.218  1.301   1.00 33.75 ? 77  GLN A CG  1 
ATOM   580  C CD  . GLN A 1 78  ? -7.627  14.401  0.619   1.00 36.29 ? 77  GLN A CD  1 
ATOM   581  O OE1 . GLN A 1 78  ? -7.694  14.682  -0.545  1.00 40.85 ? 77  GLN A OE1 1 
ATOM   582  N NE2 . GLN A 1 78  ? -8.691  14.252  1.367   1.00 36.69 ? 77  GLN A NE2 1 
ATOM   583  N N   . ALA A 1 79  ? -2.874  13.307  1.583   1.00 30.42 ? 78  ALA A N   1 
ATOM   584  C CA  . ALA A 1 79  ? -1.871  12.509  0.829   1.00 29.53 ? 78  ALA A CA  1 
ATOM   585  C C   . ALA A 1 79  ? -2.183  11.026  1.010   1.00 28.95 ? 78  ALA A C   1 
ATOM   586  O O   . ALA A 1 79  ? -2.520  10.583  2.116   1.00 28.80 ? 78  ALA A O   1 
ATOM   587  C CB  . ALA A 1 79  ? -0.471  12.739  1.413   1.00 30.41 ? 78  ALA A CB  1 
ATOM   588  N N   . GLU A 1 80  ? -1.993  10.282  -0.058  1.00 27.49 ? 79  GLU A N   1 
ATOM   589  C CA  . GLU A 1 80  ? -2.178  8.819   -0.095  1.00 27.75 ? 79  GLU A CA  1 
ATOM   590  C C   . GLU A 1 80  ? -0.760  8.254   -0.232  1.00 27.77 ? 79  GLU A C   1 
ATOM   591  O O   . GLU A 1 80  ? 0.060   8.857   -0.934  1.00 30.31 ? 79  GLU A O   1 
ATOM   592  C CB  . GLU A 1 80  ? -3.042  8.462   -1.309  1.00 26.44 ? 79  GLU A CB  1 
ATOM   593  C CG  . GLU A 1 80  ? -3.231  6.996   -1.530  1.00 31.59 ? 79  GLU A CG  1 
ATOM   594  C CD  . GLU A 1 80  ? -4.029  6.703   -2.797  1.00 31.15 ? 79  GLU A CD  1 
ATOM   595  O OE1 . GLU A 1 80  ? -3.628  7.188   -3.860  1.00 29.75 ? 79  GLU A OE1 1 
ATOM   596  O OE2 . GLU A 1 80  ? -5.001  5.909   -2.717  1.00 29.31 ? 79  GLU A OE2 1 
ATOM   597  N N   . TYR A 1 81  ? -0.369  7.194   0.502   1.00 26.42 ? 80  TYR A N   1 
ATOM   598  C CA  . TYR A 1 81  ? 1.007   6.789   0.404   1.00 24.54 ? 80  TYR A CA  1 
ATOM   599  C C   . TYR A 1 81  ? 1.078   5.264   0.315   1.00 25.71 ? 80  TYR A C   1 
ATOM   600  O O   . TYR A 1 81  ? 0.149   4.562   0.733   1.00 23.78 ? 80  TYR A O   1 
ATOM   601  C CB  . TYR A 1 81  ? 1.843   7.315   1.571   1.00 25.34 ? 80  TYR A CB  1 
ATOM   602  C CG  . TYR A 1 81  ? 1.419   6.789   2.938   1.00 26.86 ? 80  TYR A CG  1 
ATOM   603  C CD1 . TYR A 1 81  ? 1.809   5.508   3.373   1.00 27.49 ? 80  TYR A CD1 1 
ATOM   604  C CD2 . TYR A 1 81  ? 0.622   7.579   3.791   1.00 25.15 ? 80  TYR A CD2 1 
ATOM   605  C CE1 . TYR A 1 81  ? 1.393   5.002   4.627   1.00 26.50 ? 80  TYR A CE1 1 
ATOM   606  C CE2 . TYR A 1 81  ? 0.204   7.105   5.048   1.00 24.98 ? 80  TYR A CE2 1 
ATOM   607  C CZ  . TYR A 1 81  ? 0.587   5.822   5.452   1.00 27.31 ? 80  TYR A CZ  1 
ATOM   608  O OH  . TYR A 1 81  ? 0.176   5.368   6.668   1.00 27.25 ? 80  TYR A OH  1 
ATOM   609  N N   . TYR A 1 82  ? 2.182   4.787   -0.264  1.00 23.42 ? 81  TYR A N   1 
ATOM   610  C CA  . TYR A 1 82  ? 2.418   3.376   -0.467  1.00 25.84 ? 81  TYR A CA  1 
ATOM   611  C C   . TYR A 1 82  ? 3.877   3.053   -0.188  1.00 24.52 ? 81  TYR A C   1 
ATOM   612  O O   . TYR A 1 82  ? 4.775   3.747   -0.670  1.00 26.07 ? 81  TYR A O   1 
ATOM   613  C CB  . TYR A 1 82  ? 2.219   3.031   -1.949  1.00 27.59 ? 81  TYR A CB  1 
ATOM   614  C CG  . TYR A 1 82  ? 0.804   3.032   -2.493  1.00 27.22 ? 81  TYR A CG  1 
ATOM   615  C CD1 . TYR A 1 82  ? 0.215   4.204   -2.961  1.00 26.82 ? 81  TYR A CD1 1 
ATOM   616  C CD2 . TYR A 1 82  ? 0.156   1.836   -2.688  1.00 28.43 ? 81  TYR A CD2 1 
ATOM   617  C CE1 . TYR A 1 82  ? -1.013  4.200   -3.572  1.00 27.59 ? 81  TYR A CE1 1 
ATOM   618  C CE2 . TYR A 1 82  ? -1.096  1.819   -3.282  1.00 28.88 ? 81  TYR A CE2 1 
ATOM   619  C CZ  . TYR A 1 82  ? -1.654  3.013   -3.770  1.00 30.45 ? 81  TYR A CZ  1 
ATOM   620  O OH  . TYR A 1 82  ? -2.917  2.968   -4.352  1.00 33.20 ? 81  TYR A OH  1 
ATOM   621  N N   . ILE A 1 83  ? 4.109   1.972   0.500   1.00 25.01 ? 82  ILE A N   1 
ATOM   622  C CA  . ILE A 1 83  ? 5.458   1.417   0.562   1.00 26.24 ? 82  ILE A CA  1 
ATOM   623  C C   . ILE A 1 83  ? 5.306   0.036   -0.105  1.00 26.60 ? 82  ILE A C   1 
ATOM   624  O O   . ILE A 1 83  ? 4.766   -0.944  0.469   1.00 25.91 ? 82  ILE A O   1 
ATOM   625  C CB  . ILE A 1 83  ? 6.000   1.249   1.988   1.00 26.87 ? 82  ILE A CB  1 
ATOM   626  C CG1 . ILE A 1 83  ? 6.017   2.633   2.684   1.00 24.47 ? 82  ILE A CG1 1 
ATOM   627  C CG2 . ILE A 1 83  ? 7.462   0.647   1.939   1.00 29.53 ? 82  ILE A CG2 1 
ATOM   628  C CD1 . ILE A 1 83  ? 6.046   2.460   4.304   1.00 22.83 ? 82  ILE A CD1 1 
ATOM   629  N N   . VAL A 1 84  ? 5.744   -0.003  -1.360  1.00 27.34 ? 83  VAL A N   1 
ATOM   630  C CA  . VAL A 1 84  ? 5.433   -1.189  -2.227  1.00 26.07 ? 83  VAL A CA  1 
ATOM   631  C C   . VAL A 1 84  ? 6.532   -2.263  -2.074  1.00 26.14 ? 83  VAL A C   1 
ATOM   632  O O   . VAL A 1 84  ? 7.670   -1.986  -2.401  1.00 26.35 ? 83  VAL A O   1 
ATOM   633  C CB  . VAL A 1 84  ? 5.301   -0.774  -3.677  1.00 26.37 ? 83  VAL A CB  1 
ATOM   634  C CG1 . VAL A 1 84  ? 4.950   -2.030  -4.577  1.00 30.48 ? 83  VAL A CG1 1 
ATOM   635  C CG2 . VAL A 1 84  ? 4.138   0.341   -3.856  1.00 27.66 ? 83  VAL A CG2 1 
ATOM   636  N N   . GLU A 1 85  ? 6.188   -3.420  -1.523  1.00 26.39 ? 84  GLU A N   1 
ATOM   637  C CA  . GLU A 1 85  ? 7.169   -4.483  -1.238  1.00 29.55 ? 84  GLU A CA  1 
ATOM   638  C C   . GLU A 1 85  ? 7.318   -5.403  -2.482  1.00 32.17 ? 84  GLU A C   1 
ATOM   639  O O   . GLU A 1 85  ? 8.444   -5.934  -2.759  1.00 31.82 ? 84  GLU A O   1 
ATOM   640  C CB  . GLU A 1 85  ? 6.674   -5.292  -0.050  1.00 28.48 ? 84  GLU A CB  1 
ATOM   641  C CG  . GLU A 1 85  ? 6.761   -4.440  1.282   1.00 27.32 ? 84  GLU A CG  1 
ATOM   642  C CD  . GLU A 1 85  ? 8.222   -4.170  1.632   1.00 27.34 ? 84  GLU A CD  1 
ATOM   643  O OE1 . GLU A 1 85  ? 8.836   -5.070  2.236   1.00 30.47 ? 84  GLU A OE1 1 
ATOM   644  O OE2 . GLU A 1 85  ? 8.742   -3.059  1.364   1.00 24.84 ? 84  GLU A OE2 1 
ATOM   645  N N   . ASP A 1 86  ? 6.209   -5.593  -3.188  1.00 33.20 ? 85  ASP A N   1 
ATOM   646  C CA  . ASP A 1 86  ? 6.229   -6.422  -4.432  1.00 35.15 ? 85  ASP A CA  1 
ATOM   647  C C   . ASP A 1 86  ? 5.102   -5.933  -5.270  1.00 37.34 ? 85  ASP A C   1 
ATOM   648  O O   . ASP A 1 86  ? 4.145   -5.262  -4.734  1.00 37.75 ? 85  ASP A O   1 
ATOM   649  C CB  . ASP A 1 86  ? 6.123   -7.913  -4.049  1.00 33.83 ? 85  ASP A CB  1 
ATOM   650  C CG  . ASP A 1 86  ? 6.596   -8.884  -5.254  1.00 38.33 ? 85  ASP A CG  1 
ATOM   651  O OD1 . ASP A 1 86  ? 6.951   -8.372  -6.320  1.00 33.82 ? 85  ASP A OD1 1 
ATOM   652  O OD2 . ASP A 1 86  ? 6.615   -10.098 -5.049  1.00 38.25 ? 85  ASP A OD2 1 
ATOM   653  N N   . TYR A 1 87  ? 5.200   -6.097  -6.591  1.00 37.99 ? 86  TYR A N   1 
ATOM   654  C CA  . TYR A 1 87  ? 4.135   -5.672  -7.485  1.00 38.72 ? 86  TYR A CA  1 
ATOM   655  C C   . TYR A 1 87  ? 4.123   -6.520  -8.803  1.00 41.61 ? 86  TYR A C   1 
ATOM   656  O O   . TYR A 1 87  ? 5.066   -7.270  -9.000  1.00 41.55 ? 86  TYR A O   1 
ATOM   657  C CB  . TYR A 1 87  ? 4.317   -4.207  -7.804  1.00 38.55 ? 86  TYR A CB  1 
ATOM   658  C CG  . TYR A 1 87  ? 5.685   -3.882  -8.355  1.00 42.96 ? 86  TYR A CG  1 
ATOM   659  C CD1 . TYR A 1 87  ? 6.768   -3.675  -7.504  1.00 44.38 ? 86  TYR A CD1 1 
ATOM   660  C CD2 . TYR A 1 87  ? 5.877   -3.767  -9.746  1.00 45.33 ? 86  TYR A CD2 1 
ATOM   661  C CE1 . TYR A 1 87  ? 8.019   -3.359  -8.023  1.00 47.31 ? 86  TYR A CE1 1 
ATOM   662  C CE2 . TYR A 1 87  ? 7.089   -3.479  -10.276 1.00 48.50 ? 86  TYR A CE2 1 
ATOM   663  C CZ  . TYR A 1 87  ? 8.158   -3.277  -9.421  1.00 47.88 ? 86  TYR A CZ  1 
ATOM   664  O OH  . TYR A 1 87  ? 9.368   -2.940  -9.951  1.00 47.15 ? 86  TYR A OH  1 
ATOM   665  N N   . GLY A 1 88  ? 3.148   -6.324  -9.701  1.00 44.05 ? 87  GLY A N   1 
ATOM   666  C CA  . GLY A 1 88  ? 3.079   -7.073  -10.994 1.00 45.89 ? 87  GLY A CA  1 
ATOM   667  C C   . GLY A 1 88  ? 3.720   -6.312  -12.141 1.00 47.44 ? 87  GLY A C   1 
ATOM   668  O O   . GLY A 1 88  ? 4.923   -6.006  -12.116 1.00 47.57 ? 87  GLY A O   1 
ATOM   669  N N   . ASP A 1 89  ? 2.902   -5.889  -13.105 1.00 49.15 ? 88  ASP A N   1 
ATOM   670  C CA  . ASP A 1 89  ? 3.454   -5.437  -14.379 1.00 50.76 ? 88  ASP A CA  1 
ATOM   671  C C   . ASP A 1 89  ? 3.588   -3.960  -14.440 1.00 50.33 ? 88  ASP A C   1 
ATOM   672  O O   . ASP A 1 89  ? 3.979   -3.443  -15.465 1.00 51.02 ? 88  ASP A O   1 
ATOM   673  C CB  . ASP A 1 89  ? 2.586   -5.962  -15.573 1.00 51.48 ? 88  ASP A CB  1 
ATOM   674  C CG  . ASP A 1 89  ? 1.138   -5.394  -15.584 1.00 55.01 ? 88  ASP A CG  1 
ATOM   675  O OD1 . ASP A 1 89  ? 0.899   -4.267  -15.104 1.00 56.81 ? 88  ASP A OD1 1 
ATOM   676  O OD2 . ASP A 1 89  ? 0.221   -6.083  -16.104 1.00 55.74 ? 88  ASP A OD2 1 
ATOM   677  N N   . TYR A 1 90  ? 3.227   -3.242  -13.377 1.00 48.89 ? 89  TYR A N   1 
ATOM   678  C CA  . TYR A 1 90  ? 3.240   -1.769  -13.473 1.00 47.44 ? 89  TYR A CA  1 
ATOM   679  C C   . TYR A 1 90  ? 4.017   -1.111  -12.323 1.00 47.28 ? 89  TYR A C   1 
ATOM   680  O O   . TYR A 1 90  ? 3.675   -1.279  -11.167 1.00 46.64 ? 89  TYR A O   1 
ATOM   681  C CB  . TYR A 1 90  ? 1.815   -1.246  -13.526 1.00 46.47 ? 89  TYR A CB  1 
ATOM   682  C CG  . TYR A 1 90  ? 1.739   0.259   -13.598 1.00 51.51 ? 89  TYR A CG  1 
ATOM   683  C CD1 . TYR A 1 90  ? 2.136   0.968   -14.751 1.00 56.00 ? 89  TYR A CD1 1 
ATOM   684  C CD2 . TYR A 1 90  ? 1.317   1.011   -12.479 1.00 51.00 ? 89  TYR A CD2 1 
ATOM   685  C CE1 . TYR A 1 90  ? 2.072   2.399   -14.791 1.00 56.54 ? 89  TYR A CE1 1 
ATOM   686  C CE2 . TYR A 1 90  ? 1.248   2.377   -12.517 1.00 52.44 ? 89  TYR A CE2 1 
ATOM   687  C CZ  . TYR A 1 90  ? 1.613   3.068   -13.655 1.00 55.22 ? 89  TYR A CZ  1 
ATOM   688  O OH  . TYR A 1 90  ? 1.534   4.417   -13.607 1.00 55.16 ? 89  TYR A OH  1 
ATOM   689  N N   . ASN A 1 91  ? 5.053   -0.373  -12.653 1.00 46.47 ? 90  ASN A N   1 
ATOM   690  C CA  . ASN A 1 91  ? 5.828   0.388   -11.694 1.00 47.22 ? 90  ASN A CA  1 
ATOM   691  C C   . ASN A 1 91  ? 5.375   1.847   -11.693 1.00 46.93 ? 90  ASN A C   1 
ATOM   692  O O   . ASN A 1 91  ? 5.579   2.566   -12.697 1.00 48.40 ? 90  ASN A O   1 
ATOM   693  C CB  . ASN A 1 91  ? 7.322   0.275   -11.987 1.00 46.27 ? 90  ASN A CB  1 
ATOM   694  C CG  . ASN A 1 91  ? 8.182   0.919   -10.903 1.00 48.93 ? 90  ASN A CG  1 
ATOM   695  O OD1 . ASN A 1 91  ? 7.859   1.972   -10.343 1.00 49.29 ? 90  ASN A OD1 1 
ATOM   696  N ND2 . ASN A 1 91  ? 9.283   0.279   -10.603 1.00 47.93 ? 90  ASN A ND2 1 
ATOM   697  N N   . PRO A 1 92  ? 4.734   2.315   -10.566 1.00 46.84 ? 91  PRO A N   1 
ATOM   698  C CA  . PRO A 1 92  ? 4.157   3.675   -10.529 1.00 47.70 ? 91  PRO A CA  1 
ATOM   699  C C   . PRO A 1 92  ? 5.223   4.760   -10.639 1.00 49.42 ? 91  PRO A C   1 
ATOM   700  O O   . PRO A 1 92  ? 4.898   5.868   -11.029 1.00 52.41 ? 91  PRO A O   1 
ATOM   701  C CB  . PRO A 1 92  ? 3.465   3.750   -9.139  1.00 48.24 ? 91  PRO A CB  1 
ATOM   702  C CG  . PRO A 1 92  ? 4.165   2.694   -8.318  1.00 47.20 ? 91  PRO A CG  1 
ATOM   703  C CD  . PRO A 1 92  ? 4.659   1.619   -9.263  1.00 46.63 ? 91  PRO A CD  1 
ATOM   704  N N   . CYS A 1 93  ? 6.483   4.463   -10.310 1.00 49.60 ? 92  CYS A N   1 
ATOM   705  C CA  . CYS A 1 93  ? 7.539   5.476   -10.365 1.00 50.96 ? 92  CYS A CA  1 
ATOM   706  C C   . CYS A 1 93  ? 8.127   5.709   -11.781 1.00 55.25 ? 92  CYS A C   1 
ATOM   707  O O   . CYS A 1 93  ? 8.700   6.791   -11.993 1.00 55.85 ? 92  CYS A O   1 
ATOM   708  C CB  . CYS A 1 93  ? 8.659   5.225   -9.343  1.00 49.63 ? 92  CYS A CB  1 
ATOM   709  S SG  . CYS A 1 93  ? 8.087   5.621   -7.645  1.00 41.59 ? 92  CYS A SG  1 
ATOM   710  N N   . SER A 1 94  ? 7.995   4.720   -12.698 1.00 57.38 ? 93  SER A N   1 
ATOM   711  C CA  . SER A 1 94  ? 8.280   4.905   -14.171 1.00 60.03 ? 93  SER A CA  1 
ATOM   712  C C   . SER A 1 94  ? 7.659   6.166   -14.684 1.00 60.35 ? 93  SER A C   1 
ATOM   713  O O   . SER A 1 94  ? 8.283   6.985   -15.341 1.00 60.64 ? 93  SER A O   1 
ATOM   714  C CB  . SER A 1 94  ? 7.644   3.779   -14.971 1.00 60.16 ? 93  SER A CB  1 
ATOM   715  O OG  . SER A 1 94  ? 8.444   2.641   -14.733 1.00 62.94 ? 93  SER A OG  1 
ATOM   716  N N   . SER A 1 95  ? 6.414   6.334   -14.320 1.00 61.23 ? 94  SER A N   1 
ATOM   717  C CA  . SER A 1 95  ? 5.693   7.419   -14.823 1.00 61.45 ? 94  SER A CA  1 
ATOM   718  C C   . SER A 1 95  ? 5.779   8.750   -13.982 1.00 60.44 ? 94  SER A C   1 
ATOM   719  O O   . SER A 1 95  ? 5.631   9.835   -14.573 1.00 60.97 ? 94  SER A O   1 
ATOM   720  C CB  . SER A 1 95  ? 4.276   6.903   -15.038 1.00 62.84 ? 94  SER A CB  1 
ATOM   721  O OG  . SER A 1 95  ? 3.440   7.969   -15.438 1.00 67.55 ? 94  SER A OG  1 
ATOM   722  N N   . ALA A 1 96  ? 6.063   8.705   -12.658 1.00 57.01 ? 95  ALA A N   1 
ATOM   723  C CA  . ALA A 1 96  ? 5.783   9.858   -11.746 1.00 53.18 ? 95  ALA A CA  1 
ATOM   724  C C   . ALA A 1 96  ? 6.984   10.792  -11.522 1.00 50.64 ? 95  ALA A C   1 
ATOM   725  O O   . ALA A 1 96  ? 7.984   10.576  -12.113 1.00 51.49 ? 95  ALA A O   1 
ATOM   726  C CB  . ALA A 1 96  ? 5.283   9.312   -10.392 1.00 52.94 ? 95  ALA A CB  1 
ATOM   727  N N   . THR A 1 97  ? 6.918   11.818  -10.666 1.00 48.21 ? 96  THR A N   1 
ATOM   728  C CA  . THR A 1 97  ? 8.118   12.628  -10.439 1.00 45.24 ? 96  THR A CA  1 
ATOM   729  C C   . THR A 1 97  ? 9.068   12.076  -9.351  1.00 44.27 ? 96  THR A C   1 
ATOM   730  O O   . THR A 1 97  ? 8.671   11.824  -8.198  1.00 39.34 ? 96  THR A O   1 
ATOM   731  C CB  . THR A 1 97  ? 7.902   14.167  -10.337 1.00 46.76 ? 96  THR A CB  1 
ATOM   732  O OG1 . THR A 1 97  ? 8.396   14.672  -9.096  1.00 50.69 ? 96  THR A OG1 1 
ATOM   733  C CG2 . THR A 1 97  ? 6.539   14.625  -10.634 1.00 44.05 ? 96  THR A CG2 1 
ATOM   734  N N   . SER A 1 98  ? 10.311  11.844  -9.763  1.00 41.24 ? 97  SER A N   1 
ATOM   735  C CA  . SER A 1 98  ? 11.296  11.202  -8.949  1.00 41.38 ? 97  SER A CA  1 
ATOM   736  C C   . SER A 1 98  ? 11.730  12.038  -7.722  1.00 40.48 ? 97  SER A C   1 
ATOM   737  O O   . SER A 1 98  ? 12.032  13.237  -7.830  1.00 38.95 ? 97  SER A O   1 
ATOM   738  C CB  . SER A 1 98  ? 12.482  10.834  -9.807  1.00 41.43 ? 97  SER A CB  1 
ATOM   739  O OG  . SER A 1 98  ? 13.419  10.227  -8.940  1.00 46.08 ? 97  SER A OG  1 
ATOM   740  N N   . LEU A 1 99  ? 11.739  11.432  -6.526  1.00 38.39 ? 98  LEU A N   1 
ATOM   741  C CA  . LEU A 1 99  ? 12.276  12.147  -5.373  1.00 38.27 ? 98  LEU A CA  1 
ATOM   742  C C   . LEU A 1 99  ? 13.661  11.653  -4.951  1.00 39.08 ? 98  LEU A C   1 
ATOM   743  O O   . LEU A 1 99  ? 14.276  12.280  -4.125  1.00 41.79 ? 98  LEU A O   1 
ATOM   744  C CB  . LEU A 1 99  ? 11.297  12.148  -4.163  1.00 36.48 ? 98  LEU A CB  1 
ATOM   745  C CG  . LEU A 1 99  ? 9.951   12.878  -4.330  1.00 39.12 ? 98  LEU A CG  1 
ATOM   746  C CD1 . LEU A 1 99  ? 9.035   12.698  -3.062  1.00 34.78 ? 98  LEU A CD1 1 
ATOM   747  C CD2 . LEU A 1 99  ? 10.132  14.356  -4.671  1.00 35.47 ? 98  LEU A CD2 1 
ATOM   748  N N   . GLY A 1 100 ? 14.148  10.544  -5.488  1.00 39.15 ? 99  GLY A N   1 
ATOM   749  C CA  . GLY A 1 100 ? 15.470  10.035  -5.055  1.00 40.11 ? 99  GLY A CA  1 
ATOM   750  C C   . GLY A 1 100 ? 15.251  8.608   -4.608  1.00 39.11 ? 99  GLY A C   1 
ATOM   751  O O   . GLY A 1 100 ? 14.281  7.992   -5.037  1.00 37.70 ? 99  GLY A O   1 
ATOM   752  N N   . THR A 1 101 ? 16.091  8.161   -3.679  1.00 39.02 ? 100 THR A N   1 
ATOM   753  C CA  . THR A 1 101 ? 16.190  6.781   -3.223  1.00 40.36 ? 100 THR A CA  1 
ATOM   754  C C   . THR A 1 101 ? 16.258  6.761   -1.698  1.00 39.28 ? 100 THR A C   1 
ATOM   755  O O   . THR A 1 101 ? 16.906  7.588   -1.099  1.00 38.91 ? 100 THR A O   1 
ATOM   756  C CB  . THR A 1 101 ? 17.470  6.172   -3.772  1.00 40.31 ? 100 THR A CB  1 
ATOM   757  O OG1 . THR A 1 101 ? 17.234  5.971   -5.170  1.00 47.14 ? 100 THR A OG1 1 
ATOM   758  C CG2 . THR A 1 101 ? 17.679  4.824   -3.277  1.00 44.55 ? 100 THR A CG2 1 
ATOM   759  N N   . VAL A 1 102 ? 15.599  5.800   -1.053  1.00 38.80 ? 101 VAL A N   1 
ATOM   760  C CA  . VAL A 1 102 ? 15.800  5.697   0.373   1.00 37.77 ? 101 VAL A CA  1 
ATOM   761  C C   . VAL A 1 102 ? 16.317  4.276   0.603   1.00 34.67 ? 101 VAL A C   1 
ATOM   762  O O   . VAL A 1 102 ? 15.961  3.402   -0.116  1.00 36.08 ? 101 VAL A O   1 
ATOM   763  C CB  . VAL A 1 102 ? 14.511  6.104   1.170   1.00 38.01 ? 101 VAL A CB  1 
ATOM   764  C CG1 . VAL A 1 102 ? 13.494  5.076   1.020   1.00 38.86 ? 101 VAL A CG1 1 
ATOM   765  C CG2 . VAL A 1 102 ? 14.843  6.356   2.689   1.00 40.41 ? 101 VAL A CG2 1 
ATOM   766  N N   . TYR A 1 103 ? 17.193  4.043   1.559   1.00 33.27 ? 102 TYR A N   1 
ATOM   767  C CA  . TYR A 1 103 ? 17.598  2.617   1.888   1.00 32.53 ? 102 TYR A CA  1 
ATOM   768  C C   . TYR A 1 103 ? 16.931  2.179   3.206   1.00 32.98 ? 102 TYR A C   1 
ATOM   769  O O   . TYR A 1 103 ? 16.936  2.963   4.154   1.00 34.92 ? 102 TYR A O   1 
ATOM   770  C CB  . TYR A 1 103 ? 19.158  2.467   2.027   1.00 32.79 ? 102 TYR A CB  1 
ATOM   771  C CG  . TYR A 1 103 ? 19.610  1.023   2.210   1.00 32.04 ? 102 TYR A CG  1 
ATOM   772  C CD1 . TYR A 1 103 ? 19.679  0.468   3.499   1.00 34.33 ? 102 TYR A CD1 1 
ATOM   773  C CD2 . TYR A 1 103 ? 19.903  0.187   1.121   1.00 31.48 ? 102 TYR A CD2 1 
ATOM   774  C CE1 . TYR A 1 103 ? 20.044  -0.854  3.700   1.00 38.33 ? 102 TYR A CE1 1 
ATOM   775  C CE2 . TYR A 1 103 ? 20.277  -1.201  1.338   1.00 35.91 ? 102 TYR A CE2 1 
ATOM   776  C CZ  . TYR A 1 103 ? 20.341  -1.678  2.635   1.00 36.86 ? 102 TYR A CZ  1 
ATOM   777  O OH  . TYR A 1 103 ? 20.680  -2.993  2.963   1.00 45.97 ? 102 TYR A OH  1 
ATOM   778  N N   . SER A 1 104 ? 16.350  0.956   3.285   1.00 32.32 ? 103 SER A N   1 
ATOM   779  C CA  . SER A 1 104 ? 15.640  0.554   4.476   1.00 30.29 ? 103 SER A CA  1 
ATOM   780  C C   . SER A 1 104 ? 15.416  -0.907  4.406   1.00 31.63 ? 103 SER A C   1 
ATOM   781  O O   . SER A 1 104 ? 15.098  -1.452  3.319   1.00 30.98 ? 103 SER A O   1 
ATOM   782  C CB  . SER A 1 104 ? 14.267  1.255   4.612   1.00 28.44 ? 103 SER A CB  1 
ATOM   783  O OG  . SER A 1 104 ? 13.762  1.032   5.953   1.00 29.80 ? 103 SER A OG  1 
ATOM   784  N N   . ASP A 1 105 ? 15.609  -1.547  5.536   1.00 29.77 ? 104 ASP A N   1 
ATOM   785  C CA  . ASP A 1 105 ? 15.274  -2.964  5.692   1.00 31.22 ? 104 ASP A CA  1 
ATOM   786  C C   . ASP A 1 105 ? 15.837  -3.832  4.577   1.00 31.82 ? 104 ASP A C   1 
ATOM   787  O O   . ASP A 1 105 ? 15.120  -4.673  4.069   1.00 30.21 ? 104 ASP A O   1 
ATOM   788  C CB  . ASP A 1 105 ? 13.745  -3.140  5.715   1.00 30.72 ? 104 ASP A CB  1 
ATOM   789  C CG  . ASP A 1 105 ? 13.112  -2.307  6.804   1.00 31.03 ? 104 ASP A CG  1 
ATOM   790  O OD1 . ASP A 1 105 ? 13.342  -2.660  7.958   1.00 29.73 ? 104 ASP A OD1 1 
ATOM   791  O OD2 . ASP A 1 105 ? 12.473  -1.271  6.489   1.00 31.85 ? 104 ASP A OD2 1 
ATOM   792  N N   . GLY A 1 106 ? 17.117  -3.660  4.210   1.00 33.48 ? 105 GLY A N   1 
ATOM   793  C CA  . GLY A 1 106 ? 17.704  -4.627  3.273   1.00 34.24 ? 105 GLY A CA  1 
ATOM   794  C C   . GLY A 1 106 ? 17.655  -4.210  1.832   1.00 35.81 ? 105 GLY A C   1 
ATOM   795  O O   . GLY A 1 106 ? 18.183  -4.939  1.040   1.00 36.07 ? 105 GLY A O   1 
ATOM   796  N N   . SER A 1 107 ? 17.101  -3.028  1.472   1.00 33.77 ? 106 SER A N   1 
ATOM   797  C CA  . SER A 1 107 ? 17.070  -2.653  0.066   1.00 33.31 ? 106 SER A CA  1 
ATOM   798  C C   . SER A 1 107 ? 16.932  -1.201  -0.150  1.00 33.79 ? 106 SER A C   1 
ATOM   799  O O   . SER A 1 107 ? 16.410  -0.488  0.728   1.00 34.05 ? 106 SER A O   1 
ATOM   800  C CB  . SER A 1 107 ? 15.905  -3.366  -0.631  1.00 35.06 ? 106 SER A CB  1 
ATOM   801  O OG  . SER A 1 107 ? 15.833  -3.034  -2.004  1.00 34.16 ? 106 SER A OG  1 
ATOM   802  N N   . THR A 1 108 ? 17.339  -0.725  -1.325  1.00 32.22 ? 107 THR A N   1 
ATOM   803  C CA  . THR A 1 108 ? 16.948  0.605   -1.744  1.00 32.64 ? 107 THR A CA  1 
ATOM   804  C C   . THR A 1 108 ? 15.496  0.569   -2.230  1.00 30.44 ? 107 THR A C   1 
ATOM   805  O O   . THR A 1 108 ? 14.967  -0.501  -2.675  1.00 30.35 ? 107 THR A O   1 
ATOM   806  C CB  . THR A 1 108 ? 17.843  1.115   -2.945  1.00 34.29 ? 107 THR A CB  1 
ATOM   807  O OG1 . THR A 1 108 ? 17.808  0.105   -3.957  1.00 41.64 ? 107 THR A OG1 1 
ATOM   808  C CG2 . THR A 1 108 ? 19.330  1.313   -2.457  1.00 34.23 ? 107 THR A CG2 1 
ATOM   809  N N   . TYR A 1 109 ? 14.877  1.748   -2.185  1.00 30.21 ? 108 TYR A N   1 
ATOM   810  C CA  . TYR A 1 109 ? 13.529  1.947   -2.716  1.00 29.55 ? 108 TYR A CA  1 
ATOM   811  C C   . TYR A 1 109 ? 13.639  3.132   -3.555  1.00 30.99 ? 108 TYR A C   1 
ATOM   812  O O   . TYR A 1 109 ? 14.236  4.093   -3.143  1.00 30.96 ? 108 TYR A O   1 
ATOM   813  C CB  . TYR A 1 109 ? 12.487  2.277   -1.587  1.00 28.19 ? 108 TYR A CB  1 
ATOM   814  C CG  . TYR A 1 109 ? 12.110  1.076   -0.706  1.00 27.44 ? 108 TYR A CG  1 
ATOM   815  C CD1 . TYR A 1 109 ? 13.011  0.554   0.224   1.00 27.94 ? 108 TYR A CD1 1 
ATOM   816  C CD2 . TYR A 1 109 ? 10.801  0.491   -0.786  1.00 27.96 ? 108 TYR A CD2 1 
ATOM   817  C CE1 . TYR A 1 109 ? 12.674  -0.547  1.069   1.00 29.04 ? 108 TYR A CE1 1 
ATOM   818  C CE2 . TYR A 1 109 ? 10.446  -0.592  0.029   1.00 30.42 ? 108 TYR A CE2 1 
ATOM   819  C CZ  . TYR A 1 109 ? 11.383  -1.082  0.968   1.00 30.09 ? 108 TYR A CZ  1 
ATOM   820  O OH  . TYR A 1 109 ? 11.012  -2.137  1.724   1.00 29.01 ? 108 TYR A OH  1 
ATOM   821  N N   . GLN A 1 110 ? 13.005  3.081   -4.726  1.00 32.47 ? 109 GLN A N   1 
ATOM   822  C CA  . GLN A 1 110 ? 12.833  4.301   -5.526  1.00 34.75 ? 109 GLN A CA  1 
ATOM   823  C C   . GLN A 1 110 ? 11.662  5.067   -4.901  1.00 32.76 ? 109 GLN A C   1 
ATOM   824  O O   . GLN A 1 110 ? 10.587  4.459   -4.615  1.00 31.98 ? 109 GLN A O   1 
ATOM   825  C CB  . GLN A 1 110 ? 12.405  3.778   -6.889  1.00 36.62 ? 109 GLN A CB  1 
ATOM   826  C CG  . GLN A 1 110 ? 12.643  4.584   -8.167  1.00 48.98 ? 109 GLN A CG  1 
ATOM   827  C CD  . GLN A 1 110 ? 12.136  3.724   -9.438  1.00 59.12 ? 109 GLN A CD  1 
ATOM   828  O OE1 . GLN A 1 110 ? 12.183  2.480   -9.423  1.00 60.31 ? 109 GLN A OE1 1 
ATOM   829  N NE2 . GLN A 1 110 ? 11.620  4.412   -10.476 1.00 63.66 ? 109 GLN A NE2 1 
ATOM   830  N N   . VAL A 1 111 ? 11.787  6.363   -4.832  1.00 31.12 ? 110 VAL A N   1 
ATOM   831  C CA  . VAL A 1 111 ? 10.786  7.185   -4.213  1.00 31.30 ? 110 VAL A CA  1 
ATOM   832  C C   . VAL A 1 111 ? 10.286  8.173   -5.248  1.00 33.64 ? 110 VAL A C   1 
ATOM   833  O O   . VAL A 1 111 ? 11.110  8.812   -5.937  1.00 32.88 ? 110 VAL A O   1 
ATOM   834  C CB  . VAL A 1 111 ? 11.400  7.917   -3.027  1.00 30.73 ? 110 VAL A CB  1 
ATOM   835  C CG1 . VAL A 1 111 ? 10.417  8.868   -2.420  1.00 31.31 ? 110 VAL A CG1 1 
ATOM   836  C CG2 . VAL A 1 111 ? 11.829  6.871   -1.958  1.00 29.13 ? 110 VAL A CG2 1 
ATOM   837  N N   . CYS A 1 112 ? 8.968   8.364   -5.309  1.00 31.89 ? 111 CYS A N   1 
ATOM   838  C CA  . CYS A 1 112 ? 8.394   9.316   -6.217  1.00 34.13 ? 111 CYS A CA  1 
ATOM   839  C C   . CYS A 1 112 ? 7.089   9.847   -5.700  1.00 34.89 ? 111 CYS A C   1 
ATOM   840  O O   . CYS A 1 112 ? 6.524   9.321   -4.719  1.00 34.19 ? 111 CYS A O   1 
ATOM   841  C CB  . CYS A 1 112 ? 8.221   8.662   -7.632  1.00 34.75 ? 111 CYS A CB  1 
ATOM   842  S SG  . CYS A 1 112 ? 7.030   7.294   -7.728  1.00 38.70 ? 111 CYS A SG  1 
ATOM   843  N N   . THR A 1 113 ? 6.571   10.858  -6.382  1.00 33.93 ? 112 THR A N   1 
ATOM   844  C CA  . THR A 1 113 ? 5.326   11.498  -5.953  1.00 34.47 ? 112 THR A CA  1 
ATOM   845  C C   . THR A 1 113 ? 4.549   11.848  -7.237  1.00 35.69 ? 112 THR A C   1 
ATOM   846  O O   . THR A 1 113 ? 5.130   11.959  -8.357  1.00 36.80 ? 112 THR A O   1 
ATOM   847  C CB  . THR A 1 113 ? 5.687   12.697  -5.110  1.00 33.36 ? 112 THR A CB  1 
ATOM   848  O OG1 . THR A 1 113 ? 4.552   13.387  -4.653  1.00 33.71 ? 112 THR A OG1 1 
ATOM   849  C CG2 . THR A 1 113 ? 6.577   13.702  -5.921  1.00 32.96 ? 112 THR A CG2 1 
ATOM   850  N N   . ASP A 1 114 ? 3.256   12.011  -7.084  1.00 35.87 ? 113 ASP A N   1 
ATOM   851  C CA  . ASP A 1 114 ? 2.356   12.353  -8.170  1.00 35.42 ? 113 ASP A CA  1 
ATOM   852  C C   . ASP A 1 114 ? 1.211   13.141  -7.544  1.00 34.99 ? 113 ASP A C   1 
ATOM   853  O O   . ASP A 1 114 ? 1.036   13.102  -6.334  1.00 35.85 ? 113 ASP A O   1 
ATOM   854  C CB  . ASP A 1 114 ? 1.936   11.065  -8.869  1.00 35.13 ? 113 ASP A CB  1 
ATOM   855  C CG  . ASP A 1 114 ? 1.347   11.295  -10.298 1.00 41.16 ? 113 ASP A CG  1 
ATOM   856  O OD1 . ASP A 1 114 ? 1.454   12.398  -10.875 1.00 39.30 ? 113 ASP A OD1 1 
ATOM   857  O OD2 . ASP A 1 114 ? 0.749   10.335  -10.807 1.00 44.15 ? 113 ASP A OD2 1 
ATOM   858  N N   . THR A 1 115 ? 0.527   13.964  -8.317  1.00 34.23 ? 114 THR A N   1 
ATOM   859  C CA  . THR A 1 115 ? -0.669  14.650  -7.915  1.00 34.50 ? 114 THR A CA  1 
ATOM   860  C C   . THR A 1 115 ? -1.883  14.025  -8.642  1.00 34.42 ? 114 THR A C   1 
ATOM   861  O O   . THR A 1 115 ? -1.799  13.767  -9.874  1.00 34.21 ? 114 THR A O   1 
ATOM   862  C CB  . THR A 1 115 ? -0.562  16.116  -8.248  1.00 36.89 ? 114 THR A CB  1 
ATOM   863  O OG1 . THR A 1 115 ? 0.543   16.624  -7.511  1.00 38.19 ? 114 THR A OG1 1 
ATOM   864  C CG2 . THR A 1 115 ? -1.828  16.894  -7.802  1.00 35.75 ? 114 THR A CG2 1 
ATOM   865  N N   . ARG A 1 116 ? -2.948  13.696  -7.897  1.00 32.14 ? 115 ARG A N   1 
ATOM   866  C CA  . ARG A 1 116 ? -4.125  13.087  -8.521  1.00 34.71 ? 115 ARG A CA  1 
ATOM   867  C C   . ARG A 1 116 ? -5.192  14.134  -8.414  1.00 36.00 ? 115 ARG A C   1 
ATOM   868  O O   . ARG A 1 116 ? -5.400  14.649  -7.311  1.00 35.24 ? 115 ARG A O   1 
ATOM   869  C CB  . ARG A 1 116 ? -4.591  11.856  -7.728  1.00 36.09 ? 115 ARG A CB  1 
ATOM   870  C CG  . ARG A 1 116 ? -3.491  10.781  -7.451  1.00 36.13 ? 115 ARG A CG  1 
ATOM   871  C CD  . ARG A 1 116 ? -2.727  10.469  -8.731  1.00 46.85 ? 115 ARG A CD  1 
ATOM   872  N NE  . ARG A 1 116 ? -3.630  9.898   -9.726  1.00 49.46 ? 115 ARG A NE  1 
ATOM   873  C CZ  . ARG A 1 116 ? -3.275  9.677   -11.001 1.00 57.13 ? 115 ARG A CZ  1 
ATOM   874  N NH1 . ARG A 1 116 ? -4.144  9.146   -11.868 1.00 56.30 ? 115 ARG A NH1 1 
ATOM   875  N NH2 . ARG A 1 116 ? -2.045  9.972   -11.430 1.00 56.59 ? 115 ARG A NH2 1 
ATOM   876  N N   . THR A 1 117 ? -5.937  14.417  -9.476  1.00 36.84 ? 116 THR A N   1 
ATOM   877  C CA  . THR A 1 117 ? -6.911  15.509  -9.361  1.00 39.79 ? 116 THR A CA  1 
ATOM   878  C C   . THR A 1 117 ? -8.350  14.950  -9.456  1.00 41.24 ? 116 THR A C   1 
ATOM   879  O O   . THR A 1 117 ? -8.609  14.058  -10.231 1.00 40.28 ? 116 THR A O   1 
ATOM   880  C CB  . THR A 1 117 ? -6.697  16.559  -10.483 1.00 40.65 ? 116 THR A CB  1 
ATOM   881  O OG1 . THR A 1 117 ? -6.932  15.893  -11.725 1.00 43.73 ? 116 THR A OG1 1 
ATOM   882  C CG2 . THR A 1 117 ? -5.242  17.070  -10.543 1.00 37.49 ? 116 THR A CG2 1 
ATOM   883  N N   . ASN A 1 118 ? -9.266  15.465  -8.641  1.00 44.18 ? 117 ASN A N   1 
ATOM   884  C CA  . ASN A 1 118 ? -10.663 14.939  -8.596  1.00 47.55 ? 117 ASN A CA  1 
ATOM   885  C C   . ASN A 1 118 ? -10.737 13.394  -8.692  1.00 47.76 ? 117 ASN A C   1 
ATOM   886  O O   . ASN A 1 118 ? -11.334 12.840  -9.597  1.00 48.24 ? 117 ASN A O   1 
ATOM   887  C CB  . ASN A 1 118 ? -11.590 15.658  -9.611  1.00 48.78 ? 117 ASN A CB  1 
ATOM   888  C CG  . ASN A 1 118 ? -11.359 17.212  -9.641  1.00 53.68 ? 117 ASN A CG  1 
ATOM   889  O OD1 . ASN A 1 118 ? -11.465 17.919  -8.619  1.00 60.80 ? 117 ASN A OD1 1 
ATOM   890  N ND2 . ASN A 1 118 ? -11.022 17.721  -10.820 1.00 61.32 ? 117 ASN A ND2 1 
ATOM   891  N N   . GLU A 1 119 ? -10.094 12.705  -7.748  1.00 47.17 ? 118 GLU A N   1 
ATOM   892  C CA  . GLU A 1 119 ? -10.100 11.248  -7.745  1.00 46.69 ? 118 GLU A CA  1 
ATOM   893  C C   . GLU A 1 119 ? -10.629 10.810  -6.400  1.00 45.33 ? 118 GLU A C   1 
ATOM   894  O O   . GLU A 1 119 ? -10.681 11.598  -5.473  1.00 45.54 ? 118 GLU A O   1 
ATOM   895  C CB  . GLU A 1 119 ? -8.720  10.662  -8.035  1.00 46.23 ? 118 GLU A CB  1 
ATOM   896  C CG  . GLU A 1 119 ? -8.386  10.794  -9.538  1.00 54.50 ? 118 GLU A CG  1 
ATOM   897  C CD  . GLU A 1 119 ? -7.284  9.874   -10.009 1.00 59.09 ? 118 GLU A CD  1 
ATOM   898  O OE1 . GLU A 1 119 ? -6.724  9.063   -9.210  1.00 60.24 ? 118 GLU A OE1 1 
ATOM   899  O OE2 . GLU A 1 119 ? -6.951  10.004  -11.210 1.00 59.94 ? 118 GLU A OE2 1 
ATOM   900  N N   . PRO A 1 120 ? -11.058 9.538   -6.295  1.00 45.48 ? 119 PRO A N   1 
ATOM   901  C CA  . PRO A 1 120 ? -11.673 9.078   -5.047  1.00 43.80 ? 119 PRO A CA  1 
ATOM   902  C C   . PRO A 1 120 ? -10.651 9.155   -3.943  1.00 41.95 ? 119 PRO A C   1 
ATOM   903  O O   . PRO A 1 120 ? -9.476  8.826   -4.157  1.00 42.83 ? 119 PRO A O   1 
ATOM   904  C CB  . PRO A 1 120 ? -12.045 7.631   -5.371  1.00 45.90 ? 119 PRO A CB  1 
ATOM   905  C CG  . PRO A 1 120 ? -12.235 7.619   -6.838  1.00 46.35 ? 119 PRO A CG  1 
ATOM   906  C CD  . PRO A 1 120 ? -11.200 8.560   -7.393  1.00 45.09 ? 119 PRO A CD  1 
ATOM   907  N N   . SER A 1 121 ? -11.048 9.634   -2.785  1.00 38.91 ? 120 SER A N   1 
ATOM   908  C CA  . SER A 1 121 ? -10.113 9.844   -1.723  1.00 38.19 ? 120 SER A CA  1 
ATOM   909  C C   . SER A 1 121 ? -10.860 9.632   -0.466  1.00 38.04 ? 120 SER A C   1 
ATOM   910  O O   . SER A 1 121 ? -12.074 9.394   -0.527  1.00 39.94 ? 120 SER A O   1 
ATOM   911  C CB  . SER A 1 121 ? -9.610  11.309  -1.815  1.00 37.99 ? 120 SER A CB  1 
ATOM   912  O OG  . SER A 1 121 ? -10.647 12.184  -1.468  1.00 38.68 ? 120 SER A OG  1 
ATOM   913  N N   . ILE A 1 122 ? -10.206 9.792   0.662   1.00 38.27 ? 121 ILE A N   1 
ATOM   914  C CA  . ILE A 1 122 ? -10.872 9.693   1.949   1.00 41.41 ? 121 ILE A CA  1 
ATOM   915  C C   . ILE A 1 122 ? -11.901 10.799  2.231   1.00 43.55 ? 121 ILE A C   1 
ATOM   916  O O   . ILE A 1 122 ? -12.563 10.737  3.283   1.00 45.59 ? 121 ILE A O   1 
ATOM   917  C CB  . ILE A 1 122 ? -9.936  9.746   3.190   1.00 40.80 ? 121 ILE A CB  1 
ATOM   918  C CG1 . ILE A 1 122 ? -8.865  10.828  3.073   1.00 40.53 ? 121 ILE A CG1 1 
ATOM   919  C CG2 . ILE A 1 122 ? -9.368  8.348   3.620   1.00 45.08 ? 121 ILE A CG2 1 
ATOM   920  C CD1 . ILE A 1 122 ? -8.075  10.999  4.391   1.00 39.61 ? 121 ILE A CD1 1 
ATOM   921  N N   . THR A 1 123 ? -12.008 11.850  1.410   1.00 43.10 ? 122 THR A N   1 
ATOM   922  C CA  . THR A 1 123 ? -13.089 12.851  1.666   1.00 42.09 ? 122 THR A CA  1 
ATOM   923  C C   . THR A 1 123 ? -14.030 12.821  0.475   1.00 43.55 ? 122 THR A C   1 
ATOM   924  O O   . THR A 1 123 ? -14.808 13.735  0.252   1.00 46.41 ? 122 THR A O   1 
ATOM   925  C CB  . THR A 1 123 ? -12.540 14.298  1.912   1.00 41.02 ? 122 THR A CB  1 
ATOM   926  O OG1 . THR A 1 123 ? -11.607 14.609  0.888   1.00 37.24 ? 122 THR A OG1 1 
ATOM   927  C CG2 . THR A 1 123 ? -11.856 14.397  3.274   1.00 41.82 ? 122 THR A CG2 1 
ATOM   928  N N   . GLY A 1 124 ? -13.979 11.788  -0.321  1.00 42.94 ? 123 GLY A N   1 
ATOM   929  C CA  . GLY A 1 124 ? -14.956 11.731  -1.397  1.00 44.05 ? 123 GLY A CA  1 
ATOM   930  C C   . GLY A 1 124 ? -14.267 11.694  -2.713  1.00 44.87 ? 123 GLY A C   1 
ATOM   931  O O   . GLY A 1 124 ? -13.735 10.654  -3.117  1.00 45.83 ? 123 GLY A O   1 
ATOM   932  N N   . THR A 1 125 ? -14.287 12.856  -3.375  1.00 44.09 ? 124 THR A N   1 
ATOM   933  C CA  . THR A 1 125 ? -13.585 13.131  -4.590  1.00 43.76 ? 124 THR A CA  1 
ATOM   934  C C   . THR A 1 125 ? -12.761 14.415  -4.284  1.00 42.14 ? 124 THR A C   1 
ATOM   935  O O   . THR A 1 125 ? -13.299 15.390  -3.766  1.00 40.50 ? 124 THR A O   1 
ATOM   936  C CB  . THR A 1 125 ? -14.596 13.361  -5.714  1.00 44.82 ? 124 THR A CB  1 
ATOM   937  O OG1 . THR A 1 125 ? -15.103 12.080  -6.071  1.00 50.95 ? 124 THR A OG1 1 
ATOM   938  C CG2 . THR A 1 125 ? -13.973 14.036  -7.005  1.00 47.51 ? 124 THR A CG2 1 
ATOM   939  N N   . SER A 1 126 ? -11.466 14.383  -4.565  1.00 39.26 ? 125 SER A N   1 
ATOM   940  C CA  . SER A 1 126 ? -10.639 15.569  -4.273  1.00 37.85 ? 125 SER A CA  1 
ATOM   941  C C   . SER A 1 126 ? -9.272  15.496  -4.973  1.00 35.51 ? 125 SER A C   1 
ATOM   942  O O   . SER A 1 126 ? -8.965  14.552  -5.668  1.00 35.85 ? 125 SER A O   1 
ATOM   943  C CB  . SER A 1 126 ? -10.435 15.696  -2.778  1.00 36.77 ? 125 SER A CB  1 
ATOM   944  O OG  . SER A 1 126 ? -9.664  14.549  -2.377  1.00 37.01 ? 125 SER A OG  1 
ATOM   945  N N   . THR A 1 127 ? -8.443  16.510  -4.754  1.00 35.36 ? 126 THR A N   1 
ATOM   946  C CA  . THR A 1 127 ? -7.113  16.534  -5.342  1.00 32.54 ? 126 THR A CA  1 
ATOM   947  C C   . THR A 1 127 ? -6.135  16.265  -4.190  1.00 33.50 ? 126 THR A C   1 
ATOM   948  O O   . THR A 1 127 ? -6.237  16.912  -3.125  1.00 30.67 ? 126 THR A O   1 
ATOM   949  C CB  . THR A 1 127 ? -6.875  17.894  -5.987  1.00 33.88 ? 126 THR A CB  1 
ATOM   950  O OG1 . THR A 1 127 ? -7.662  17.992  -7.183  1.00 31.88 ? 126 THR A OG1 1 
ATOM   951  C CG2 . THR A 1 127 ? -5.378  18.049  -6.427  1.00 28.13 ? 126 THR A CG2 1 
ATOM   952  N N   . PHE A 1 128 ? -5.177  15.345  -4.388  1.00 30.98 ? 127 PHE A N   1 
ATOM   953  C CA  . PHE A 1 128 ? -4.238  14.980  -3.280  1.00 30.59 ? 127 PHE A CA  1 
ATOM   954  C C   . PHE A 1 128 ? -2.859  14.580  -3.825  1.00 29.86 ? 127 PHE A C   1 
ATOM   955  O O   . PHE A 1 128 ? -2.699  14.298  -5.020  1.00 30.12 ? 127 PHE A O   1 
ATOM   956  C CB  . PHE A 1 128 ? -4.825  13.812  -2.391  1.00 29.10 ? 127 PHE A CB  1 
ATOM   957  C CG  . PHE A 1 128 ? -5.251  12.563  -3.228  1.00 31.14 ? 127 PHE A CG  1 
ATOM   958  C CD1 . PHE A 1 128 ? -6.548  12.518  -3.831  1.00 32.34 ? 127 PHE A CD1 1 
ATOM   959  C CD2 . PHE A 1 128 ? -4.400  11.483  -3.393  1.00 31.27 ? 127 PHE A CD2 1 
ATOM   960  C CE1 . PHE A 1 128 ? -6.953  11.431  -4.598  1.00 34.20 ? 127 PHE A CE1 1 
ATOM   961  C CE2 . PHE A 1 128 ? -4.773  10.374  -4.146  1.00 32.67 ? 127 PHE A CE2 1 
ATOM   962  C CZ  . PHE A 1 128 ? -6.069  10.336  -4.810  1.00 33.48 ? 127 PHE A CZ  1 
ATOM   963  N N   . THR A 1 129 ? -1.867  14.516  -2.946  1.00 29.85 ? 128 THR A N   1 
ATOM   964  C CA  . THR A 1 129 ? -0.563  14.101  -3.352  1.00 30.58 ? 128 THR A CA  1 
ATOM   965  C C   . THR A 1 129 ? -0.400  12.617  -3.034  1.00 31.16 ? 128 THR A C   1 
ATOM   966  O O   . THR A 1 129 ? -0.955  12.141  -2.015  1.00 30.38 ? 128 THR A O   1 
ATOM   967  C CB  . THR A 1 129 ? 0.435   14.878  -2.542  1.00 31.50 ? 128 THR A CB  1 
ATOM   968  O OG1 . THR A 1 129 ? 0.178   16.248  -2.855  1.00 31.87 ? 128 THR A OG1 1 
ATOM   969  C CG2 . THR A 1 129 ? 1.828   14.567  -3.011  1.00 30.29 ? 128 THR A CG2 1 
ATOM   970  N N   . GLN A 1 130 ? 0.326   11.882  -3.882  1.00 29.54 ? 129 GLN A N   1 
ATOM   971  C CA  . GLN A 1 130 ? 0.697   10.504  -3.583  1.00 30.18 ? 129 GLN A CA  1 
ATOM   972  C C   . GLN A 1 130 ? 2.214   10.464  -3.277  1.00 31.92 ? 129 GLN A C   1 
ATOM   973  O O   . GLN A 1 130 ? 3.000   11.237  -3.865  1.00 31.96 ? 129 GLN A O   1 
ATOM   974  C CB  . GLN A 1 130 ? 0.424   9.575   -4.783  1.00 31.40 ? 129 GLN A CB  1 
ATOM   975  C CG  . GLN A 1 130 ? -0.974  9.255   -5.035  1.00 32.23 ? 129 GLN A CG  1 
ATOM   976  C CD  . GLN A 1 130 ? -1.097  8.401   -6.273  1.00 35.78 ? 129 GLN A CD  1 
ATOM   977  O OE1 . GLN A 1 130 ? -0.373  8.616   -7.246  1.00 35.71 ? 129 GLN A OE1 1 
ATOM   978  N NE2 . GLN A 1 130 ? -1.997  7.427   -6.247  1.00 31.74 ? 129 GLN A NE2 1 
ATOM   979  N N   . TYR A 1 131 ? 2.649   9.593   -2.371  1.00 30.28 ? 130 TYR A N   1 
ATOM   980  C CA  . TYR A 1 131 ? 4.072   9.348   -2.151  1.00 30.28 ? 130 TYR A CA  1 
ATOM   981  C C   . TYR A 1 131 ? 4.233   7.856   -2.284  1.00 30.84 ? 130 TYR A C   1 
ATOM   982  O O   . TYR A 1 131 ? 3.367   7.025   -1.800  1.00 30.83 ? 130 TYR A O   1 
ATOM   983  C CB  . TYR A 1 131 ? 4.515   9.762   -0.733  1.00 30.25 ? 130 TYR A CB  1 
ATOM   984  C CG  . TYR A 1 131 ? 4.468   11.254  -0.558  1.00 34.32 ? 130 TYR A CG  1 
ATOM   985  C CD1 . TYR A 1 131 ? 5.573   12.040  -0.848  1.00 34.31 ? 130 TYR A CD1 1 
ATOM   986  C CD2 . TYR A 1 131 ? 3.296   11.891  -0.146  1.00 33.49 ? 130 TYR A CD2 1 
ATOM   987  C CE1 . TYR A 1 131 ? 5.511   13.447  -0.703  1.00 35.36 ? 130 TYR A CE1 1 
ATOM   988  C CE2 . TYR A 1 131 ? 3.211   13.276  -0.056  1.00 34.80 ? 130 TYR A CE2 1 
ATOM   989  C CZ  . TYR A 1 131 ? 4.325   14.042  -0.313  1.00 36.18 ? 130 TYR A CZ  1 
ATOM   990  O OH  . TYR A 1 131 ? 4.280   15.398  -0.144  1.00 37.87 ? 130 TYR A OH  1 
ATOM   991  N N   . TRP A 1 132 ? 5.292   7.463   -2.973  1.00 28.16 ? 131 TRP A N   1 
ATOM   992  C CA  . TRP A 1 132 ? 5.515   6.060   -3.215  1.00 28.65 ? 131 TRP A CA  1 
ATOM   993  C C   . TRP A 1 132 ? 6.943   5.742   -2.828  1.00 28.42 ? 131 TRP A C   1 
ATOM   994  O O   . TRP A 1 132 ? 7.832   6.519   -3.197  1.00 28.64 ? 131 TRP A O   1 
ATOM   995  C CB  . TRP A 1 132 ? 5.439   5.722   -4.693  1.00 30.77 ? 131 TRP A CB  1 
ATOM   996  C CG  . TRP A 1 132 ? 4.132   6.024   -5.344  1.00 30.28 ? 131 TRP A CG  1 
ATOM   997  C CD1 . TRP A 1 132 ? 3.695   7.234   -5.870  1.00 32.49 ? 131 TRP A CD1 1 
ATOM   998  C CD2 . TRP A 1 132 ? 3.139   5.086   -5.602  1.00 29.49 ? 131 TRP A CD2 1 
ATOM   999  N NE1 . TRP A 1 132 ? 2.453   7.080   -6.407  1.00 34.18 ? 131 TRP A NE1 1 
ATOM   1000 C CE2 . TRP A 1 132 ? 2.089   5.757   -6.272  1.00 28.78 ? 131 TRP A CE2 1 
ATOM   1001 C CE3 . TRP A 1 132 ? 3.012   3.744   -5.306  1.00 28.94 ? 131 TRP A CE3 1 
ATOM   1002 C CZ2 . TRP A 1 132 ? 0.922   5.130   -6.630  1.00 27.66 ? 131 TRP A CZ2 1 
ATOM   1003 C CZ3 . TRP A 1 132 ? 1.875   3.123   -5.676  1.00 33.64 ? 131 TRP A CZ3 1 
ATOM   1004 C CH2 . TRP A 1 132 ? 0.826   3.811   -6.327  1.00 32.42 ? 131 TRP A CH2 1 
ATOM   1005 N N   . SER A 1 133 ? 7.163   4.614   -2.137  1.00 27.94 ? 132 SER A N   1 
ATOM   1006 C CA  . SER A 1 133 ? 8.511   3.969   -2.087  1.00 27.24 ? 132 SER A CA  1 
ATOM   1007 C C   . SER A 1 133 ? 8.328   2.620   -2.701  1.00 28.89 ? 132 SER A C   1 
ATOM   1008 O O   . SER A 1 133 ? 7.485   1.863   -2.271  1.00 29.54 ? 132 SER A O   1 
ATOM   1009 C CB  . SER A 1 133 ? 9.007   3.760   -0.635  1.00 27.41 ? 132 SER A CB  1 
ATOM   1010 O OG  . SER A 1 133 ? 9.254   5.045   -0.010  1.00 29.00 ? 132 SER A OG  1 
ATOM   1011 N N   . VAL A 1 134 ? 9.142   2.296   -3.695  1.00 28.95 ? 133 VAL A N   1 
ATOM   1012 C CA  . VAL A 1 134 ? 9.013   1.016   -4.418  1.00 30.79 ? 133 VAL A CA  1 
ATOM   1013 C C   . VAL A 1 134 ? 10.318  0.224   -4.216  1.00 30.72 ? 133 VAL A C   1 
ATOM   1014 O O   . VAL A 1 134 ? 11.391  0.711   -4.586  1.00 30.13 ? 133 VAL A O   1 
ATOM   1015 C CB  . VAL A 1 134 ? 8.761   1.221   -5.959  1.00 31.71 ? 133 VAL A CB  1 
ATOM   1016 C CG1 . VAL A 1 134 ? 8.536   -0.145  -6.584  1.00 32.20 ? 133 VAL A CG1 1 
ATOM   1017 C CG2 . VAL A 1 134 ? 7.519   2.090   -6.215  1.00 32.71 ? 133 VAL A CG2 1 
ATOM   1018 N N   . ARG A 1 135 ? 10.211  -0.932  -3.591  1.00 30.73 ? 134 ARG A N   1 
ATOM   1019 C CA  . ARG A 1 135 ? 11.364  -1.726  -3.233  1.00 32.24 ? 134 ARG A CA  1 
ATOM   1020 C C   . ARG A 1 135 ? 12.074  -2.207  -4.511  1.00 35.01 ? 134 ARG A C   1 
ATOM   1021 O O   . ARG A 1 135 ? 11.392  -2.802  -5.404  1.00 33.97 ? 134 ARG A O   1 
ATOM   1022 C CB  . ARG A 1 135 ? 10.936  -2.951  -2.442  1.00 29.78 ? 134 ARG A CB  1 
ATOM   1023 C CG  . ARG A 1 135 ? 12.106  -3.521  -1.623  1.00 30.34 ? 134 ARG A CG  1 
ATOM   1024 C CD  . ARG A 1 135 ? 11.630  -4.659  -0.730  1.00 31.32 ? 134 ARG A CD  1 
ATOM   1025 N NE  . ARG A 1 135 ? 12.795  -5.404  -0.208  1.00 33.72 ? 134 ARG A NE  1 
ATOM   1026 C CZ  . ARG A 1 135 ? 13.425  -5.183  0.940   1.00 35.36 ? 134 ARG A CZ  1 
ATOM   1027 N NH1 . ARG A 1 135 ? 13.074  -4.194  1.749   1.00 29.99 ? 134 ARG A NH1 1 
ATOM   1028 N NH2 . ARG A 1 135 ? 14.470  -5.926  1.276   1.00 32.85 ? 134 ARG A NH2 1 
ATOM   1029 N N   . GLU A 1 136 ? 13.394  -1.983  -4.551  1.00 37.37 ? 135 GLU A N   1 
ATOM   1030 C CA  . GLU A 1 136 ? 14.257  -2.448  -5.679  1.00 41.55 ? 135 GLU A CA  1 
ATOM   1031 C C   . GLU A 1 136 ? 14.375  -3.974  -5.740  1.00 41.90 ? 135 GLU A C   1 
ATOM   1032 O O   . GLU A 1 136 ? 14.239  -4.527  -6.815  1.00 44.18 ? 135 GLU A O   1 
ATOM   1033 C CB  . GLU A 1 136 ? 15.642  -1.813  -5.593  1.00 41.64 ? 135 GLU A CB  1 
ATOM   1034 C CG  . GLU A 1 136 ? 16.238  -1.427  -6.996  1.00 53.17 ? 135 GLU A CG  1 
ATOM   1035 C CD  . GLU A 1 136 ? 16.170  0.112   -7.264  1.00 59.24 ? 135 GLU A CD  1 
ATOM   1036 O OE1 . GLU A 1 136 ? 15.531  0.603   -8.218  1.00 61.79 ? 135 GLU A OE1 1 
ATOM   1037 O OE2 . GLU A 1 136 ? 16.793  0.864   -6.498  1.00 63.09 ? 135 GLU A OE2 1 
ATOM   1038 N N   . SER A 1 137 ? 14.645  -4.656  -4.617  1.00 41.49 ? 136 SER A N   1 
ATOM   1039 C CA  . SER A 1 137 ? 14.525  -6.111  -4.507  1.00 41.39 ? 136 SER A CA  1 
ATOM   1040 C C   . SER A 1 137 ? 13.257  -6.499  -3.873  1.00 39.67 ? 136 SER A C   1 
ATOM   1041 O O   . SER A 1 137 ? 13.213  -6.563  -2.664  1.00 39.27 ? 136 SER A O   1 
ATOM   1042 C CB  . SER A 1 137 ? 15.586  -6.768  -3.567  1.00 40.68 ? 136 SER A CB  1 
ATOM   1043 O OG  . SER A 1 137 ? 16.815  -6.277  -3.902  1.00 47.00 ? 136 SER A OG  1 
ATOM   1044 N N   . THR A 1 138 ? 12.314  -6.939  -4.694  1.00 40.59 ? 137 THR A N   1 
ATOM   1045 C CA  . THR A 1 138 ? 10.948  -7.180  -4.262  1.00 40.48 ? 137 THR A CA  1 
ATOM   1046 C C   . THR A 1 138 ? 10.961  -8.427  -3.428  1.00 41.19 ? 137 THR A C   1 
ATOM   1047 O O   . THR A 1 138 ? 11.844  -9.259  -3.612  1.00 39.65 ? 137 THR A O   1 
ATOM   1048 C CB  . THR A 1 138 ? 10.003  -7.300  -5.478  1.00 42.19 ? 137 THR A CB  1 
ATOM   1049 O OG1 . THR A 1 138 ? 10.425  -8.386  -6.297  1.00 43.67 ? 137 THR A OG1 1 
ATOM   1050 C CG2 . THR A 1 138 ? 10.046  -6.073  -6.303  1.00 37.10 ? 137 THR A CG2 1 
ATOM   1051 N N   . ARG A 1 139 ? 10.031  -8.557  -2.473  1.00 38.83 ? 138 ARG A N   1 
ATOM   1052 C CA  . ARG A 1 139 ? 9.991   -9.689  -1.592  1.00 39.52 ? 138 ARG A CA  1 
ATOM   1053 C C   . ARG A 1 139 ? 8.564   -9.791  -1.066  1.00 40.33 ? 138 ARG A C   1 
ATOM   1054 O O   . ARG A 1 139 ? 7.773   -8.859  -1.279  1.00 40.14 ? 138 ARG A O   1 
ATOM   1055 C CB  . ARG A 1 139 ? 10.942  -9.465  -0.401  1.00 39.91 ? 138 ARG A CB  1 
ATOM   1056 C CG  . ARG A 1 139 ? 10.514  -8.258  0.455   1.00 40.21 ? 138 ARG A CG  1 
ATOM   1057 C CD  . ARG A 1 139 ? 11.397  -8.048  1.668   1.00 39.88 ? 138 ARG A CD  1 
ATOM   1058 N NE  . ARG A 1 139 ? 10.920  -6.871  2.394   1.00 36.81 ? 138 ARG A NE  1 
ATOM   1059 C CZ  . ARG A 1 139 ? 11.372  -6.457  3.570   1.00 35.81 ? 138 ARG A CZ  1 
ATOM   1060 N NH1 . ARG A 1 139 ? 12.333  -7.126  4.178   1.00 37.81 ? 138 ARG A NH1 1 
ATOM   1061 N NH2 . ARG A 1 139 ? 10.842  -5.371  4.156   1.00 32.99 ? 138 ARG A NH2 1 
ATOM   1062 N N   . THR A 1 140 ? 8.230   -10.876 -0.363  1.00 39.89 ? 139 THR A N   1 
ATOM   1063 C CA  . THR A 1 140 ? 6.853   -11.067 0.068   1.00 41.17 ? 139 THR A CA  1 
ATOM   1064 C C   . THR A 1 140 ? 6.853   -11.406 1.541   1.00 40.27 ? 139 THR A C   1 
ATOM   1065 O O   . THR A 1 140 ? 5.900   -11.976 2.087   1.00 41.09 ? 139 THR A O   1 
ATOM   1066 C CB  . THR A 1 140 ? 6.153   -12.228 -0.722  1.00 42.65 ? 139 THR A CB  1 
ATOM   1067 O OG1 . THR A 1 140 ? 6.895   -13.427 -0.486  1.00 41.49 ? 139 THR A OG1 1 
ATOM   1068 C CG2 . THR A 1 140 ? 6.102   -11.948 -2.228  1.00 42.50 ? 139 THR A CG2 1 
ATOM   1069 N N   . SER A 1 141 ? 7.891   -10.980 2.236   1.00 40.39 ? 140 SER A N   1 
ATOM   1070 C CA  . SER A 1 141 ? 7.884   -11.228 3.657   1.00 39.14 ? 140 SER A CA  1 
ATOM   1071 C C   . SER A 1 141 ? 8.970   -10.363 4.301   1.00 38.83 ? 140 SER A C   1 
ATOM   1072 O O   . SER A 1 141 ? 9.968   -10.093 3.650   1.00 38.85 ? 140 SER A O   1 
ATOM   1073 C CB  . SER A 1 141 ? 8.164   -12.706 3.760   1.00 40.76 ? 140 SER A CB  1 
ATOM   1074 O OG  . SER A 1 141 ? 8.999   -12.965 4.813   1.00 44.84 ? 140 SER A OG  1 
ATOM   1075 N N   . GLY A 1 142 ? 8.799   -9.918  5.545   1.00 37.76 ? 141 GLY A N   1 
ATOM   1076 C CA  . GLY A 1 142 ? 9.835   -9.127  6.219   1.00 37.42 ? 141 GLY A CA  1 
ATOM   1077 C C   . GLY A 1 142 ? 9.251   -8.001  7.072   1.00 37.12 ? 141 GLY A C   1 
ATOM   1078 O O   . GLY A 1 142 ? 8.023   -7.988  7.375   1.00 37.80 ? 141 GLY A O   1 
ATOM   1079 N N   . THR A 1 143 ? 10.106  -7.089  7.499   1.00 35.28 ? 142 THR A N   1 
ATOM   1080 C CA  . THR A 1 143 ? 9.705   -5.979  8.338   1.00 33.26 ? 142 THR A CA  1 
ATOM   1081 C C   . THR A 1 143 ? 9.900   -4.677  7.563   1.00 31.49 ? 142 THR A C   1 
ATOM   1082 O O   . THR A 1 143 ? 10.932  -4.476  6.975   1.00 31.38 ? 142 THR A O   1 
ATOM   1083 C CB  . THR A 1 143 ? 10.552  -5.907  9.617   1.00 36.12 ? 142 THR A CB  1 
ATOM   1084 O OG1 . THR A 1 143 ? 10.248  -7.040  10.445  1.00 37.97 ? 142 THR A OG1 1 
ATOM   1085 C CG2 . THR A 1 143 ? 10.263  -4.604  10.405  1.00 31.26 ? 142 THR A CG2 1 
ATOM   1086 N N   . VAL A 1 144 ? 8.886   -3.817  7.567   1.00 28.36 ? 143 VAL A N   1 
ATOM   1087 C CA  . VAL A 1 144 ? 8.922   -2.450  6.997   1.00 27.50 ? 143 VAL A CA  1 
ATOM   1088 C C   . VAL A 1 144 ? 9.075   -1.454  8.133   1.00 27.58 ? 143 VAL A C   1 
ATOM   1089 O O   . VAL A 1 144 ? 8.198   -1.370  9.002   1.00 26.91 ? 143 VAL A O   1 
ATOM   1090 C CB  . VAL A 1 144 ? 7.659   -2.169  6.207   1.00 27.82 ? 143 VAL A CB  1 
ATOM   1091 C CG1 . VAL A 1 144 ? 7.698   -0.742  5.578   1.00 26.97 ? 143 VAL A CG1 1 
ATOM   1092 C CG2 . VAL A 1 144 ? 7.538   -3.244  5.136   1.00 29.58 ? 143 VAL A CG2 1 
ATOM   1093 N N   . THR A 1 145 ? 10.265  -0.851  8.235   1.00 26.85 ? 144 THR A N   1 
ATOM   1094 C CA  . THR A 1 145 ? 10.507  0.179   9.195   1.00 27.77 ? 144 THR A CA  1 
ATOM   1095 C C   . THR A 1 145 ? 9.908   1.429   8.607   1.00 26.48 ? 144 THR A C   1 
ATOM   1096 O O   . THR A 1 145 ? 10.600  2.190   7.923   1.00 26.04 ? 144 THR A O   1 
ATOM   1097 C CB  . THR A 1 145 ? 12.058  0.325   9.477   1.00 28.32 ? 144 THR A CB  1 
ATOM   1098 O OG1 . THR A 1 145 ? 12.514  -1.009  9.841   1.00 26.83 ? 144 THR A OG1 1 
ATOM   1099 C CG2 . THR A 1 145 ? 12.265  1.433   10.597  1.00 27.56 ? 144 THR A CG2 1 
ATOM   1100 N N   . VAL A 1 146 ? 8.618   1.638   8.861   1.00 24.48 ? 145 VAL A N   1 
ATOM   1101 C CA  . VAL A 1 146 ? 7.902   2.728   8.255   1.00 24.90 ? 145 VAL A CA  1 
ATOM   1102 C C   . VAL A 1 146 ? 8.567   4.109   8.478   1.00 25.20 ? 145 VAL A C   1 
ATOM   1103 O O   . VAL A 1 146 ? 8.545   5.024   7.581   1.00 26.74 ? 145 VAL A O   1 
ATOM   1104 C CB  . VAL A 1 146 ? 6.443   2.695   8.795   1.00 26.16 ? 145 VAL A CB  1 
ATOM   1105 C CG1 . VAL A 1 146 ? 5.668   3.967   8.333   1.00 27.03 ? 145 VAL A CG1 1 
ATOM   1106 C CG2 . VAL A 1 146 ? 5.675   1.441   8.267   1.00 23.71 ? 145 VAL A CG2 1 
ATOM   1107 N N   . ALA A 1 147 ? 9.098   4.328   9.694   1.00 26.25 ? 146 ALA A N   1 
ATOM   1108 C CA  . ALA A 1 147 ? 9.707   5.596   10.019  1.00 27.01 ? 146 ALA A CA  1 
ATOM   1109 C C   . ALA A 1 147 ? 10.746  6.066   8.940   1.00 26.93 ? 146 ALA A C   1 
ATOM   1110 O O   . ALA A 1 147 ? 10.830  7.235   8.594   1.00 27.72 ? 146 ALA A O   1 
ATOM   1111 C CB  . ALA A 1 147 ? 10.376  5.518   11.441  1.00 26.66 ? 146 ALA A CB  1 
ATOM   1112 N N   . ASN A 1 148 ? 11.588  5.159   8.481   1.00 27.68 ? 147 ASN A N   1 
ATOM   1113 C CA  . ASN A 1 148 ? 12.588  5.554   7.460   1.00 27.00 ? 147 ASN A CA  1 
ATOM   1114 C C   . ASN A 1 148 ? 11.953  6.162   6.206   1.00 28.37 ? 147 ASN A C   1 
ATOM   1115 O O   . ASN A 1 148 ? 12.529  7.119   5.655   1.00 26.86 ? 147 ASN A O   1 
ATOM   1116 C CB  . ASN A 1 148 ? 13.476  4.379   7.030   1.00 25.88 ? 147 ASN A CB  1 
ATOM   1117 C CG  . ASN A 1 148 ? 14.417  3.928   8.141   1.00 30.91 ? 147 ASN A CG  1 
ATOM   1118 O OD1 . ASN A 1 148 ? 14.777  4.721   9.008   1.00 27.76 ? 147 ASN A OD1 1 
ATOM   1119 N ND2 . ASN A 1 148 ? 14.785  2.649   8.134   1.00 27.07 ? 147 ASN A ND2 1 
ATOM   1120 N N   . HIS A 1 149 ? 10.783  5.675   5.790   1.00 26.12 ? 148 HIS A N   1 
ATOM   1121 C CA  . HIS A 1 149 ? 10.062  6.243   4.592   1.00 26.31 ? 148 HIS A CA  1 
ATOM   1122 C C   . HIS A 1 149 ? 9.424   7.557   4.945   1.00 26.57 ? 148 HIS A C   1 
ATOM   1123 O O   . HIS A 1 149 ? 9.598   8.530   4.226   1.00 29.35 ? 148 HIS A O   1 
ATOM   1124 C CB  . HIS A 1 149 ? 8.990   5.231   4.154   1.00 22.97 ? 148 HIS A CB  1 
ATOM   1125 C CG  . HIS A 1 149 ? 9.615   3.947   3.656   1.00 24.57 ? 148 HIS A CG  1 
ATOM   1126 N ND1 . HIS A 1 149 ? 10.095  3.779   2.363   1.00 26.95 ? 148 HIS A ND1 1 
ATOM   1127 C CD2 . HIS A 1 149 ? 9.925   2.805   4.324   1.00 23.87 ? 148 HIS A CD2 1 
ATOM   1128 C CE1 . HIS A 1 149 ? 10.646  2.567   2.262   1.00 24.33 ? 148 HIS A CE1 1 
ATOM   1129 N NE2 . HIS A 1 149 ? 10.592  1.974   3.439   1.00 24.66 ? 148 HIS A NE2 1 
ATOM   1130 N N   . PHE A 1 150 ? 8.670   7.584   6.062   1.00 26.70 ? 149 PHE A N   1 
ATOM   1131 C CA  . PHE A 1 150 ? 8.012   8.818   6.483   1.00 27.07 ? 149 PHE A CA  1 
ATOM   1132 C C   . PHE A 1 150 ? 9.023   9.979   6.583   1.00 27.93 ? 149 PHE A C   1 
ATOM   1133 O O   . PHE A 1 150 ? 8.746   11.090  6.139   1.00 28.16 ? 149 PHE A O   1 
ATOM   1134 C CB  . PHE A 1 150 ? 7.391   8.556   7.874   1.00 26.43 ? 149 PHE A CB  1 
ATOM   1135 C CG  . PHE A 1 150 ? 6.074   7.851   7.801   1.00 25.67 ? 149 PHE A CG  1 
ATOM   1136 C CD1 . PHE A 1 150 ? 5.621   7.361   6.589   1.00 28.07 ? 149 PHE A CD1 1 
ATOM   1137 C CD2 . PHE A 1 150 ? 5.273   7.698   8.958   1.00 27.72 ? 149 PHE A CD2 1 
ATOM   1138 C CE1 . PHE A 1 150 ? 4.338   6.633   6.487   1.00 29.37 ? 149 PHE A CE1 1 
ATOM   1139 C CE2 . PHE A 1 150 ? 4.031   7.009   8.909   1.00 28.29 ? 149 PHE A CE2 1 
ATOM   1140 C CZ  . PHE A 1 150 ? 3.554   6.512   7.650   1.00 27.79 ? 149 PHE A CZ  1 
ATOM   1141 N N   . ASN A 1 151 ? 10.186  9.695   7.162   1.00 29.33 ? 150 ASN A N   1 
ATOM   1142 C CA  . ASN A 1 151 ? 11.194  10.742  7.410   1.00 31.17 ? 150 ASN A CA  1 
ATOM   1143 C C   . ASN A 1 151 ? 11.798  11.242  6.153   1.00 30.65 ? 150 ASN A C   1 
ATOM   1144 O O   . ASN A 1 151 ? 12.023  12.436  6.021   1.00 32.24 ? 150 ASN A O   1 
ATOM   1145 C CB  . ASN A 1 151 ? 12.279  10.245  8.368   1.00 32.36 ? 150 ASN A CB  1 
ATOM   1146 C CG  . ASN A 1 151 ? 11.761  10.186  9.810   1.00 38.10 ? 150 ASN A CG  1 
ATOM   1147 O OD1 . ASN A 1 151 ? 10.819  10.884  10.161  1.00 44.16 ? 150 ASN A OD1 1 
ATOM   1148 N ND2 . ASN A 1 151 ? 12.336  9.322   10.617  1.00 42.60 ? 150 ASN A ND2 1 
ATOM   1149 N N   . PHE A 1 152 ? 11.974  10.364  5.179   1.00 29.79 ? 151 PHE A N   1 
ATOM   1150 C CA  . PHE A 1 152 ? 12.435  10.823  3.853   1.00 29.85 ? 151 PHE A CA  1 
ATOM   1151 C C   . PHE A 1 152 ? 11.353  11.634  3.111   1.00 30.34 ? 151 PHE A C   1 
ATOM   1152 O O   . PHE A 1 152 ? 11.647  12.743  2.618   1.00 29.87 ? 151 PHE A O   1 
ATOM   1153 C CB  . PHE A 1 152 ? 12.880  9.660   2.999   1.00 30.92 ? 151 PHE A CB  1 
ATOM   1154 C CG  . PHE A 1 152 ? 13.485  10.124  1.673   1.00 37.97 ? 151 PHE A CG  1 
ATOM   1155 C CD1 . PHE A 1 152 ? 12.721  10.128  0.519   1.00 38.03 ? 151 PHE A CD1 1 
ATOM   1156 C CD2 . PHE A 1 152 ? 14.834  10.566  1.609   1.00 40.17 ? 151 PHE A CD2 1 
ATOM   1157 C CE1 . PHE A 1 152 ? 13.233  10.610  -0.721  1.00 38.17 ? 151 PHE A CE1 1 
ATOM   1158 C CE2 . PHE A 1 152 ? 15.376  11.063  0.386   1.00 45.35 ? 151 PHE A CE2 1 
ATOM   1159 C CZ  . PHE A 1 152 ? 14.560  11.075  -0.798  1.00 41.18 ? 151 PHE A CZ  1 
ATOM   1160 N N   . TRP A 1 153 ? 10.110  11.127  3.042   1.00 28.89 ? 152 TRP A N   1 
ATOM   1161 C CA  . TRP A 1 153 ? 9.041   11.851  2.355   1.00 27.82 ? 152 TRP A CA  1 
ATOM   1162 C C   . TRP A 1 153 ? 8.798   13.216  2.985   1.00 28.83 ? 152 TRP A C   1 
ATOM   1163 O O   . TRP A 1 153 ? 8.392   14.174  2.264   1.00 29.64 ? 152 TRP A O   1 
ATOM   1164 C CB  . TRP A 1 153 ? 7.705   11.085  2.463   1.00 26.85 ? 152 TRP A CB  1 
ATOM   1165 C CG  . TRP A 1 153 ? 7.704   9.697   1.817   1.00 27.57 ? 152 TRP A CG  1 
ATOM   1166 C CD1 . TRP A 1 153 ? 8.582   9.171   0.873   1.00 29.79 ? 152 TRP A CD1 1 
ATOM   1167 C CD2 . TRP A 1 153 ? 6.787   8.626   2.155   1.00 29.79 ? 152 TRP A CD2 1 
ATOM   1168 N NE1 . TRP A 1 153 ? 8.245   7.816   0.600   1.00 30.08 ? 152 TRP A NE1 1 
ATOM   1169 C CE2 . TRP A 1 153 ? 7.116   7.487   1.327   1.00 28.99 ? 152 TRP A CE2 1 
ATOM   1170 C CE3 . TRP A 1 153 ? 5.657   8.554   3.014   1.00 25.51 ? 152 TRP A CE3 1 
ATOM   1171 C CZ2 . TRP A 1 153 ? 6.388   6.278   1.385   1.00 26.50 ? 152 TRP A CZ2 1 
ATOM   1172 C CZ3 . TRP A 1 153 ? 4.941   7.321   3.109   1.00 26.95 ? 152 TRP A CZ3 1 
ATOM   1173 C CH2 . TRP A 1 153 ? 5.314   6.199   2.301   1.00 26.56 ? 152 TRP A CH2 1 
ATOM   1174 N N   . ALA A 1 154 ? 8.955   13.302  4.328   1.00 29.27 ? 153 ALA A N   1 
ATOM   1175 C CA  . ALA A 1 154 ? 8.738   14.526  5.038   1.00 31.63 ? 153 ALA A CA  1 
ATOM   1176 C C   . ALA A 1 154 ? 9.693   15.611  4.604   1.00 35.01 ? 153 ALA A C   1 
ATOM   1177 O O   . ALA A 1 154 ? 9.381   16.792  4.810   1.00 34.81 ? 153 ALA A O   1 
ATOM   1178 C CB  . ALA A 1 154 ? 8.819   14.381  6.567   1.00 32.83 ? 153 ALA A CB  1 
ATOM   1179 N N   . GLN A 1 155 ? 10.796  15.247  3.952   1.00 35.57 ? 154 GLN A N   1 
ATOM   1180 C CA  . GLN A 1 155 ? 11.683  16.289  3.443   1.00 38.37 ? 154 GLN A CA  1 
ATOM   1181 C C   . GLN A 1 155 ? 11.132  16.887  2.191   1.00 39.75 ? 154 GLN A C   1 
ATOM   1182 O O   . GLN A 1 155 ? 11.683  17.881  1.706   1.00 38.24 ? 154 GLN A O   1 
ATOM   1183 C CB  . GLN A 1 155 ? 13.066  15.760  3.137   1.00 38.47 ? 154 GLN A CB  1 
ATOM   1184 C CG  . GLN A 1 155 ? 13.840  15.520  4.364   1.00 46.79 ? 154 GLN A CG  1 
ATOM   1185 C CD  . GLN A 1 155 ? 15.131  14.801  4.031   1.00 57.53 ? 154 GLN A CD  1 
ATOM   1186 O OE1 . GLN A 1 155 ? 15.658  14.874  2.903   1.00 63.96 ? 154 GLN A OE1 1 
ATOM   1187 N NE2 . GLN A 1 155 ? 15.651  14.095  4.995   1.00 60.39 ? 154 GLN A NE2 1 
ATOM   1188 N N   . HIS A 1 156 ? 10.041  16.308  1.682   1.00 36.96 ? 155 HIS A N   1 
ATOM   1189 C CA  . HIS A 1 156 ? 9.496   16.696  0.409   1.00 36.33 ? 155 HIS A CA  1 
ATOM   1190 C C   . HIS A 1 156 ? 8.020   17.064  0.539   1.00 37.61 ? 155 HIS A C   1 
ATOM   1191 O O   . HIS A 1 156 ? 7.260   16.893  -0.405  1.00 40.30 ? 155 HIS A O   1 
ATOM   1192 C CB  . HIS A 1 156 ? 9.705   15.604  -0.633  1.00 36.47 ? 155 HIS A CB  1 
ATOM   1193 C CG  . HIS A 1 156 ? 11.166  15.320  -0.917  1.00 35.75 ? 155 HIS A CG  1 
ATOM   1194 N ND1 . HIS A 1 156 ? 11.964  16.172  -1.680  1.00 35.61 ? 155 HIS A ND1 1 
ATOM   1195 C CD2 . HIS A 1 156 ? 11.975  14.310  -0.499  1.00 35.54 ? 155 HIS A CD2 1 
ATOM   1196 C CE1 . HIS A 1 156 ? 13.201  15.688  -1.716  1.00 41.64 ? 155 HIS A CE1 1 
ATOM   1197 N NE2 . HIS A 1 156 ? 13.245  14.575  -0.985  1.00 34.96 ? 155 HIS A NE2 1 
ATOM   1198 N N   . GLY A 1 157 ? 7.619   17.477  1.724   1.00 35.29 ? 156 GLY A N   1 
ATOM   1199 C CA  . GLY A 1 157 ? 6.289   17.929  1.939   1.00 36.10 ? 156 GLY A CA  1 
ATOM   1200 C C   . GLY A 1 157 ? 5.309   16.965  2.602   1.00 36.10 ? 156 GLY A C   1 
ATOM   1201 O O   . GLY A 1 157 ? 4.184   17.390  2.922   1.00 34.98 ? 156 GLY A O   1 
ATOM   1202 N N   . PHE A 1 158 ? 5.697   15.694  2.832   1.00 33.09 ? 157 PHE A N   1 
ATOM   1203 C CA  . PHE A 1 158 ? 4.747   14.770  3.471   1.00 31.68 ? 157 PHE A CA  1 
ATOM   1204 C C   . PHE A 1 158 ? 4.496   15.287  4.851   1.00 31.02 ? 157 PHE A C   1 
ATOM   1205 O O   . PHE A 1 158 ? 5.441   15.551  5.608   1.00 31.97 ? 157 PHE A O   1 
ATOM   1206 C CB  . PHE A 1 158 ? 5.421   13.372  3.553   1.00 30.66 ? 157 PHE A CB  1 
ATOM   1207 C CG  . PHE A 1 158 ? 4.614   12.323  4.255   1.00 29.83 ? 157 PHE A CG  1 
ATOM   1208 C CD1 . PHE A 1 158 ? 3.453   11.828  3.693   1.00 30.39 ? 157 PHE A CD1 1 
ATOM   1209 C CD2 . PHE A 1 158 ? 5.081   11.730  5.456   1.00 31.87 ? 157 PHE A CD2 1 
ATOM   1210 C CE1 . PHE A 1 158 ? 2.784   10.742  4.279   1.00 29.26 ? 157 PHE A CE1 1 
ATOM   1211 C CE2 . PHE A 1 158 ? 4.394   10.642  6.096   1.00 30.57 ? 157 PHE A CE2 1 
ATOM   1212 C CZ  . PHE A 1 158 ? 3.245   10.164  5.529   1.00 28.53 ? 157 PHE A CZ  1 
ATOM   1213 N N   . GLY A 1 159 ? 3.242   15.343  5.264   1.00 33.47 ? 158 GLY A N   1 
ATOM   1214 C CA  . GLY A 1 159 ? 2.954   15.971  6.530   1.00 33.70 ? 158 GLY A CA  1 
ATOM   1215 C C   . GLY A 1 159 ? 3.481   15.237  7.751   1.00 35.91 ? 158 GLY A C   1 
ATOM   1216 O O   . GLY A 1 159 ? 3.829   15.854  8.766   1.00 35.06 ? 158 GLY A O   1 
ATOM   1217 N N   . ASN A 1 160 ? 3.541   13.913  7.684   1.00 34.16 ? 159 ASN A N   1 
ATOM   1218 C CA  . ASN A 1 160 ? 4.167   13.156  8.745   1.00 33.91 ? 159 ASN A CA  1 
ATOM   1219 C C   . ASN A 1 160 ? 3.481   13.295  10.113  1.00 35.21 ? 159 ASN A C   1 
ATOM   1220 O O   . ASN A 1 160 ? 4.145   13.203  11.123  1.00 35.25 ? 159 ASN A O   1 
ATOM   1221 C CB  . ASN A 1 160 ? 5.661   13.494  8.893   1.00 33.86 ? 159 ASN A CB  1 
ATOM   1222 C CG  . ASN A 1 160 ? 6.467   12.339  9.474   1.00 35.18 ? 159 ASN A CG  1 
ATOM   1223 O OD1 . ASN A 1 160 ? 6.016   11.176  9.531   1.00 34.25 ? 159 ASN A OD1 1 
ATOM   1224 N ND2 . ASN A 1 160 ? 7.660   12.641  9.903   1.00 35.96 ? 159 ASN A ND2 1 
ATOM   1225 N N   . SER A 1 161 ? 2.172   13.495  10.128  1.00 34.40 ? 160 SER A N   1 
ATOM   1226 C CA  . SER A 1 161 ? 1.418   13.508  11.355  1.00 35.68 ? 160 SER A CA  1 
ATOM   1227 C C   . SER A 1 161 ? -0.002  13.644  10.857  1.00 36.14 ? 160 SER A C   1 
ATOM   1228 O O   . SER A 1 161 ? -0.206  13.797  9.637   1.00 36.68 ? 160 SER A O   1 
ATOM   1229 C CB  . SER A 1 161 ? 1.803   14.716  12.229  1.00 38.37 ? 160 SER A CB  1 
ATOM   1230 O OG  . SER A 1 161 ? 1.509   15.887  11.487  1.00 37.51 ? 160 SER A OG  1 
ATOM   1231 N N   . ASP A 1 162 ? -0.994  13.599  11.758  1.00 35.16 ? 161 ASP A N   1 
ATOM   1232 C CA  . ASP A 1 162 ? -2.398  13.752  11.345  1.00 34.29 ? 161 ASP A CA  1 
ATOM   1233 C C   . ASP A 1 162 ? -2.785  12.589  10.394  1.00 32.43 ? 161 ASP A C   1 
ATOM   1234 O O   . ASP A 1 162 ? -3.357  12.782  9.336   1.00 32.85 ? 161 ASP A O   1 
ATOM   1235 C CB  . ASP A 1 162 ? -2.685  15.120  10.743  1.00 36.33 ? 161 ASP A CB  1 
ATOM   1236 C CG  . ASP A 1 162 ? -4.200  15.438  10.684  1.00 40.22 ? 161 ASP A CG  1 
ATOM   1237 O OD1 . ASP A 1 162 ? -5.006  14.715  11.292  1.00 39.24 ? 161 ASP A OD1 1 
ATOM   1238 O OD2 . ASP A 1 162 ? -4.641  16.370  9.979   1.00 44.85 ? 161 ASP A OD2 1 
ATOM   1239 N N   . PHE A 1 163 ? -2.447  11.375  10.819  1.00 31.26 ? 162 PHE A N   1 
ATOM   1240 C CA  . PHE A 1 163 ? -2.698  10.189  10.018  1.00 31.53 ? 162 PHE A CA  1 
ATOM   1241 C C   . PHE A 1 163 ? -4.114  9.755   10.019  1.00 31.31 ? 162 PHE A C   1 
ATOM   1242 O O   . PHE A 1 163 ? -4.750  9.832   11.109  1.00 31.01 ? 162 PHE A O   1 
ATOM   1243 C CB  . PHE A 1 163 ? -1.838  9.030   10.537  1.00 28.78 ? 162 PHE A CB  1 
ATOM   1244 C CG  . PHE A 1 163 ? -0.382  9.309   10.414  1.00 33.31 ? 162 PHE A CG  1 
ATOM   1245 C CD1 . PHE A 1 163 ? 0.227   9.343   9.137   1.00 33.23 ? 162 PHE A CD1 1 
ATOM   1246 C CD2 . PHE A 1 163 ? 0.376   9.595   11.536  1.00 35.32 ? 162 PHE A CD2 1 
ATOM   1247 C CE1 . PHE A 1 163 ? 1.571   9.648   9.035   1.00 35.80 ? 162 PHE A CE1 1 
ATOM   1248 C CE2 . PHE A 1 163 ? 1.718   9.904   11.431  1.00 38.23 ? 162 PHE A CE2 1 
ATOM   1249 C CZ  . PHE A 1 163 ? 2.303   9.923   10.144  1.00 35.05 ? 162 PHE A CZ  1 
ATOM   1250 N N   . ASN A 1 164 ? -4.595  9.234   8.870   1.00 27.79 ? 163 ASN A N   1 
ATOM   1251 C CA  . ASN A 1 164 ? -5.859  8.484   8.837   1.00 27.15 ? 163 ASN A CA  1 
ATOM   1252 C C   . ASN A 1 164 ? -5.502  6.967   8.894   1.00 26.67 ? 163 ASN A C   1 
ATOM   1253 O O   . ASN A 1 164 ? -4.471  6.590   9.499   1.00 26.35 ? 163 ASN A O   1 
ATOM   1254 C CB  . ASN A 1 164 ? -6.713  8.917   7.624   1.00 26.08 ? 163 ASN A CB  1 
ATOM   1255 C CG  . ASN A 1 164 ? -8.211  8.640   7.820   1.00 34.96 ? 163 ASN A CG  1 
ATOM   1256 O OD1 . ASN A 1 164 ? -8.675  7.487   7.843   1.00 29.01 ? 163 ASN A OD1 1 
ATOM   1257 N ND2 . ASN A 1 164 ? -8.969  9.703   7.968   1.00 32.14 ? 163 ASN A ND2 1 
ATOM   1258 N N   . TYR A 1 165 ? -6.245  6.096   8.211   1.00 24.58 ? 164 TYR A N   1 
ATOM   1259 C CA  . TYR A 1 165 ? -6.006  4.678   8.415   1.00 24.70 ? 164 TYR A CA  1 
ATOM   1260 C C   . TYR A 1 165 ? -4.701  4.240   7.745   1.00 25.06 ? 164 TYR A C   1 
ATOM   1261 O O   . TYR A 1 165 ? -4.133  4.974   6.914   1.00 23.61 ? 164 TYR A O   1 
ATOM   1262 C CB  . TYR A 1 165 ? -7.181  3.822   7.894   1.00 24.25 ? 164 TYR A CB  1 
ATOM   1263 C CG  . TYR A 1 165 ? -7.414  3.889   6.359   1.00 26.91 ? 164 TYR A CG  1 
ATOM   1264 C CD1 . TYR A 1 165 ? -6.600  3.163   5.486   1.00 26.74 ? 164 TYR A CD1 1 
ATOM   1265 C CD2 . TYR A 1 165 ? -8.491  4.646   5.807   1.00 26.85 ? 164 TYR A CD2 1 
ATOM   1266 C CE1 . TYR A 1 165 ? -6.824  3.186   4.111   1.00 27.45 ? 164 TYR A CE1 1 
ATOM   1267 C CE2 . TYR A 1 165 ? -8.713  4.682   4.422   1.00 31.37 ? 164 TYR A CE2 1 
ATOM   1268 C CZ  . TYR A 1 165 ? -7.883  3.920   3.587   1.00 29.77 ? 164 TYR A CZ  1 
ATOM   1269 O OH  . TYR A 1 165 ? -8.067  3.904   2.211   1.00 29.23 ? 164 TYR A OH  1 
ATOM   1270 N N   . GLN A 1 166 ? -4.215  3.066   8.154   1.00 23.11 ? 165 GLN A N   1 
ATOM   1271 C CA  . GLN A 1 166 ? -2.986  2.514   7.576   1.00 25.05 ? 165 GLN A CA  1 
ATOM   1272 C C   . GLN A 1 166 ? -3.105  0.987   7.627   1.00 25.55 ? 165 GLN A C   1 
ATOM   1273 O O   . GLN A 1 166 ? -3.517  0.429   8.656   1.00 27.19 ? 165 GLN A O   1 
ATOM   1274 C CB  . GLN A 1 166 ? -1.803  2.969   8.402   1.00 24.01 ? 165 GLN A CB  1 
ATOM   1275 C CG  . GLN A 1 166 ? -0.431  2.348   8.095   1.00 24.80 ? 165 GLN A CG  1 
ATOM   1276 C CD  . GLN A 1 166 ? 0.599   2.838   9.139   1.00 34.98 ? 165 GLN A CD  1 
ATOM   1277 O OE1 . GLN A 1 166 ? 0.490   2.524   10.332  1.00 33.61 ? 165 GLN A OE1 1 
ATOM   1278 N NE2 . GLN A 1 166 ? 1.502   3.734   8.707   1.00 28.23 ? 165 GLN A NE2 1 
ATOM   1279 N N   . VAL A 1 167 ? -2.828  0.323   6.493   1.00 24.54 ? 166 VAL A N   1 
ATOM   1280 C CA  . VAL A 1 167 ? -3.069  -1.105  6.411   1.00 25.54 ? 166 VAL A CA  1 
ATOM   1281 C C   . VAL A 1 167 ? -1.923  -1.754  5.656   1.00 26.11 ? 166 VAL A C   1 
ATOM   1282 O O   . VAL A 1 167 ? -1.213  -1.090  4.891   1.00 27.08 ? 166 VAL A O   1 
ATOM   1283 C CB  . VAL A 1 167 ? -4.412  -1.391  5.667   1.00 25.60 ? 166 VAL A CB  1 
ATOM   1284 C CG1 . VAL A 1 167 ? -5.579  -0.884  6.454   1.00 23.25 ? 166 VAL A CG1 1 
ATOM   1285 C CG2 . VAL A 1 167 ? -4.398  -0.765  4.247   1.00 26.86 ? 166 VAL A CG2 1 
ATOM   1286 N N   . MET A 1 168 ? -1.742  -3.044  5.866   1.00 26.30 ? 167 MET A N   1 
ATOM   1287 C CA  . MET A 1 168 ? -1.034  -3.874  4.906   1.00 27.66 ? 167 MET A CA  1 
ATOM   1288 C C   . MET A 1 168 ? -2.067  -4.240  3.842   1.00 28.73 ? 167 MET A C   1 
ATOM   1289 O O   . MET A 1 168 ? -3.128  -4.772  4.169   1.00 28.67 ? 167 MET A O   1 
ATOM   1290 C CB  . MET A 1 168 ? -0.482  -5.128  5.606   1.00 27.22 ? 167 MET A CB  1 
ATOM   1291 C CG  . MET A 1 168 ? 0.491   -5.916  4.659   1.00 32.49 ? 167 MET A CG  1 
ATOM   1292 S SD  . MET A 1 168 ? 2.014   -4.913  4.609   1.00 37.68 ? 167 MET A SD  1 
ATOM   1293 C CE  . MET A 1 168 ? 2.580   -5.512  3.052   1.00 42.26 ? 167 MET A CE  1 
ATOM   1294 N N   . ALA A 1 169 ? -1.815  -3.928  2.550   1.00 29.62 ? 168 ALA A N   1 
ATOM   1295 C CA  . ALA A 1 169 ? -2.873  -4.107  1.573   1.00 29.27 ? 168 ALA A CA  1 
ATOM   1296 C C   . ALA A 1 169 ? -2.457  -4.876  0.330   1.00 31.66 ? 168 ALA A C   1 
ATOM   1297 O O   . ALA A 1 169 ? -1.238  -4.975  0.019   1.00 30.15 ? 168 ALA A O   1 
ATOM   1298 C CB  . ALA A 1 169 ? -3.445  -2.742  1.144   1.00 30.95 ? 168 ALA A CB  1 
ATOM   1299 N N   . VAL A 1 170 ? -3.475  -5.379  -0.395  1.00 31.38 ? 169 VAL A N   1 
ATOM   1300 C CA  . VAL A 1 170 ? -3.267  -5.814  -1.812  1.00 32.52 ? 169 VAL A CA  1 
ATOM   1301 C C   . VAL A 1 170 ? -4.189  -4.966  -2.690  1.00 32.04 ? 169 VAL A C   1 
ATOM   1302 O O   . VAL A 1 170 ? -5.394  -4.733  -2.313  1.00 31.73 ? 169 VAL A O   1 
ATOM   1303 C CB  . VAL A 1 170 ? -3.552  -7.332  -1.942  1.00 34.24 ? 169 VAL A CB  1 
ATOM   1304 C CG1 . VAL A 1 170 ? -3.533  -7.774  -3.382  1.00 36.05 ? 169 VAL A CG1 1 
ATOM   1305 C CG2 . VAL A 1 170 ? -2.522  -8.116  -1.212  1.00 33.91 ? 169 VAL A CG2 1 
ATOM   1306 N N   . GLU A 1 171 ? -3.653  -4.449  -3.787  1.00 28.77 ? 170 GLU A N   1 
ATOM   1307 C CA  . GLU A 1 171 ? -4.438  -3.667  -4.654  1.00 31.57 ? 170 GLU A CA  1 
ATOM   1308 C C   . GLU A 1 171 ? -4.266  -4.308  -6.052  1.00 34.23 ? 170 GLU A C   1 
ATOM   1309 O O   . GLU A 1 171 ? -3.174  -4.747  -6.365  1.00 34.38 ? 170 GLU A O   1 
ATOM   1310 C CB  . GLU A 1 171 ? -3.884  -2.237  -4.735  1.00 30.31 ? 170 GLU A CB  1 
ATOM   1311 C CG  . GLU A 1 171 ? -4.565  -1.404  -5.786  1.00 29.68 ? 170 GLU A CG  1 
ATOM   1312 C CD  . GLU A 1 171 ? -4.331  0.074   -5.716  1.00 35.73 ? 170 GLU A CD  1 
ATOM   1313 O OE1 . GLU A 1 171 ? -3.507  0.557   -4.943  1.00 34.49 ? 170 GLU A OE1 1 
ATOM   1314 O OE2 . GLU A 1 171 ? -5.020  0.834   -6.407  1.00 36.27 ? 170 GLU A OE2 1 
ATOM   1315 N N   . ALA A 1 172 ? -5.307  -4.304  -6.885  1.00 35.29 ? 171 ALA A N   1 
ATOM   1316 C CA  . ALA A 1 172 ? -5.115  -4.645  -8.314  1.00 37.44 ? 171 ALA A CA  1 
ATOM   1317 C C   . ALA A 1 172 ? -6.219  -3.945  -9.051  1.00 38.77 ? 171 ALA A C   1 
ATOM   1318 O O   . ALA A 1 172 ? -7.290  -3.659  -8.459  1.00 37.69 ? 171 ALA A O   1 
ATOM   1319 C CB  . ALA A 1 172 ? -5.076  -6.154  -8.543  1.00 35.77 ? 171 ALA A CB  1 
ATOM   1320 N N   . TRP A 1 173 ? -5.926  -3.531  -10.274 1.00 40.77 ? 172 TRP A N   1 
ATOM   1321 C CA  . TRP A 1 173 ? -6.972  -2.987  -11.148 1.00 43.72 ? 172 TRP A CA  1 
ATOM   1322 C C   . TRP A 1 173 ? -7.041  -3.615  -12.571 1.00 46.48 ? 172 TRP A C   1 
ATOM   1323 O O   . TRP A 1 173 ? -7.684  -3.029  -13.507 1.00 46.60 ? 172 TRP A O   1 
ATOM   1324 C CB  . TRP A 1 173 ? -6.840  -1.477  -11.291 1.00 43.14 ? 172 TRP A CB  1 
ATOM   1325 C CG  . TRP A 1 173 ? -5.543  -0.991  -11.906 1.00 47.67 ? 172 TRP A CG  1 
ATOM   1326 C CD1 . TRP A 1 173 ? -5.359  -0.501  -13.192 1.00 49.52 ? 172 TRP A CD1 1 
ATOM   1327 C CD2 . TRP A 1 173 ? -4.290  -0.817  -11.234 1.00 49.51 ? 172 TRP A CD2 1 
ATOM   1328 N NE1 . TRP A 1 173 ? -4.038  -0.098  -13.358 1.00 50.25 ? 172 TRP A NE1 1 
ATOM   1329 C CE2 . TRP A 1 173 ? -3.379  -0.266  -12.168 1.00 50.02 ? 172 TRP A CE2 1 
ATOM   1330 C CE3 . TRP A 1 173 ? -3.847  -1.071  -9.935  1.00 51.11 ? 172 TRP A CE3 1 
ATOM   1331 C CZ2 . TRP A 1 173 ? -2.073  0.006   -11.837 1.00 50.93 ? 172 TRP A CZ2 1 
ATOM   1332 C CZ3 . TRP A 1 173 ? -2.541  -0.810  -9.616  1.00 51.10 ? 172 TRP A CZ3 1 
ATOM   1333 C CH2 . TRP A 1 173 ? -1.667  -0.295  -10.554 1.00 50.35 ? 172 TRP A CH2 1 
ATOM   1334 N N   . SER A 1 174 ? -6.366  -4.742  -12.759 1.00 47.85 ? 173 SER A N   1 
ATOM   1335 C CA  . SER A 1 174 ? -6.295  -5.329  -14.080 1.00 50.01 ? 173 SER A CA  1 
ATOM   1336 C C   . SER A 1 174 ? -5.525  -6.595  -14.019 1.00 49.69 ? 173 SER A C   1 
ATOM   1337 O O   . SER A 1 174 ? -4.605  -6.714  -13.219 1.00 51.18 ? 173 SER A O   1 
ATOM   1338 C CB  . SER A 1 174 ? -5.659  -4.342  -15.032 1.00 50.30 ? 173 SER A CB  1 
ATOM   1339 O OG  . SER A 1 174 ? -5.054  -5.072  -16.022 1.00 57.25 ? 173 SER A OG  1 
ATOM   1340 N N   . GLY A 1 175 ? -5.928  -7.595  -14.805 1.00 49.56 ? 174 GLY A N   1 
ATOM   1341 C CA  . GLY A 1 175 ? -5.267  -8.902  -14.750 1.00 47.38 ? 174 GLY A CA  1 
ATOM   1342 C C   . GLY A 1 175 ? -5.814  -9.757  -13.635 1.00 47.75 ? 174 GLY A C   1 
ATOM   1343 O O   . GLY A 1 175 ? -6.914  -9.487  -13.107 1.00 48.13 ? 174 GLY A O   1 
ATOM   1344 N N   . ALA A 1 176 ? -5.056  -10.796 -13.263 1.00 47.73 ? 175 ALA A N   1 
ATOM   1345 C CA  . ALA A 1 176 ? -5.519  -11.780 -12.278 1.00 48.04 ? 175 ALA A CA  1 
ATOM   1346 C C   . ALA A 1 176 ? -4.381  -12.241 -11.403 1.00 48.08 ? 175 ALA A C   1 
ATOM   1347 O O   . ALA A 1 176 ? -3.210  -12.236 -11.809 1.00 49.32 ? 175 ALA A O   1 
ATOM   1348 C CB  . ALA A 1 176 ? -6.120  -13.022 -12.963 1.00 49.47 ? 175 ALA A CB  1 
ATOM   1349 N N   . GLY A 1 177 ? -4.719  -12.659 -10.198 1.00 47.01 ? 176 GLY A N   1 
ATOM   1350 C CA  . GLY A 1 177 ? -3.718  -13.246 -9.334  1.00 47.35 ? 176 GLY A CA  1 
ATOM   1351 C C   . GLY A 1 177 ? -4.359  -13.611 -8.045  1.00 46.94 ? 176 GLY A C   1 
ATOM   1352 O O   . GLY A 1 177 ? -5.598  -13.768 -8.003  1.00 47.96 ? 176 GLY A O   1 
ATOM   1353 N N   . SER A 1 178 ? -3.556  -13.625 -6.981  1.00 47.17 ? 177 SER A N   1 
ATOM   1354 C CA  . SER A 1 178 ? -3.880  -14.319 -5.753  1.00 46.58 ? 177 SER A CA  1 
ATOM   1355 C C   . SER A 1 178 ? -2.992  -13.840 -4.564  1.00 45.23 ? 177 SER A C   1 
ATOM   1356 O O   . SER A 1 178 ? -1.800  -13.700 -4.754  1.00 46.16 ? 177 SER A O   1 
ATOM   1357 C CB  . SER A 1 178 ? -3.508  -15.768 -6.064  1.00 47.88 ? 177 SER A CB  1 
ATOM   1358 O OG  . SER A 1 178 ? -3.755  -16.553 -4.947  1.00 49.52 ? 177 SER A OG  1 
ATOM   1359 N N   . ALA A 1 179 ? -3.512  -13.666 -3.339  1.00 44.25 ? 178 ALA A N   1 
ATOM   1360 C CA  . ALA A 1 179 ? -2.659  -13.237 -2.204  1.00 41.61 ? 178 ALA A CA  1 
ATOM   1361 C C   . ALA A 1 179 ? -3.133  -13.742 -0.889  1.00 41.67 ? 178 ALA A C   1 
ATOM   1362 O O   . ALA A 1 179 ? -4.353  -13.852 -0.583  1.00 41.94 ? 178 ALA A O   1 
ATOM   1363 C CB  . ALA A 1 179 ? -2.512  -11.705 -2.173  1.00 42.28 ? 178 ALA A CB  1 
ATOM   1364 N N   . SER A 1 180 ? -2.181  -14.050 -0.053  1.00 40.82 ? 179 SER A N   1 
ATOM   1365 C CA  . SER A 1 180 ? -2.550  -14.406 1.247   1.00 41.67 ? 179 SER A CA  1 
ATOM   1366 C C   . SER A 1 180 ? -1.522  -13.768 2.198   1.00 41.09 ? 179 SER A C   1 
ATOM   1367 O O   . SER A 1 180 ? -0.338  -13.867 1.956   1.00 41.49 ? 179 SER A O   1 
ATOM   1368 C CB  . SER A 1 180 ? -2.576  -15.916 1.275   1.00 42.60 ? 179 SER A CB  1 
ATOM   1369 O OG  . SER A 1 180 ? -2.884  -16.234 2.575   1.00 46.44 ? 179 SER A OG  1 
ATOM   1370 N N   . VAL A 1 181 ? -1.967  -13.027 3.218   1.00 40.24 ? 180 VAL A N   1 
ATOM   1371 C CA  . VAL A 1 181 ? -1.042  -12.177 3.983   1.00 38.80 ? 180 VAL A CA  1 
ATOM   1372 C C   . VAL A 1 181 ? -1.263  -12.359 5.452   1.00 39.14 ? 180 VAL A C   1 
ATOM   1373 O O   . VAL A 1 181 ? -2.414  -12.406 5.871   1.00 40.03 ? 180 VAL A O   1 
ATOM   1374 C CB  . VAL A 1 181 ? -1.255  -10.652 3.611   1.00 38.85 ? 180 VAL A CB  1 
ATOM   1375 C CG1 . VAL A 1 181 ? -0.299  -9.720  4.373   1.00 36.22 ? 180 VAL A CG1 1 
ATOM   1376 C CG2 . VAL A 1 181 ? -1.129  -10.443 2.099   1.00 36.29 ? 180 VAL A CG2 1 
ATOM   1377 N N   . THR A 1 182 ? -0.194  -12.444 6.237   1.00 38.03 ? 181 THR A N   1 
ATOM   1378 C CA  . THR A 1 182 ? -0.291  -12.406 7.688   1.00 39.76 ? 181 THR A CA  1 
ATOM   1379 C C   . THR A 1 182 ? 0.508   -11.244 8.254   1.00 40.33 ? 181 THR A C   1 
ATOM   1380 O O   . THR A 1 182 ? 1.652   -11.072 7.860   1.00 40.64 ? 181 THR A O   1 
ATOM   1381 C CB  . THR A 1 182 ? 0.267   -13.704 8.329   1.00 40.92 ? 181 THR A CB  1 
ATOM   1382 O OG1 . THR A 1 182 ? -0.555  -14.771 7.836   1.00 45.21 ? 181 THR A OG1 1 
ATOM   1383 C CG2 . THR A 1 182 ? 0.125   -13.633 9.846   1.00 39.25 ? 181 THR A CG2 1 
ATOM   1384 N N   . ILE A 1 183 ? -0.068  -10.511 9.205   1.00 40.67 ? 182 ILE A N   1 
ATOM   1385 C CA  . ILE A 1 183 ? 0.576   -9.354  9.820   1.00 41.83 ? 182 ILE A CA  1 
ATOM   1386 C C   . ILE A 1 183 ? 0.838   -9.772  11.210  1.00 44.35 ? 182 ILE A C   1 
ATOM   1387 O O   . ILE A 1 183 ? -0.087  -10.150 11.910  1.00 44.05 ? 182 ILE A O   1 
ATOM   1388 C CB  . ILE A 1 183 ? -0.369  -8.112  9.860   1.00 40.90 ? 182 ILE A CB  1 
ATOM   1389 C CG1 . ILE A 1 183 ? -0.646  -7.627  8.448   1.00 41.09 ? 182 ILE A CG1 1 
ATOM   1390 C CG2 . ILE A 1 183 ? 0.231   -6.991  10.686  1.00 39.93 ? 182 ILE A CG2 1 
ATOM   1391 C CD1 . ILE A 1 183 ? -1.998  -7.020  8.303   1.00 47.74 ? 182 ILE A CD1 1 
ATOM   1392 N N   . SER A 1 184 ? 2.090   -9.700  11.638  1.00 46.67 ? 183 SER A N   1 
ATOM   1393 C CA  . SER A 1 184 ? 2.438   -10.278 12.913  1.00 50.53 ? 183 SER A CA  1 
ATOM   1394 C C   . SER A 1 184 ? 2.534   -9.268  14.075  1.00 51.80 ? 183 SER A C   1 
ATOM   1395 O O   . SER A 1 184 ? 2.578   -8.056  13.842  1.00 52.73 ? 183 SER A O   1 
ATOM   1396 C CB  . SER A 1 184 ? 3.722   -11.049 12.759  1.00 51.39 ? 183 SER A CB  1 
ATOM   1397 O OG  . SER A 1 184 ? 4.482   -10.572 13.821  1.00 57.97 ? 183 SER A OG  1 
HETATM 1398 O O   . HOH B 2 .   ? -1.906  6.574   7.733   1.00 25.53 ? 185 HOH A O   1 
HETATM 1399 O O   . HOH B 2 .   ? 1.007   15.171  3.460   1.00 31.69 ? 186 HOH A O   1 
HETATM 1400 O O   . HOH B 2 .   ? 12.406  -1.739  12.518  1.00 39.78 ? 187 HOH A O   1 
HETATM 1401 O O   . HOH B 2 .   ? 14.112  -5.192  8.294   1.00 31.33 ? 188 HOH A O   1 
HETATM 1402 O O   . HOH B 2 .   ? -12.974 -0.118  4.605   1.00 32.93 ? 189 HOH A O   1 
HETATM 1403 O O   . HOH B 2 .   ? 0.286   16.532  8.390   1.00 44.19 ? 190 HOH A O   1 
HETATM 1404 O O   . HOH B 2 .   ? 12.922  -7.244  7.003   1.00 33.58 ? 191 HOH A O   1 
HETATM 1405 O O   . HOH B 2 .   ? 11.110  -0.738  4.158   1.00 29.19 ? 192 HOH A O   1 
HETATM 1406 O O   . HOH B 2 .   ? 18.879  -2.710  6.254   1.00 38.52 ? 193 HOH A O   1 
HETATM 1407 O O   . HOH B 2 .   ? 1.519   16.073  1.118   1.00 44.43 ? 194 HOH A O   1 
HETATM 1408 O O   . HOH B 2 .   ? -8.364  14.849  4.271   1.00 45.52 ? 195 HOH A O   1 
HETATM 1409 O O   . HOH B 2 .   ? -15.789 -0.200  -1.662  1.00 38.22 ? 196 HOH A O   1 
HETATM 1410 O O   . HOH B 2 .   ? 2.134   -3.277  -10.739 1.00 35.08 ? 197 HOH A O   1 
HETATM 1411 O O   . HOH B 2 .   ? 15.012  7.750   5.809   1.00 39.02 ? 198 HOH A O   1 
HETATM 1412 O O   . HOH B 2 .   ? -4.589  19.006  1.112   1.00 38.95 ? 199 HOH A O   1 
HETATM 1413 O O   . HOH B 2 .   ? -10.273 -15.063 -0.107  1.00 53.71 ? 200 HOH A O   1 
HETATM 1414 O O   . HOH B 2 .   ? 11.582  -2.659  -8.130  1.00 47.38 ? 201 HOH A O   1 
HETATM 1415 O O   . HOH B 2 .   ? -10.165 6.001   -1.733  1.00 57.45 ? 202 HOH A O   1 
HETATM 1416 O O   . HOH B 2 .   ? -6.194  3.775   -4.989  1.00 62.86 ? 203 HOH A O   1 
HETATM 1417 O O   . HOH B 2 .   ? 14.032  7.118   10.293  1.00 49.03 ? 204 HOH A O   1 
HETATM 1418 O O   . HOH B 2 .   ? -8.313  3.090   -1.351  1.00 49.98 ? 205 HOH A O   1 
HETATM 1419 O O   . HOH B 2 .   ? -15.165 -10.195 -1.633  1.00 44.20 ? 206 HOH A O   1 
HETATM 1420 O O   . HOH B 2 .   ? 2.671   1.256   11.764  1.00 35.71 ? 207 HOH A O   1 
HETATM 1421 O O   . HOH B 2 .   ? 3.625   -5.854  12.429  1.00 47.74 ? 208 HOH A O   1 
HETATM 1422 O O   . HOH B 2 .   ? -5.295  6.653   -6.003  1.00 46.61 ? 209 HOH A O   1 
HETATM 1423 O O   . HOH B 2 .   ? -9.685  5.929   9.804   1.00 44.08 ? 210 HOH A O   1 
HETATM 1424 O O   . HOH B 2 .   ? -14.018 -12.795 5.898   1.00 48.73 ? 211 HOH A O   1 
HETATM 1425 O O   . HOH B 2 .   ? -4.799  11.316  13.460  1.00 51.52 ? 212 HOH A O   1 
HETATM 1426 O O   . HOH B 2 .   ? -0.373  13.469  14.384  1.00 63.34 ? 213 HOH A O   1 
HETATM 1427 O O   . HOH B 2 .   ? 6.124   9.776   12.052  1.00 53.33 ? 214 HOH A O   1 
HETATM 1428 O O   . HOH B 2 .   ? -15.828 -8.147  -0.036  1.00 50.64 ? 215 HOH A O   1 
HETATM 1429 O O   . HOH B 2 .   ? 3.362   15.381  -7.202  1.00 49.32 ? 216 HOH A O   1 
HETATM 1430 O O   . HOH B 2 .   ? 2.709   -2.659  13.635  1.00 57.52 ? 217 HOH A O   1 
HETATM 1431 O O   . HOH B 2 .   ? -4.254  18.512  -1.645  1.00 52.09 ? 218 HOH A O   1 
HETATM 1432 O O   . HOH B 2 .   ? -1.123  3.346   -9.315  1.00 49.04 ? 219 HOH A O   1 
HETATM 1433 O O   . HOH B 2 .   ? -5.552  2.887   15.397  1.00 46.52 ? 220 HOH A O   1 
HETATM 1434 O O   . HOH B 2 .   ? 18.091  10.162  -2.946  1.00 54.66 ? 221 HOH A O   1 
HETATM 1435 O O   . HOH B 2 .   ? 8.543   0.305   15.416  1.00 44.52 ? 222 HOH A O   1 
HETATM 1436 O O   . HOH B 2 .   ? -16.374 -8.947  2.925   1.00 49.80 ? 223 HOH A O   1 
HETATM 1437 O O   . HOH B 2 .   ? -1.112  17.030  -0.454  1.00 41.45 ? 224 HOH A O   1 
HETATM 1438 O O   . HOH B 2 .   ? 12.562  14.709  -9.823  1.00 50.30 ? 225 HOH A O   1 
HETATM 1439 O O   . HOH B 2 .   ? -2.260  10.979  13.692  1.00 50.16 ? 226 HOH A O   1 
HETATM 1440 O O   . HOH B 2 .   ? 5.917   0.373   -15.332 1.00 60.89 ? 227 HOH A O   1 
HETATM 1441 O O   . HOH B 2 .   ? -0.356  2.222   13.372  1.00 52.62 ? 228 HOH A O   1 
HETATM 1442 O O   . HOH B 2 .   ? -0.040  8.322   14.810  1.00 46.84 ? 229 HOH A O   1 
HETATM 1443 O O   . HOH B 2 .   ? 19.478  -2.416  -2.749  1.00 55.92 ? 230 HOH A O   1 
HETATM 1444 O O   . HOH B 2 .   ? 21.885  -3.572  5.154   1.00 43.50 ? 231 HOH A O   1 
HETATM 1445 O O   . HOH B 2 .   ? 18.386  6.020   3.384   1.00 58.27 ? 232 HOH A O   1 
HETATM 1446 O O   . HOH B 2 .   ? -9.551  13.423  6.203   1.00 44.90 ? 233 HOH A O   1 
HETATM 1447 O O   . HOH B 2 .   ? -2.648  18.346  9.813   1.00 54.69 ? 234 HOH A O   1 
HETATM 1448 O O   . HOH B 2 .   ? -2.881  25.238  5.376   1.00 53.52 ? 235 HOH A O   1 
HETATM 1449 O O   . HOH B 2 .   ? 3.950   8.035   14.373  1.00 46.32 ? 236 HOH A O   1 
HETATM 1450 O O   . HOH B 2 .   ? 12.960  7.774   -8.002  1.00 52.86 ? 237 HOH A O   1 
HETATM 1451 O O   . HOH B 2 .   ? -12.257 9.891   7.894   1.00 52.64 ? 238 HOH A O   1 
HETATM 1452 O O   . HOH B 2 .   ? -12.100 11.830  5.379   1.00 58.52 ? 239 HOH A O   1 
HETATM 1453 O O   . HOH B 2 .   ? -0.208  7.950   -9.721  1.00 52.92 ? 240 HOH A O   1 
HETATM 1454 O O   . HOH B 2 .   ? 0.678   17.482  -5.126  1.00 51.80 ? 241 HOH A O   1 
HETATM 1455 O O   . HOH B 2 .   ? 14.924  -8.108  -0.409  1.00 46.69 ? 242 HOH A O   1 
HETATM 1456 O O   . HOH B 2 .   ? 15.422  10.776  7.948   1.00 55.85 ? 243 HOH A O   1 
HETATM 1457 O O   . HOH B 2 .   ? 14.274  -9.198  3.179   1.00 46.40 ? 244 HOH A O   1 
HETATM 1458 O O   . HOH B 2 .   ? -3.531  -7.968  19.636  1.00 65.54 ? 245 HOH A O   1 
HETATM 1459 O O   . HOH B 2 .   ? -7.719  8.291   12.025  1.00 52.39 ? 246 HOH A O   1 
HETATM 1460 O O   . HOH B 2 .   ? -7.764  6.725   -3.951  1.00 53.35 ? 247 HOH A O   1 
HETATM 1461 O O   . HOH B 2 .   ? 4.325   15.252  -9.630  1.00 53.25 ? 248 HOH A O   1 
HETATM 1462 O O   . HOH B 2 .   ? 10.488  -12.828 -0.323  1.00 57.95 ? 249 HOH A O   1 
HETATM 1463 O O   . HOH B 2 .   ? 8.078   16.004  9.909   1.00 58.57 ? 250 HOH A O   1 
HETATM 1464 O O   . HOH B 2 .   ? -12.131 17.253  0.643   1.00 59.64 ? 251 HOH A O   1 
HETATM 1465 O O   . HOH B 2 .   ? 21.605  -5.295  1.650   1.00 59.86 ? 252 HOH A O   1 
HETATM 1466 O O   . HOH B 2 .   ? -15.465 -9.157  11.288  1.00 55.89 ? 253 HOH A O   1 
# 
